data_5W1B
#
_entry.id   5W1B
#
_cell.length_a   62.785
_cell.length_b   152.577
_cell.length_c   205.013
_cell.angle_alpha   90.000
_cell.angle_beta   90.000
_cell.angle_gamma   90.000
#
_symmetry.space_group_name_H-M   'P 2 21 21'
#
loop_
_entity.id
_entity.type
_entity.pdbx_description
1 polymer Tryptophanase
2 non-polymer 'POTASSIUM ION'
3 water water
#
_entity_poly.entity_id   1
_entity_poly.type   'polypeptide(L)'
_entity_poly.pdbx_seq_one_letter_code
;MAKRIVEPFRIKMVEKIRVPSREEREAALKEAGYNPFLLPSSAVYIDLLTDSGTNAMSDHQWAAMITGDEAYAGSRNYYD
LKDKAKELFNYDYIIPAHQGRGAENILFPVLLKYKQKEGKAKNPVFISNFHFDTTAAHVELNGCKAINIVTEKAFDSETY
DDWKGDFDIKKLKENIAQHGADNIVAIVSTVTCNSAGGQPVSMSNLKEVYEIAKQHGIFVVMDSARFCENAYFIKARDPK
YKNATIKEVIFDMYKYADALTMSAK(LLP)DPLLNIGGLVAIRDNEEIFTLARQRCVPMEGFVTYGGLAGRDMAAMVQGL
EEGTEEEYLHYRIGQVKYLGDRLREAGIPIQYPTGGHAVFVDCKKLVPQIPGDQFPAQAVINALYLESGVRAVEIGSFLL
GRDPATGEQKHADMEFMRLTIARRVYTNDHMDYIADALIGLKEKFATLKGLEFEYEPPVLRHFTARLKPIE
;
_entity_poly.pdbx_strand_id   A,B,C,D
#
# COMPACT_ATOMS: atom_id res chain seq x y z
N ALA A 2 19.22 -12.03 -32.29
CA ALA A 2 18.77 -11.30 -31.11
C ALA A 2 18.35 -12.28 -30.02
N LYS A 3 18.83 -12.08 -28.79
CA LYS A 3 18.58 -13.03 -27.71
C LYS A 3 17.76 -12.39 -26.60
N ARG A 4 16.62 -13.01 -26.29
CA ARG A 4 15.78 -12.58 -25.19
C ARG A 4 16.29 -13.16 -23.88
N ILE A 5 16.29 -12.34 -22.83
CA ILE A 5 16.67 -12.78 -21.50
C ILE A 5 15.42 -12.80 -20.65
N VAL A 6 15.17 -13.92 -19.97
CA VAL A 6 13.96 -14.06 -19.17
C VAL A 6 14.10 -13.24 -17.88
N GLU A 7 12.96 -12.73 -17.40
CA GLU A 7 12.95 -11.91 -16.20
C GLU A 7 13.37 -12.72 -14.98
N PRO A 8 14.30 -12.21 -14.15
CA PRO A 8 14.60 -12.87 -12.88
C PRO A 8 13.63 -12.46 -11.78
N PHE A 9 12.38 -12.28 -12.17
CA PHE A 9 11.31 -11.90 -11.26
C PHE A 9 9.99 -12.25 -11.95
N ARG A 10 8.91 -12.15 -11.21
CA ARG A 10 7.59 -12.21 -11.82
C ARG A 10 6.81 -10.97 -11.46
N ILE A 11 5.68 -10.79 -12.14
CA ILE A 11 4.88 -9.59 -11.98
C ILE A 11 4.03 -9.70 -10.74
N LYS A 12 4.07 -8.66 -9.89
CA LYS A 12 3.19 -8.59 -8.73
C LYS A 12 2.07 -7.58 -8.88
N MET A 13 2.28 -6.51 -9.65
CA MET A 13 1.24 -5.52 -9.88
C MET A 13 1.41 -4.92 -11.27
N VAL A 14 0.28 -4.71 -11.94
CA VAL A 14 0.26 -4.22 -13.31
C VAL A 14 -0.41 -2.85 -13.36
N GLU A 15 -0.11 -2.13 -14.43
CA GLU A 15 -0.70 -0.82 -14.71
C GLU A 15 -1.19 -0.84 -16.15
N LYS A 16 -2.45 -0.46 -16.35
CA LYS A 16 -3.05 -0.57 -17.68
C LYS A 16 -2.52 0.52 -18.61
N ILE A 17 -2.10 0.12 -19.80
CA ILE A 17 -1.75 1.01 -20.90
C ILE A 17 -2.47 0.54 -22.15
N ARG A 18 -2.95 1.49 -22.96
CA ARG A 18 -3.72 1.17 -24.17
C ARG A 18 -3.19 1.97 -25.35
N VAL A 19 -3.36 1.38 -26.54
CA VAL A 19 -3.01 2.04 -27.79
C VAL A 19 -4.24 2.81 -28.26
N PRO A 20 -4.23 4.13 -28.27
CA PRO A 20 -5.36 4.88 -28.83
C PRO A 20 -5.48 4.65 -30.32
N SER A 21 -6.69 4.86 -30.82
CA SER A 21 -6.93 4.63 -32.24
C SER A 21 -6.06 5.57 -33.09
N ARG A 22 -5.88 5.19 -34.35
CA ARG A 22 -5.09 6.01 -35.27
C ARG A 22 -5.53 7.47 -35.25
N GLU A 23 -6.84 7.72 -35.28
CA GLU A 23 -7.33 9.09 -35.25
C GLU A 23 -7.05 9.77 -33.90
N GLU A 24 -7.19 9.03 -32.80
CA GLU A 24 -6.86 9.62 -31.50
C GLU A 24 -5.38 9.99 -31.42
N ARG A 25 -4.50 9.13 -31.93
CA ARG A 25 -3.08 9.48 -31.92
C ARG A 25 -2.80 10.69 -32.80
N GLU A 26 -3.43 10.73 -33.99
CA GLU A 26 -3.25 11.87 -34.88
C GLU A 26 -3.78 13.15 -34.25
N ALA A 27 -4.96 13.09 -33.63
CA ALA A 27 -5.51 14.27 -32.98
C ALA A 27 -4.62 14.73 -31.82
N ALA A 28 -4.11 13.78 -31.04
CA ALA A 28 -3.28 14.13 -29.90
C ALA A 28 -1.96 14.75 -30.36
N LEU A 29 -1.34 14.19 -31.40
CA LEU A 29 -0.09 14.74 -31.88
C LEU A 29 -0.28 16.15 -32.43
N LYS A 30 -1.38 16.40 -33.15
CA LYS A 30 -1.67 17.76 -33.60
C LYS A 30 -1.86 18.69 -32.41
N GLU A 31 -2.60 18.23 -31.39
CA GLU A 31 -2.83 19.03 -30.20
C GLU A 31 -1.52 19.35 -29.49
N ALA A 32 -0.57 18.41 -29.51
CA ALA A 32 0.73 18.62 -28.91
C ALA A 32 1.67 19.41 -29.82
N GLY A 33 1.17 19.96 -30.92
CA GLY A 33 2.03 20.72 -31.83
C GLY A 33 3.16 19.90 -32.41
N TYR A 34 2.88 18.62 -32.71
CA TYR A 34 3.87 17.71 -33.30
C TYR A 34 5.14 17.62 -32.45
N ASN A 35 4.99 17.86 -31.16
CA ASN A 35 6.06 17.70 -30.18
C ASN A 35 5.58 16.70 -29.15
N PRO A 36 6.08 15.46 -29.17
CA PRO A 36 5.59 14.46 -28.21
C PRO A 36 5.82 14.83 -26.75
N PHE A 37 6.78 15.72 -26.43
CA PHE A 37 6.95 16.16 -25.06
C PHE A 37 5.71 16.88 -24.53
N LEU A 38 4.87 17.38 -25.42
CA LEU A 38 3.63 18.06 -25.04
C LEU A 38 2.44 17.12 -24.96
N LEU A 39 2.65 15.84 -25.25
CA LEU A 39 1.58 14.86 -25.16
C LEU A 39 1.26 14.56 -23.70
N PRO A 40 -0.02 14.39 -23.36
CA PRO A 40 -0.35 13.81 -22.04
C PRO A 40 -0.02 12.32 -22.06
N SER A 41 0.27 11.78 -20.87
CA SER A 41 0.66 10.37 -20.79
C SER A 41 -0.47 9.45 -21.24
N SER A 42 -1.72 9.91 -21.14
CA SER A 42 -2.86 9.10 -21.57
C SER A 42 -2.92 8.89 -23.08
N ALA A 43 -2.16 9.65 -23.86
CA ALA A 43 -2.10 9.46 -25.30
C ALA A 43 -0.96 8.53 -25.71
N VAL A 44 -0.26 7.95 -24.74
CA VAL A 44 0.96 7.18 -24.97
C VAL A 44 0.72 5.74 -24.56
N TYR A 45 1.12 4.80 -25.41
CA TYR A 45 1.08 3.38 -25.05
C TYR A 45 2.33 3.01 -24.27
N ILE A 46 3.47 2.94 -24.97
CA ILE A 46 4.77 2.68 -24.35
C ILE A 46 5.55 3.99 -24.33
N ASP A 47 6.08 4.36 -23.16
CA ASP A 47 6.79 5.62 -22.99
C ASP A 47 8.28 5.36 -22.94
N LEU A 48 9.02 5.88 -23.92
CA LEU A 48 10.47 5.75 -24.00
C LEU A 48 11.17 7.09 -23.87
N LEU A 49 10.49 8.08 -23.30
CA LEU A 49 11.05 9.41 -23.15
C LEU A 49 12.29 9.40 -22.26
N THR A 50 12.27 8.60 -21.21
CA THR A 50 13.35 8.59 -20.24
C THR A 50 13.37 7.25 -19.54
N ASP A 51 14.50 6.94 -18.90
CA ASP A 51 14.58 5.86 -17.92
C ASP A 51 14.64 6.39 -16.49
N SER A 52 14.15 7.61 -16.27
CA SER A 52 14.31 8.32 -15.00
C SER A 52 12.97 8.33 -14.26
N GLY A 53 12.94 7.70 -13.09
CA GLY A 53 11.77 7.78 -12.23
C GLY A 53 10.58 6.97 -12.68
N THR A 54 10.67 6.22 -13.76
CA THR A 54 9.54 5.44 -14.26
C THR A 54 9.69 3.96 -13.94
N ASN A 55 10.67 3.59 -13.13
CA ASN A 55 10.99 2.19 -12.87
C ASN A 55 9.90 1.55 -12.02
N ALA A 56 9.85 0.22 -12.08
CA ALA A 56 8.95 -0.56 -11.26
C ALA A 56 9.69 -1.01 -10.01
N MET A 57 9.15 -0.70 -8.84
CA MET A 57 9.79 -1.10 -7.61
C MET A 57 9.42 -2.55 -7.29
N SER A 58 10.15 -3.14 -6.35
CA SER A 58 9.81 -4.47 -5.86
C SER A 58 8.84 -4.35 -4.70
N ASP A 59 8.26 -5.49 -4.32
CA ASP A 59 7.41 -5.52 -3.13
C ASP A 59 8.21 -5.22 -1.87
N HIS A 60 9.50 -5.58 -1.83
CA HIS A 60 10.32 -5.19 -0.69
C HIS A 60 10.53 -3.69 -0.64
N GLN A 61 10.63 -3.02 -1.79
CA GLN A 61 10.76 -1.57 -1.76
C GLN A 61 9.48 -0.90 -1.26
N TRP A 62 8.32 -1.38 -1.72
CA TRP A 62 7.07 -0.80 -1.25
C TRP A 62 6.90 -1.02 0.25
N ALA A 63 7.23 -2.23 0.72
CA ALA A 63 7.12 -2.51 2.16
C ALA A 63 8.01 -1.60 2.96
N ALA A 64 9.20 -1.31 2.44
CA ALA A 64 10.10 -0.38 3.13
C ALA A 64 9.49 1.01 3.20
N MET A 65 8.80 1.45 2.15
CA MET A 65 8.13 2.75 2.19
C MET A 65 7.06 2.78 3.28
N ILE A 66 6.30 1.68 3.39
CA ILE A 66 5.17 1.64 4.32
C ILE A 66 5.63 1.85 5.75
N THR A 67 6.79 1.30 6.11
CA THR A 67 7.33 1.50 7.46
C THR A 67 8.36 2.63 7.53
N GLY A 68 8.39 3.49 6.52
CA GLY A 68 9.36 4.57 6.51
C GLY A 68 9.15 5.51 7.69
N ASP A 69 10.25 6.08 8.15
CA ASP A 69 10.27 6.99 9.29
C ASP A 69 10.25 8.42 8.74
N GLU A 70 9.14 9.12 8.94
CA GLU A 70 8.97 10.45 8.39
C GLU A 70 9.47 11.57 9.30
N ALA A 71 10.24 11.23 10.34
CA ALA A 71 10.72 12.23 11.30
C ALA A 71 11.56 13.30 10.62
N TYR A 72 11.43 14.54 11.11
CA TYR A 72 12.12 15.67 10.51
C TYR A 72 13.62 15.57 10.69
N ALA A 73 14.05 15.07 11.85
CA ALA A 73 15.46 14.95 12.16
C ALA A 73 15.70 13.56 12.73
N GLY A 74 16.75 12.90 12.25
CA GLY A 74 17.11 11.63 12.83
C GLY A 74 16.23 10.47 12.41
N SER A 75 15.65 10.53 11.21
CA SER A 75 14.88 9.41 10.68
C SER A 75 15.74 8.15 10.62
N ARG A 76 15.16 7.04 11.09
CA ARG A 76 15.82 5.74 11.00
C ARG A 76 16.30 5.43 9.59
N ASN A 77 15.57 5.88 8.57
CA ASN A 77 15.98 5.57 7.21
C ASN A 77 17.21 6.38 6.79
N TYR A 78 17.43 7.56 7.40
CA TYR A 78 18.65 8.30 7.13
C TYR A 78 19.87 7.51 7.58
N TYR A 79 19.81 6.94 8.78
CA TYR A 79 20.94 6.17 9.29
C TYR A 79 21.16 4.89 8.48
N ASP A 80 20.06 4.26 8.02
CA ASP A 80 20.18 3.11 7.11
C ASP A 80 20.87 3.51 5.81
N LEU A 81 20.47 4.66 5.25
CA LEU A 81 21.07 5.11 3.99
C LEU A 81 22.54 5.42 4.17
N LYS A 82 22.91 6.00 5.32
CA LYS A 82 24.31 6.25 5.61
C LYS A 82 25.09 4.94 5.72
N ASP A 83 24.52 3.94 6.39
CA ASP A 83 25.21 2.65 6.46
C ASP A 83 25.35 2.04 5.08
N LYS A 84 24.34 2.20 4.23
CA LYS A 84 24.39 1.58 2.91
C LYS A 84 25.48 2.22 2.05
N ALA A 85 25.60 3.55 2.10
CA ALA A 85 26.65 4.23 1.35
C ALA A 85 28.03 3.81 1.83
N LYS A 86 28.18 3.61 3.14
CA LYS A 86 29.43 3.08 3.66
C LYS A 86 29.70 1.68 3.14
N GLU A 87 28.65 0.86 3.05
CA GLU A 87 28.83 -0.52 2.58
C GLU A 87 29.19 -0.56 1.11
N LEU A 88 28.43 0.14 0.28
CA LEU A 88 28.64 0.02 -1.16
C LEU A 88 29.87 0.79 -1.60
N PHE A 89 30.00 2.04 -1.17
CA PHE A 89 31.02 2.92 -1.68
C PHE A 89 32.18 3.13 -0.74
N ASN A 90 32.05 2.74 0.53
CA ASN A 90 33.08 3.02 1.54
C ASN A 90 33.24 4.52 1.80
N TYR A 91 32.15 5.29 1.66
CA TYR A 91 32.16 6.72 1.92
C TYR A 91 31.49 7.00 3.26
N ASP A 92 32.02 7.97 3.99
CA ASP A 92 31.62 8.19 5.39
C ASP A 92 30.53 9.23 5.56
N TYR A 93 30.22 10.03 4.53
CA TYR A 93 29.26 11.12 4.69
C TYR A 93 28.22 11.07 3.58
N ILE A 94 26.97 11.33 3.94
CA ILE A 94 25.89 11.38 2.97
C ILE A 94 25.04 12.62 3.20
N ILE A 95 24.44 13.10 2.13
CA ILE A 95 23.41 14.15 2.20
C ILE A 95 22.34 13.75 1.20
N PRO A 96 21.16 13.33 1.63
CA PRO A 96 20.11 13.01 0.66
C PRO A 96 19.67 14.24 -0.10
N ALA A 97 19.17 14.02 -1.31
CA ALA A 97 18.68 15.10 -2.16
C ALA A 97 17.42 14.59 -2.85
N HIS A 98 16.57 15.53 -3.26
CA HIS A 98 15.28 15.12 -3.81
C HIS A 98 15.44 14.43 -5.15
N GLN A 99 16.49 14.73 -5.89
CA GLN A 99 16.89 13.94 -7.06
C GLN A 99 18.28 14.40 -7.51
N GLY A 100 18.69 13.93 -8.69
CA GLY A 100 20.08 14.08 -9.09
C GLY A 100 20.53 15.53 -9.26
N ARG A 101 19.70 16.34 -9.91
CA ARG A 101 20.06 17.74 -10.09
C ARG A 101 20.01 18.50 -8.77
N GLY A 102 19.20 18.05 -7.81
CA GLY A 102 19.26 18.60 -6.48
C GLY A 102 20.58 18.30 -5.80
N ALA A 103 21.09 17.08 -6.00
CA ALA A 103 22.39 16.73 -5.45
C ALA A 103 23.49 17.59 -6.04
N GLU A 104 23.43 17.89 -7.34
CA GLU A 104 24.44 18.75 -7.97
C GLU A 104 24.33 20.18 -7.46
N ASN A 105 23.12 20.67 -7.25
CA ASN A 105 22.95 22.01 -6.73
C ASN A 105 23.51 22.14 -5.32
N ILE A 106 23.54 21.03 -4.57
CA ILE A 106 24.12 21.05 -3.22
C ILE A 106 25.64 21.12 -3.29
N LEU A 107 26.26 20.25 -4.11
CA LEU A 107 27.69 20.01 -4.05
C LEU A 107 28.51 20.94 -4.94
N PHE A 108 28.04 21.22 -6.16
CA PHE A 108 28.87 21.94 -7.12
C PHE A 108 29.16 23.39 -6.72
N PRO A 109 28.18 24.17 -6.24
CA PRO A 109 28.54 25.49 -5.73
C PRO A 109 29.47 25.45 -4.52
N VAL A 110 29.39 24.40 -3.71
CA VAL A 110 30.28 24.28 -2.55
C VAL A 110 31.71 23.97 -2.99
N LEU A 111 31.87 23.12 -3.99
CA LEU A 111 33.22 22.83 -4.49
C LEU A 111 33.87 24.09 -5.06
N LEU A 112 33.08 24.96 -5.71
CA LEU A 112 33.61 26.20 -6.24
C LEU A 112 34.07 27.15 -5.13
N LYS A 113 33.21 27.39 -4.14
CA LYS A 113 33.59 28.24 -3.01
C LYS A 113 34.78 27.65 -2.27
N TYR A 114 34.85 26.32 -2.19
CA TYR A 114 36.00 25.67 -1.55
C TYR A 114 37.29 25.88 -2.34
N LYS A 115 37.22 25.80 -3.67
CA LYS A 115 38.40 26.03 -4.49
C LYS A 115 38.81 27.51 -4.51
N GLN A 116 37.84 28.42 -4.50
CA GLN A 116 38.12 29.86 -4.59
C GLN A 116 38.66 30.45 -3.30
N LYS A 117 38.40 29.82 -2.15
CA LYS A 117 38.76 30.43 -0.86
C LYS A 117 40.25 30.65 -0.70
N GLU A 118 41.10 29.93 -1.42
CA GLU A 118 42.54 30.12 -1.30
C GLU A 118 43.07 31.17 -2.26
N GLY A 119 42.17 31.91 -2.92
CA GLY A 119 42.52 32.99 -3.83
C GLY A 119 42.74 32.59 -5.27
N LYS A 120 42.44 31.35 -5.63
CA LYS A 120 42.58 30.86 -6.98
C LYS A 120 41.20 30.58 -7.60
N ALA A 121 41.17 29.80 -8.68
CA ALA A 121 39.93 29.47 -9.37
C ALA A 121 39.22 30.73 -9.84
N LYS A 122 40.02 31.69 -10.35
CA LYS A 122 39.45 32.92 -10.85
C LYS A 122 38.82 32.72 -12.22
N ASN A 123 39.28 31.73 -12.99
CA ASN A 123 38.64 31.33 -14.24
C ASN A 123 38.29 29.84 -14.15
N PRO A 124 37.30 29.48 -13.33
CA PRO A 124 37.12 28.07 -12.94
C PRO A 124 36.42 27.23 -14.01
N VAL A 125 36.85 25.96 -14.09
CA VAL A 125 36.30 24.99 -15.02
C VAL A 125 35.97 23.67 -14.32
N PHE A 126 35.04 22.94 -14.90
CA PHE A 126 34.78 21.55 -14.56
C PHE A 126 35.13 20.68 -15.76
N ILE A 127 35.73 19.52 -15.50
CA ILE A 127 36.13 18.58 -16.54
C ILE A 127 35.41 17.26 -16.32
N SER A 128 34.80 16.74 -17.38
CA SER A 128 34.08 15.48 -17.32
C SER A 128 34.34 14.72 -18.61
N ASN A 129 34.18 13.39 -18.55
CA ASN A 129 34.13 12.63 -19.79
C ASN A 129 32.94 13.09 -20.63
N PHE A 130 31.79 13.34 -19.99
CA PHE A 130 30.74 14.15 -20.60
C PHE A 130 29.76 14.56 -19.53
N HIS A 131 29.55 15.87 -19.38
CA HIS A 131 28.54 16.38 -18.46
C HIS A 131 27.15 16.06 -18.99
N PHE A 132 26.30 15.53 -18.11
CA PHE A 132 24.88 15.47 -18.39
C PHE A 132 24.30 16.89 -18.43
N ASP A 133 23.09 17.00 -18.99
CA ASP A 133 22.47 18.30 -19.21
C ASP A 133 22.36 19.10 -17.90
N THR A 134 21.77 18.49 -16.86
CA THR A 134 21.61 19.21 -15.60
C THR A 134 22.96 19.46 -14.92
N THR A 135 23.92 18.54 -15.07
CA THR A 135 25.26 18.74 -14.53
C THR A 135 25.93 19.97 -15.15
N ALA A 136 25.95 20.03 -16.48
CA ALA A 136 26.55 21.17 -17.16
C ALA A 136 25.80 22.46 -16.85
N ALA A 137 24.48 22.37 -16.66
CA ALA A 137 23.69 23.57 -16.36
C ALA A 137 24.12 24.19 -15.05
N HIS A 138 24.28 23.38 -14.01
CA HIS A 138 24.70 23.90 -12.71
C HIS A 138 26.13 24.40 -12.74
N VAL A 139 26.99 23.76 -13.54
CA VAL A 139 28.35 24.25 -13.72
C VAL A 139 28.34 25.66 -14.32
N GLU A 140 27.55 25.85 -15.38
CA GLU A 140 27.50 27.15 -16.05
C GLU A 140 26.71 28.19 -15.26
N LEU A 141 25.71 27.74 -14.47
CA LEU A 141 24.96 28.68 -13.63
C LEU A 141 25.84 29.30 -12.55
N ASN A 142 26.90 28.61 -12.15
CA ASN A 142 27.85 29.10 -11.15
C ASN A 142 29.05 29.79 -11.79
N GLY A 143 28.96 30.18 -13.06
CA GLY A 143 30.02 30.94 -13.70
C GLY A 143 31.21 30.13 -14.12
N CYS A 144 31.06 28.82 -14.31
CA CYS A 144 32.16 27.96 -14.69
C CYS A 144 31.93 27.41 -16.10
N LYS A 145 33.02 26.95 -16.72
CA LYS A 145 32.94 26.29 -18.02
C LYS A 145 32.90 24.79 -17.82
N ALA A 146 32.00 24.12 -18.54
CA ALA A 146 31.86 22.67 -18.50
C ALA A 146 32.58 22.11 -19.71
N ILE A 147 33.67 21.39 -19.48
CA ILE A 147 34.51 20.84 -20.52
C ILE A 147 34.27 19.34 -20.60
N ASN A 148 33.99 18.85 -21.80
CA ASN A 148 33.75 17.42 -22.07
C ASN A 148 34.90 16.86 -22.90
N ILE A 149 35.48 15.75 -22.45
CA ILE A 149 36.61 15.13 -23.13
C ILE A 149 36.46 13.61 -23.24
N VAL A 150 35.33 13.16 -23.80
CA VAL A 150 35.12 11.71 -23.98
C VAL A 150 36.07 11.17 -25.04
N THR A 151 36.38 9.88 -24.95
CA THR A 151 37.25 9.24 -25.94
C THR A 151 36.67 9.40 -27.33
N GLU A 152 37.57 9.47 -28.32
CA GLU A 152 37.12 9.60 -29.70
C GLU A 152 36.35 8.38 -30.19
N LYS A 153 36.54 7.22 -29.56
CA LYS A 153 35.85 6.01 -29.97
C LYS A 153 34.34 6.19 -29.92
N ALA A 154 33.86 7.14 -29.11
CA ALA A 154 32.43 7.39 -28.94
C ALA A 154 31.83 8.12 -30.14
N PHE A 155 32.63 8.82 -30.93
CA PHE A 155 32.09 9.57 -32.06
C PHE A 155 31.93 8.70 -33.30
N ASP A 156 32.54 7.52 -33.32
CA ASP A 156 32.31 6.56 -34.40
C ASP A 156 31.15 5.67 -33.96
N SER A 157 29.95 6.04 -34.40
CA SER A 157 28.73 5.57 -33.74
C SER A 157 28.55 4.06 -33.88
N GLU A 158 28.74 3.52 -35.08
CA GLU A 158 28.42 2.13 -35.36
C GLU A 158 29.58 1.18 -35.17
N THR A 159 30.75 1.70 -34.81
CA THR A 159 31.95 0.88 -34.64
C THR A 159 32.09 0.47 -33.18
N TYR A 160 32.22 -0.84 -32.94
CA TYR A 160 32.26 -1.36 -31.59
C TYR A 160 33.49 -0.86 -30.83
N ASP A 161 33.31 -0.61 -29.54
CA ASP A 161 34.41 -0.42 -28.62
C ASP A 161 33.95 -0.87 -27.24
N ASP A 162 34.89 -1.32 -26.42
CA ASP A 162 34.53 -1.80 -25.09
C ASP A 162 34.16 -0.65 -24.16
N TRP A 163 34.80 0.50 -24.29
CA TRP A 163 34.69 1.57 -23.29
C TRP A 163 34.48 2.94 -23.97
N LYS A 164 33.37 3.09 -24.68
CA LYS A 164 33.12 4.35 -25.37
C LYS A 164 32.81 5.51 -24.42
N GLY A 165 32.70 5.28 -23.11
CA GLY A 165 32.55 6.38 -22.20
C GLY A 165 33.82 6.88 -21.56
N ASP A 166 34.97 6.34 -21.98
CA ASP A 166 36.24 6.66 -21.34
C ASP A 166 36.58 8.14 -21.48
N PHE A 167 37.29 8.66 -20.47
CA PHE A 167 38.00 9.92 -20.63
C PHE A 167 39.05 9.80 -21.73
N ASP A 168 39.28 10.90 -22.43
CA ASP A 168 40.48 11.06 -23.26
C ASP A 168 41.60 11.56 -22.36
N ILE A 169 42.56 10.67 -22.05
CA ILE A 169 43.62 11.02 -21.12
C ILE A 169 44.47 12.16 -21.67
N LYS A 170 44.77 12.11 -22.98
CA LYS A 170 45.56 13.17 -23.59
C LYS A 170 44.88 14.52 -23.42
N LYS A 171 43.58 14.59 -23.69
CA LYS A 171 42.85 15.84 -23.53
C LYS A 171 42.76 16.28 -22.07
N LEU A 172 42.74 15.33 -21.14
CA LEU A 172 42.71 15.67 -19.72
C LEU A 172 44.00 16.37 -19.30
N LYS A 173 45.14 15.79 -19.67
CA LYS A 173 46.43 16.41 -19.36
C LYS A 173 46.59 17.75 -20.06
N GLU A 174 46.05 17.88 -21.27
CA GLU A 174 46.14 19.14 -22.00
C GLU A 174 45.32 20.23 -21.30
N ASN A 175 44.09 19.90 -20.89
CA ASN A 175 43.25 20.89 -20.24
C ASN A 175 43.78 21.28 -18.87
N ILE A 176 44.42 20.34 -18.15
CA ILE A 176 45.01 20.70 -16.88
C ILE A 176 46.13 21.71 -17.10
N ALA A 177 46.93 21.50 -18.15
CA ALA A 177 48.00 22.45 -18.48
C ALA A 177 47.44 23.76 -19.00
N GLN A 178 46.40 23.70 -19.84
CA GLN A 178 45.85 24.91 -20.45
C GLN A 178 45.21 25.83 -19.40
N HIS A 179 44.40 25.26 -18.51
CA HIS A 179 43.72 26.05 -17.49
C HIS A 179 44.45 26.08 -16.16
N GLY A 180 45.32 25.12 -15.88
CA GLY A 180 45.97 25.06 -14.59
C GLY A 180 45.15 24.30 -13.57
N ALA A 181 45.83 23.50 -12.74
CA ALA A 181 45.14 22.70 -11.74
C ALA A 181 44.37 23.57 -10.76
N ASP A 182 44.77 24.84 -10.66
CA ASP A 182 44.16 25.83 -9.77
C ASP A 182 42.81 26.31 -10.25
N ASN A 183 42.52 26.22 -11.55
CA ASN A 183 41.22 26.61 -12.09
C ASN A 183 40.26 25.46 -12.26
N ILE A 184 40.72 24.22 -12.07
CA ILE A 184 39.88 23.03 -12.24
C ILE A 184 39.21 22.75 -10.90
N VAL A 185 37.95 23.17 -10.76
CA VAL A 185 37.24 22.97 -9.50
C VAL A 185 37.10 21.49 -9.19
N ALA A 186 36.71 20.70 -10.19
CA ALA A 186 36.54 19.26 -9.98
C ALA A 186 36.49 18.54 -11.31
N ILE A 187 36.87 17.27 -11.27
CA ILE A 187 36.67 16.35 -12.38
C ILE A 187 35.45 15.49 -12.07
N VAL A 188 34.53 15.42 -13.02
CA VAL A 188 33.28 14.67 -12.89
C VAL A 188 33.37 13.42 -13.76
N SER A 189 33.43 12.25 -13.12
CA SER A 189 33.39 10.99 -13.84
C SER A 189 31.94 10.50 -13.92
N THR A 190 31.36 10.54 -15.11
CA THR A 190 29.98 10.10 -15.32
C THR A 190 29.98 8.62 -15.66
N VAL A 191 29.32 7.79 -14.85
CA VAL A 191 29.29 6.34 -15.03
C VAL A 191 27.85 5.85 -14.92
N THR A 192 27.35 5.18 -15.96
CA THR A 192 27.91 5.17 -17.29
C THR A 192 27.89 6.59 -17.85
N CYS A 193 28.55 6.80 -18.98
CA CYS A 193 28.57 8.11 -19.60
C CYS A 193 27.28 8.31 -20.39
N ASN A 194 26.34 9.07 -19.80
CA ASN A 194 25.02 9.22 -20.41
C ASN A 194 25.10 9.82 -21.81
N SER A 195 25.84 10.92 -21.96
CA SER A 195 25.84 11.66 -23.20
C SER A 195 26.57 10.92 -24.32
N ALA A 196 27.40 9.95 -23.98
CA ALA A 196 27.96 9.06 -24.99
C ALA A 196 27.02 7.91 -25.33
N GLY A 197 25.83 7.88 -24.73
CA GLY A 197 24.87 6.84 -24.99
C GLY A 197 24.76 5.77 -23.94
N GLY A 198 25.10 6.08 -22.68
CA GLY A 198 25.11 5.07 -21.65
C GLY A 198 26.26 4.10 -21.76
N GLN A 199 27.38 4.54 -22.33
CA GLN A 199 28.56 3.72 -22.59
C GLN A 199 29.48 3.70 -21.38
N PRO A 200 30.05 2.53 -21.07
CA PRO A 200 30.81 2.39 -19.83
C PRO A 200 32.21 2.99 -19.87
N VAL A 201 32.71 3.26 -18.67
CA VAL A 201 34.09 3.68 -18.44
C VAL A 201 34.82 2.51 -17.81
N SER A 202 36.03 2.23 -18.32
CA SER A 202 36.77 1.10 -17.78
C SER A 202 37.36 1.47 -16.42
N MET A 203 37.63 0.42 -15.62
CA MET A 203 38.23 0.64 -14.30
C MET A 203 39.59 1.32 -14.42
N SER A 204 40.39 0.93 -15.41
CA SER A 204 41.70 1.53 -15.56
C SER A 204 41.62 2.98 -15.97
N ASN A 205 40.59 3.35 -16.75
CA ASN A 205 40.40 4.76 -17.08
C ASN A 205 40.04 5.57 -15.84
N LEU A 206 39.10 5.06 -15.02
CA LEU A 206 38.76 5.73 -13.77
C LEU A 206 39.97 5.84 -12.85
N LYS A 207 40.79 4.79 -12.83
CA LYS A 207 41.99 4.81 -11.99
C LYS A 207 42.97 5.88 -12.48
N GLU A 208 43.24 5.92 -13.79
CA GLU A 208 44.20 6.89 -14.30
C GLU A 208 43.70 8.32 -14.12
N VAL A 209 42.40 8.54 -14.32
CA VAL A 209 41.85 9.89 -14.11
C VAL A 209 42.04 10.31 -12.67
N TYR A 210 41.77 9.41 -11.72
CA TYR A 210 41.91 9.77 -10.31
C TYR A 210 43.36 10.01 -9.95
N GLU A 211 44.27 9.20 -10.49
CA GLU A 211 45.70 9.40 -10.21
C GLU A 211 46.17 10.74 -10.75
N ILE A 212 45.77 11.10 -11.97
CA ILE A 212 46.15 12.40 -12.51
C ILE A 212 45.58 13.53 -11.66
N ALA A 213 44.35 13.36 -11.18
CA ALA A 213 43.73 14.41 -10.39
C ALA A 213 44.42 14.56 -9.04
N LYS A 214 44.88 13.46 -8.45
CA LYS A 214 45.57 13.54 -7.17
C LYS A 214 46.94 14.19 -7.31
N GLN A 215 47.65 13.92 -8.41
CA GLN A 215 48.95 14.56 -8.62
C GLN A 215 48.82 16.07 -8.72
N HIS A 216 47.65 16.57 -9.15
CA HIS A 216 47.40 18.00 -9.24
C HIS A 216 46.49 18.51 -8.13
N GLY A 217 46.13 17.67 -7.17
CA GLY A 217 45.27 18.09 -6.08
C GLY A 217 43.86 18.48 -6.51
N ILE A 218 43.29 17.77 -7.46
CA ILE A 218 41.97 18.08 -7.99
C ILE A 218 40.96 17.12 -7.40
N PHE A 219 39.80 17.66 -7.01
CA PHE A 219 38.71 16.89 -6.43
C PHE A 219 37.97 16.13 -7.53
N VAL A 220 37.61 14.87 -7.25
CA VAL A 220 36.95 14.01 -8.22
C VAL A 220 35.54 13.68 -7.71
N VAL A 221 34.54 13.95 -8.53
CA VAL A 221 33.15 13.63 -8.23
C VAL A 221 32.70 12.56 -9.21
N MET A 222 32.08 11.50 -8.68
CA MET A 222 31.54 10.42 -9.50
C MET A 222 30.05 10.68 -9.73
N ASP A 223 29.69 11.05 -10.95
CA ASP A 223 28.27 11.12 -11.31
C ASP A 223 27.75 9.70 -11.47
N SER A 224 26.91 9.27 -10.53
CA SER A 224 26.66 7.85 -10.30
C SER A 224 25.23 7.45 -10.66
N ALA A 225 24.56 8.18 -11.55
CA ALA A 225 23.20 7.83 -11.92
C ALA A 225 23.09 6.38 -12.36
N ARG A 226 24.03 5.91 -13.19
CA ARG A 226 23.96 4.55 -13.69
C ARG A 226 25.22 3.76 -13.36
N PHE A 227 25.64 3.84 -12.09
CA PHE A 227 26.87 3.17 -11.68
C PHE A 227 26.75 1.65 -11.68
N CYS A 228 25.55 1.10 -11.53
CA CYS A 228 25.39 -0.36 -11.52
C CYS A 228 25.48 -0.93 -12.92
N GLU A 229 24.95 -0.21 -13.91
CA GLU A 229 25.14 -0.62 -15.29
C GLU A 229 26.61 -0.53 -15.68
N ASN A 230 27.32 0.48 -15.16
CA ASN A 230 28.76 0.55 -15.45
C ASN A 230 29.52 -0.63 -14.85
N ALA A 231 29.17 -1.01 -13.61
CA ALA A 231 29.87 -2.12 -12.96
C ALA A 231 29.63 -3.42 -13.69
N TYR A 232 28.41 -3.62 -14.19
CA TYR A 232 28.13 -4.82 -14.97
C TYR A 232 28.99 -4.86 -16.22
N PHE A 233 29.09 -3.74 -16.92
CA PHE A 233 29.94 -3.69 -18.12
C PHE A 233 31.38 -3.99 -17.77
N ILE A 234 31.87 -3.47 -16.65
CA ILE A 234 33.24 -3.78 -16.25
C ILE A 234 33.39 -5.28 -16.03
N LYS A 235 32.41 -5.91 -15.36
CA LYS A 235 32.50 -7.36 -15.20
C LYS A 235 32.37 -8.09 -16.53
N ALA A 236 31.57 -7.57 -17.46
CA ALA A 236 31.33 -8.27 -18.71
C ALA A 236 32.50 -8.19 -19.68
N ARG A 237 33.30 -7.13 -19.63
CA ARG A 237 34.29 -6.86 -20.66
C ARG A 237 35.71 -6.75 -20.15
N ASP A 238 35.93 -6.62 -18.84
CA ASP A 238 37.27 -6.56 -18.29
C ASP A 238 37.63 -7.92 -17.71
N PRO A 239 38.60 -8.64 -18.27
CA PRO A 239 38.93 -9.97 -17.76
C PRO A 239 39.43 -9.97 -16.32
N LYS A 240 39.94 -8.84 -15.82
CA LYS A 240 40.38 -8.78 -14.44
C LYS A 240 39.23 -9.05 -13.48
N TYR A 241 38.02 -8.60 -13.83
CA TYR A 241 36.86 -8.71 -12.96
C TYR A 241 35.89 -9.81 -13.41
N LYS A 242 36.34 -10.74 -14.24
CA LYS A 242 35.46 -11.77 -14.78
C LYS A 242 34.83 -12.62 -13.67
N ASN A 243 35.53 -12.79 -12.54
CA ASN A 243 35.05 -13.60 -11.43
C ASN A 243 34.73 -12.76 -10.20
N ALA A 244 34.54 -11.46 -10.36
CA ALA A 244 34.21 -10.60 -9.23
C ALA A 244 32.70 -10.40 -9.11
N THR A 245 32.25 -10.15 -7.90
CA THR A 245 30.86 -9.76 -7.74
C THR A 245 30.66 -8.31 -8.16
N ILE A 246 29.41 -7.95 -8.42
CA ILE A 246 29.08 -6.59 -8.82
C ILE A 246 29.46 -5.61 -7.72
N LYS A 247 29.19 -5.95 -6.47
CA LYS A 247 29.55 -5.08 -5.36
C LYS A 247 31.07 -4.90 -5.26
N GLU A 248 31.83 -5.93 -5.61
CA GLU A 248 33.28 -5.81 -5.63
C GLU A 248 33.76 -4.86 -6.71
N VAL A 249 33.13 -4.89 -7.88
CA VAL A 249 33.47 -3.92 -8.92
C VAL A 249 33.09 -2.51 -8.45
N ILE A 250 31.88 -2.37 -7.91
CA ILE A 250 31.44 -1.07 -7.41
C ILE A 250 32.44 -0.55 -6.38
N PHE A 251 32.82 -1.40 -5.43
CA PHE A 251 33.74 -1.00 -4.38
C PHE A 251 35.06 -0.49 -4.94
N ASP A 252 35.56 -1.13 -6.00
CA ASP A 252 36.78 -0.67 -6.66
C ASP A 252 36.57 0.65 -7.40
N MET A 253 35.41 0.81 -8.05
CA MET A 253 35.12 2.03 -8.79
C MET A 253 35.27 3.25 -7.91
N TYR A 254 34.80 3.18 -6.67
CA TYR A 254 34.74 4.38 -5.84
C TYR A 254 35.99 4.63 -5.04
N LYS A 255 37.01 3.78 -5.19
CA LYS A 255 38.37 4.15 -4.81
C LYS A 255 38.92 5.29 -5.65
N TYR A 256 38.28 5.60 -6.78
CA TYR A 256 38.79 6.57 -7.74
C TYR A 256 37.87 7.77 -7.84
N ALA A 257 37.31 8.17 -6.69
CA ALA A 257 36.58 9.42 -6.58
C ALA A 257 36.67 9.88 -5.15
N ASP A 258 36.38 11.17 -4.94
CA ASP A 258 36.35 11.76 -3.62
C ASP A 258 34.94 11.96 -3.10
N ALA A 259 33.94 11.87 -3.98
CA ALA A 259 32.55 12.06 -3.63
C ALA A 259 31.72 11.56 -4.81
N LEU A 260 30.41 11.49 -4.60
CA LEU A 260 29.51 11.10 -5.68
C LEU A 260 28.24 11.95 -5.61
N THR A 261 27.68 12.23 -6.78
CA THR A 261 26.30 12.68 -6.93
C THR A 261 25.52 11.60 -7.64
N MET A 262 24.31 11.32 -7.18
CA MET A 262 23.55 10.20 -7.71
C MET A 262 22.10 10.58 -7.88
N SER A 263 21.56 10.35 -9.07
CA SER A 263 20.12 10.32 -9.26
C SER A 263 19.67 8.92 -8.93
N ALA A 264 18.94 8.77 -7.83
CA ALA A 264 18.41 7.46 -7.48
C ALA A 264 17.22 7.08 -8.34
N LYS A 265 16.81 7.95 -9.25
CA LYS A 265 15.70 7.68 -10.17
C LYS A 265 16.14 6.77 -11.30
N ASP A 267 19.51 3.78 -11.64
CA ASP A 267 19.90 2.41 -11.26
C ASP A 267 19.38 1.94 -9.89
N PRO A 268 19.28 2.83 -8.89
CA PRO A 268 18.65 2.42 -7.62
C PRO A 268 17.16 2.13 -7.70
N LEU A 269 16.53 2.21 -8.87
CA LEU A 269 15.20 1.66 -9.11
C LEU A 269 14.11 2.42 -8.36
N LEU A 270 14.21 3.74 -8.32
CA LEU A 270 13.25 4.58 -7.63
C LEU A 270 12.45 5.43 -8.62
N ASN A 271 11.42 6.06 -8.06
CA ASN A 271 10.63 7.05 -8.79
C ASN A 271 11.02 8.47 -8.44
N ILE A 272 11.76 8.65 -7.34
CA ILE A 272 12.23 9.97 -6.92
C ILE A 272 13.41 9.72 -5.99
N GLY A 273 14.27 10.73 -5.84
CA GLY A 273 15.35 10.60 -4.89
C GLY A 273 16.73 10.82 -5.46
N GLY A 274 17.63 11.34 -4.63
CA GLY A 274 19.00 11.60 -5.03
C GLY A 274 19.90 11.48 -3.83
N LEU A 275 21.20 11.58 -4.08
CA LEU A 275 22.16 11.35 -3.01
C LEU A 275 23.46 12.05 -3.32
N VAL A 276 23.99 12.75 -2.33
CA VAL A 276 25.39 13.16 -2.30
C VAL A 276 26.08 12.29 -1.26
N ALA A 277 27.22 11.74 -1.64
CA ALA A 277 28.09 11.05 -0.69
C ALA A 277 29.49 11.58 -0.85
N ILE A 278 30.19 11.71 0.27
CA ILE A 278 31.55 12.25 0.31
C ILE A 278 32.44 11.23 1.02
N ARG A 279 33.61 10.97 0.44
CA ARG A 279 34.49 9.92 0.93
C ARG A 279 34.97 10.22 2.36
N ASP A 280 35.68 11.35 2.54
CA ASP A 280 36.23 11.67 3.86
C ASP A 280 36.51 13.15 4.08
N ASN A 281 36.22 14.00 3.10
CA ASN A 281 36.50 15.43 3.24
C ASN A 281 35.39 16.06 4.07
N GLU A 282 35.63 16.17 5.38
CA GLU A 282 34.61 16.66 6.30
C GLU A 282 34.29 18.14 6.11
N GLU A 283 35.25 18.92 5.60
CA GLU A 283 34.97 20.34 5.39
C GLU A 283 33.96 20.55 4.26
N ILE A 284 34.17 19.88 3.14
CA ILE A 284 33.20 19.97 2.04
C ILE A 284 31.85 19.42 2.48
N PHE A 285 31.86 18.38 3.31
CA PHE A 285 30.62 17.84 3.84
C PHE A 285 29.88 18.87 4.68
N THR A 286 30.62 19.59 5.54
CA THR A 286 29.99 20.61 6.37
C THR A 286 29.44 21.75 5.53
N LEU A 287 30.18 22.17 4.50
CA LEU A 287 29.72 23.26 3.64
C LEU A 287 28.50 22.86 2.83
N ALA A 288 28.49 21.62 2.32
CA ALA A 288 27.35 21.16 1.53
C ALA A 288 26.09 21.03 2.39
N ARG A 289 26.25 20.69 3.67
CA ARG A 289 25.10 20.66 4.57
C ARG A 289 24.48 22.04 4.75
N GLN A 290 25.32 23.07 4.84
CA GLN A 290 24.81 24.43 5.00
C GLN A 290 23.98 24.84 3.78
N ARG A 291 24.42 24.45 2.59
CA ARG A 291 23.64 24.78 1.39
C ARG A 291 22.43 23.87 1.23
N CYS A 292 22.51 22.65 1.76
CA CYS A 292 21.38 21.73 1.63
C CYS A 292 20.12 22.30 2.28
N VAL A 293 20.27 22.97 3.42
CA VAL A 293 19.12 23.41 4.23
C VAL A 293 18.20 24.35 3.46
N PRO A 294 18.68 25.47 2.89
CA PRO A 294 17.74 26.33 2.15
C PRO A 294 17.32 25.72 0.82
N MET A 295 18.14 24.88 0.20
CA MET A 295 17.86 24.41 -1.15
C MET A 295 17.00 23.15 -1.18
N GLU A 296 17.26 22.20 -0.28
CA GLU A 296 16.56 20.92 -0.31
C GLU A 296 15.72 20.63 0.91
N GLY A 297 16.23 20.91 2.10
CA GLY A 297 15.57 20.57 3.35
C GLY A 297 16.62 20.29 4.41
N PHE A 298 16.13 19.92 5.60
CA PHE A 298 17.07 19.59 6.67
C PHE A 298 17.92 18.38 6.26
N VAL A 299 19.12 18.28 6.84
CA VAL A 299 20.14 17.39 6.28
C VAL A 299 19.87 15.91 6.48
N THR A 300 18.90 15.52 7.31
CA THR A 300 18.59 14.09 7.48
C THR A 300 17.43 13.63 6.61
N TYR A 301 16.93 14.47 5.70
CA TYR A 301 16.00 14.00 4.69
C TYR A 301 16.20 14.66 3.33
N GLY A 302 16.80 15.84 3.26
CA GLY A 302 17.23 16.43 2.00
C GLY A 302 16.15 16.54 0.95
N GLY A 303 14.94 16.92 1.36
CA GLY A 303 13.86 17.03 0.42
C GLY A 303 13.23 15.72 0.01
N LEU A 304 13.48 14.64 0.76
CA LEU A 304 12.82 13.36 0.54
C LEU A 304 11.91 13.02 1.71
N ALA A 305 10.78 12.41 1.40
CA ALA A 305 10.03 11.73 2.45
C ALA A 305 10.88 10.57 2.97
N GLY A 306 10.69 10.28 4.27
CA GLY A 306 11.36 9.12 4.85
C GLY A 306 11.11 7.85 4.07
N ARG A 307 9.88 7.65 3.58
CA ARG A 307 9.57 6.44 2.83
C ARG A 307 10.43 6.33 1.57
N ASP A 308 10.84 7.47 1.00
CA ASP A 308 11.68 7.43 -0.20
C ASP A 308 13.13 7.11 0.12
N MET A 309 13.63 7.56 1.28
CA MET A 309 14.94 7.09 1.73
C MET A 309 14.90 5.59 2.01
N ALA A 310 13.79 5.11 2.59
CA ALA A 310 13.63 3.68 2.87
C ALA A 310 13.67 2.87 1.57
N ALA A 311 12.93 3.30 0.56
CA ALA A 311 12.96 2.64 -0.74
C ALA A 311 14.35 2.69 -1.36
N MET A 312 15.08 3.78 -1.12
CA MET A 312 16.41 3.95 -1.69
C MET A 312 17.41 2.97 -1.09
N VAL A 313 17.30 2.70 0.22
CA VAL A 313 18.16 1.69 0.83
C VAL A 313 17.96 0.34 0.16
N GLN A 314 16.70 -0.04 -0.03
CA GLN A 314 16.41 -1.33 -0.66
C GLN A 314 16.76 -1.32 -2.15
N GLY A 315 16.45 -0.24 -2.86
CA GLY A 315 16.73 -0.19 -4.29
C GLY A 315 18.22 -0.19 -4.61
N LEU A 316 19.03 0.43 -3.76
CA LEU A 316 20.48 0.39 -3.95
C LEU A 316 20.99 -1.04 -3.90
N GLU A 317 20.39 -1.87 -3.04
CA GLU A 317 20.74 -3.28 -3.00
C GLU A 317 20.28 -4.00 -4.25
N GLU A 318 19.01 -3.81 -4.64
CA GLU A 318 18.46 -4.51 -5.79
C GLU A 318 19.15 -4.10 -7.09
N GLY A 319 19.61 -2.85 -7.17
CA GLY A 319 20.24 -2.36 -8.38
C GLY A 319 21.58 -3.00 -8.67
N THR A 320 22.20 -3.62 -7.68
CA THR A 320 23.49 -4.28 -7.83
C THR A 320 23.37 -5.76 -8.19
N GLU A 321 22.16 -6.31 -8.27
CA GLU A 321 22.02 -7.77 -8.42
C GLU A 321 22.31 -8.17 -9.86
N GLU A 322 23.32 -9.03 -10.04
CA GLU A 322 23.83 -9.33 -11.38
C GLU A 322 22.76 -9.95 -12.27
N GLU A 323 21.93 -10.83 -11.71
CA GLU A 323 20.87 -11.45 -12.50
C GLU A 323 19.92 -10.40 -13.05
N TYR A 324 19.56 -9.41 -12.23
CA TYR A 324 18.74 -8.32 -12.74
C TYR A 324 19.49 -7.48 -13.76
N LEU A 325 20.76 -7.17 -13.48
CA LEU A 325 21.52 -6.35 -14.41
C LEU A 325 21.69 -7.03 -15.75
N HIS A 326 21.97 -8.34 -15.73
CA HIS A 326 22.08 -9.12 -16.97
C HIS A 326 20.80 -9.05 -17.77
N TYR A 327 19.64 -9.17 -17.10
CA TYR A 327 18.36 -9.09 -17.78
C TYR A 327 18.11 -7.69 -18.32
N ARG A 328 18.34 -6.66 -17.48
CA ARG A 328 18.03 -5.28 -17.85
C ARG A 328 18.84 -4.85 -19.06
N ILE A 329 20.16 -4.97 -18.96
CA ILE A 329 21.02 -4.59 -20.06
C ILE A 329 20.80 -5.53 -21.25
N GLY A 330 20.48 -6.80 -20.99
CA GLY A 330 20.16 -7.72 -22.07
C GLY A 330 18.92 -7.33 -22.84
N GLN A 331 17.92 -6.78 -22.15
CA GLN A 331 16.73 -6.28 -22.82
C GLN A 331 17.05 -5.07 -23.72
N VAL A 332 17.96 -4.20 -23.27
CA VAL A 332 18.37 -3.09 -24.13
C VAL A 332 19.14 -3.59 -25.34
N LYS A 333 20.05 -4.55 -25.13
CA LYS A 333 20.79 -5.14 -26.23
C LYS A 333 19.86 -5.84 -27.22
N TYR A 334 18.80 -6.48 -26.70
CA TYR A 334 17.85 -7.19 -27.54
C TYR A 334 17.12 -6.23 -28.48
N LEU A 335 16.68 -5.09 -27.97
CA LEU A 335 16.02 -4.12 -28.84
C LEU A 335 16.96 -3.62 -29.91
N GLY A 336 18.21 -3.33 -29.54
CA GLY A 336 19.17 -2.91 -30.54
C GLY A 336 19.43 -3.96 -31.60
N ASP A 337 19.57 -5.22 -31.19
CA ASP A 337 19.85 -6.28 -32.15
C ASP A 337 18.66 -6.50 -33.09
N ARG A 338 17.44 -6.37 -32.58
CA ARG A 338 16.27 -6.45 -33.44
C ARG A 338 16.32 -5.41 -34.55
N LEU A 339 16.65 -4.17 -34.20
CA LEU A 339 16.69 -3.11 -35.21
C LEU A 339 17.88 -3.28 -36.15
N ARG A 340 19.06 -3.57 -35.58
CA ARG A 340 20.28 -3.72 -36.36
C ARG A 340 20.18 -4.88 -37.34
N GLU A 341 19.60 -6.00 -36.90
CA GLU A 341 19.40 -7.14 -37.79
C GLU A 341 18.37 -6.85 -38.87
N ALA A 342 17.54 -5.82 -38.70
CA ALA A 342 16.59 -5.40 -39.72
C ALA A 342 17.13 -4.28 -40.60
N GLY A 343 18.40 -3.93 -40.44
CA GLY A 343 19.03 -2.88 -41.22
C GLY A 343 18.87 -1.47 -40.67
N ILE A 344 18.31 -1.31 -39.48
CA ILE A 344 18.20 0.01 -38.86
C ILE A 344 19.53 0.35 -38.22
N PRO A 345 20.14 1.48 -38.57
CA PRO A 345 21.45 1.83 -37.99
C PRO A 345 21.28 2.41 -36.59
N ILE A 346 22.06 1.89 -35.64
CA ILE A 346 22.00 2.31 -34.25
C ILE A 346 23.42 2.56 -33.76
N GLN A 347 23.53 3.18 -32.59
CA GLN A 347 24.79 3.23 -31.88
C GLN A 347 25.12 1.84 -31.35
N TYR A 348 26.35 1.39 -31.60
CA TYR A 348 26.75 0.03 -31.29
C TYR A 348 28.10 0.04 -30.58
N PRO A 349 28.25 -0.68 -29.45
CA PRO A 349 27.24 -1.52 -28.80
C PRO A 349 26.21 -0.69 -28.06
N THR A 350 25.07 -1.29 -27.77
CA THR A 350 24.05 -0.58 -26.99
C THR A 350 24.58 -0.29 -25.60
N GLY A 351 24.22 0.87 -25.07
CA GLY A 351 24.54 1.23 -23.71
C GLY A 351 23.65 0.50 -22.72
N GLY A 352 23.70 0.95 -21.47
CA GLY A 352 23.01 0.24 -20.41
C GLY A 352 21.52 0.50 -20.32
N HIS A 353 21.03 1.61 -20.87
CA HIS A 353 19.69 2.07 -20.58
C HIS A 353 18.87 2.53 -21.79
N ALA A 354 19.46 2.60 -22.99
CA ALA A 354 18.77 3.17 -24.13
C ALA A 354 19.42 2.72 -25.43
N VAL A 355 18.62 2.69 -26.49
CA VAL A 355 19.10 2.50 -27.86
C VAL A 355 18.98 3.82 -28.61
N PHE A 356 20.01 4.17 -29.38
CA PHE A 356 20.04 5.42 -30.15
C PHE A 356 20.02 5.07 -31.64
N VAL A 357 19.02 5.56 -32.35
CA VAL A 357 18.83 5.25 -33.78
C VAL A 357 19.25 6.45 -34.61
N ASP A 358 20.17 6.24 -35.54
CA ASP A 358 20.64 7.28 -36.46
C ASP A 358 19.55 7.54 -37.50
N CYS A 359 18.81 8.63 -37.34
CA CYS A 359 17.67 8.88 -38.21
C CYS A 359 18.03 9.53 -39.55
N LYS A 360 19.16 10.23 -39.66
CA LYS A 360 19.50 10.76 -40.98
C LYS A 360 19.66 9.64 -42.00
N LYS A 361 20.15 8.47 -41.58
CA LYS A 361 20.23 7.36 -42.53
C LYS A 361 18.86 6.75 -42.84
N LEU A 362 17.85 7.05 -42.02
CA LEU A 362 16.49 6.59 -42.29
C LEU A 362 15.70 7.55 -43.18
N VAL A 363 15.92 8.85 -43.01
CA VAL A 363 15.22 9.88 -43.81
C VAL A 363 16.23 10.84 -44.41
N PRO A 364 17.00 10.42 -45.43
CA PRO A 364 18.00 11.33 -46.00
C PRO A 364 17.38 12.52 -46.72
N GLN A 365 16.13 12.43 -47.15
CA GLN A 365 15.47 13.56 -47.81
C GLN A 365 15.12 14.68 -46.84
N ILE A 366 15.29 14.47 -45.55
CA ILE A 366 14.99 15.51 -44.56
C ILE A 366 16.33 16.06 -44.05
N PRO A 367 16.69 17.29 -44.39
CA PRO A 367 17.95 17.85 -43.91
C PRO A 367 17.90 18.10 -42.41
N GLY A 368 19.09 18.31 -41.84
CA GLY A 368 19.21 18.40 -40.40
C GLY A 368 18.42 19.55 -39.79
N ASP A 369 18.35 20.68 -40.49
CA ASP A 369 17.60 21.83 -39.98
C ASP A 369 16.10 21.62 -39.99
N GLN A 370 15.63 20.53 -40.59
CA GLN A 370 14.22 20.17 -40.60
C GLN A 370 13.91 19.07 -39.60
N PHE A 371 14.86 18.72 -38.73
CA PHE A 371 14.72 17.80 -37.60
C PHE A 371 14.36 16.40 -38.08
N PRO A 372 15.27 15.70 -38.77
CA PRO A 372 14.94 14.36 -39.28
C PRO A 372 14.60 13.37 -38.19
N ALA A 373 15.32 13.40 -37.06
CA ALA A 373 15.01 12.47 -35.97
C ALA A 373 13.63 12.75 -35.38
N GLN A 374 13.25 14.02 -35.26
CA GLN A 374 11.92 14.33 -34.75
C GLN A 374 10.83 13.84 -35.69
N ALA A 375 11.08 13.91 -37.01
CA ALA A 375 10.09 13.38 -37.95
C ALA A 375 9.94 11.88 -37.81
N VAL A 376 11.04 11.16 -37.55
CA VAL A 376 10.95 9.73 -37.35
C VAL A 376 10.20 9.40 -36.07
N ILE A 377 10.44 10.18 -35.02
CA ILE A 377 9.77 9.96 -33.73
C ILE A 377 8.27 10.14 -33.88
N ASN A 378 7.84 11.24 -34.53
CA ASN A 378 6.42 11.49 -34.70
C ASN A 378 5.75 10.37 -35.48
N ALA A 379 6.40 9.91 -36.56
CA ALA A 379 5.86 8.78 -37.32
C ALA A 379 5.77 7.52 -36.47
N LEU A 380 6.81 7.25 -35.67
CA LEU A 380 6.77 6.11 -34.76
C LEU A 380 5.58 6.23 -33.81
N TYR A 381 5.31 7.43 -33.32
CA TYR A 381 4.17 7.62 -32.44
C TYR A 381 2.86 7.38 -33.18
N LEU A 382 2.72 7.92 -34.38
CA LEU A 382 1.48 7.77 -35.13
C LEU A 382 1.22 6.33 -35.54
N GLU A 383 2.27 5.54 -35.74
CA GLU A 383 2.09 4.13 -36.10
C GLU A 383 1.84 3.22 -34.92
N SER A 384 2.25 3.61 -33.72
CA SER A 384 2.33 2.63 -32.63
C SER A 384 1.93 3.14 -31.26
N GLY A 385 1.85 4.44 -31.02
CA GLY A 385 1.64 4.92 -29.67
C GLY A 385 2.88 4.93 -28.81
N VAL A 386 4.03 4.57 -29.36
CA VAL A 386 5.31 4.63 -28.65
C VAL A 386 5.81 6.06 -28.69
N ARG A 387 6.26 6.58 -27.53
CA ARG A 387 6.79 7.94 -27.45
C ARG A 387 8.30 7.87 -27.19
N ALA A 388 9.09 8.40 -28.11
CA ALA A 388 10.55 8.47 -28.00
C ALA A 388 10.98 9.94 -27.96
N VAL A 389 12.28 10.15 -27.79
CA VAL A 389 12.81 11.50 -27.59
C VAL A 389 13.93 11.76 -28.59
N GLU A 390 14.04 13.01 -29.03
CA GLU A 390 15.01 13.40 -30.04
C GLU A 390 16.31 13.84 -29.39
N ILE A 391 17.42 13.27 -29.84
CA ILE A 391 18.75 13.72 -29.47
C ILE A 391 19.44 14.15 -30.76
N GLY A 392 19.15 15.38 -31.20
CA GLY A 392 19.69 15.89 -32.44
C GLY A 392 19.61 17.39 -32.58
N SER A 393 19.33 17.88 -33.80
CA SER A 393 19.35 19.32 -34.05
C SER A 393 18.24 20.05 -33.28
N PHE A 394 17.07 19.43 -33.16
CA PHE A 394 15.99 20.03 -32.37
C PHE A 394 16.43 20.24 -30.92
N LEU A 395 17.09 19.23 -30.34
CA LEU A 395 17.56 19.33 -28.96
C LEU A 395 18.72 20.31 -28.83
N LEU A 396 19.62 20.33 -29.81
CA LEU A 396 20.87 21.06 -29.65
C LEU A 396 20.64 22.56 -29.45
N GLY A 397 19.62 23.11 -30.11
CA GLY A 397 19.26 24.49 -29.88
C GLY A 397 20.10 25.48 -30.66
N ARG A 398 19.88 26.75 -30.34
CA ARG A 398 20.54 27.86 -30.99
C ARG A 398 21.74 28.39 -30.20
N ASP A 399 22.68 28.98 -30.92
CA ASP A 399 23.78 29.69 -30.25
C ASP A 399 23.22 30.93 -29.57
N PRO A 400 23.45 31.12 -28.26
CA PRO A 400 22.79 32.24 -27.57
C PRO A 400 23.23 33.62 -28.05
N ALA A 401 24.48 33.77 -28.51
CA ALA A 401 24.96 35.09 -28.91
C ALA A 401 24.41 35.48 -30.27
N THR A 402 24.31 34.52 -31.19
CA THR A 402 23.87 34.76 -32.56
C THR A 402 22.42 34.39 -32.81
N GLY A 403 21.88 33.42 -32.07
CA GLY A 403 20.51 32.99 -32.31
C GLY A 403 20.33 32.04 -33.47
N GLU A 404 21.40 31.44 -33.95
CA GLU A 404 21.35 30.53 -35.09
C GLU A 404 21.34 29.09 -34.64
N GLN A 405 20.71 28.24 -35.46
CA GLN A 405 20.62 26.81 -35.18
C GLN A 405 22.00 26.16 -35.11
N LYS A 406 22.37 25.66 -33.93
CA LYS A 406 23.57 24.84 -33.88
C LYS A 406 23.27 23.54 -34.60
N HIS A 407 24.20 23.09 -35.44
CA HIS A 407 24.00 21.86 -36.20
C HIS A 407 24.59 20.66 -35.46
N ALA A 408 23.79 19.61 -35.30
CA ALA A 408 24.26 18.42 -34.61
C ALA A 408 24.95 17.49 -35.59
N ASP A 409 26.06 16.91 -35.16
CA ASP A 409 26.78 15.93 -35.98
C ASP A 409 25.93 14.69 -36.22
N MET A 410 25.10 14.29 -35.25
CA MET A 410 24.23 13.14 -35.39
C MET A 410 22.80 13.53 -35.07
N GLU A 411 21.85 12.87 -35.73
CA GLU A 411 20.42 13.07 -35.54
C GLU A 411 19.85 11.78 -34.97
N PHE A 412 19.85 11.67 -33.64
CA PHE A 412 19.46 10.44 -32.96
C PHE A 412 18.02 10.47 -32.48
N MET A 413 17.37 9.32 -32.55
CA MET A 413 16.16 9.03 -31.80
C MET A 413 16.52 8.12 -30.65
N ARG A 414 16.28 8.57 -29.43
CA ARG A 414 16.59 7.78 -28.25
C ARG A 414 15.37 6.99 -27.79
N LEU A 415 15.55 5.67 -27.63
CA LEU A 415 14.55 4.76 -27.07
C LEU A 415 15.04 4.43 -25.66
N THR A 416 14.55 5.17 -24.67
CA THR A 416 15.05 5.02 -23.31
C THR A 416 14.18 4.02 -22.55
N ILE A 417 14.80 3.04 -21.91
CA ILE A 417 14.07 1.90 -21.36
C ILE A 417 14.03 2.01 -19.85
N ALA A 418 12.83 2.12 -19.29
CA ALA A 418 12.64 2.04 -17.85
C ALA A 418 12.97 0.63 -17.35
N ARG A 419 13.24 0.53 -16.05
CA ARG A 419 13.71 -0.71 -15.44
C ARG A 419 12.54 -1.53 -14.92
N ARG A 420 12.45 -2.77 -15.39
CA ARG A 420 11.49 -3.76 -14.90
C ARG A 420 10.05 -3.37 -15.20
N VAL A 421 9.85 -2.60 -16.26
CA VAL A 421 8.54 -2.08 -16.62
C VAL A 421 7.98 -2.76 -17.87
N TYR A 422 8.80 -2.92 -18.88
CA TYR A 422 8.34 -3.42 -20.17
C TYR A 422 8.91 -4.81 -20.42
N THR A 423 8.13 -5.63 -21.11
CA THR A 423 8.59 -6.97 -21.46
C THR A 423 9.27 -6.94 -22.83
N ASN A 424 9.95 -8.04 -23.16
CA ASN A 424 10.53 -8.16 -24.49
C ASN A 424 9.48 -8.18 -25.58
N ASP A 425 8.23 -8.50 -25.24
CA ASP A 425 7.14 -8.33 -26.21
C ASP A 425 6.86 -6.86 -26.47
N HIS A 426 6.99 -6.00 -25.46
CA HIS A 426 6.94 -4.57 -25.72
C HIS A 426 8.10 -4.14 -26.61
N MET A 427 9.27 -4.74 -26.40
CA MET A 427 10.42 -4.44 -27.23
C MET A 427 10.16 -4.83 -28.70
N ASP A 428 9.61 -6.03 -28.93
CA ASP A 428 9.25 -6.43 -30.30
C ASP A 428 8.26 -5.44 -30.90
N TYR A 429 7.27 -5.02 -30.11
CA TYR A 429 6.28 -4.08 -30.61
C TYR A 429 6.94 -2.78 -31.07
N ILE A 430 7.92 -2.29 -30.32
CA ILE A 430 8.65 -1.10 -30.73
C ILE A 430 9.45 -1.38 -32.00
N ALA A 431 10.21 -2.48 -32.00
CA ALA A 431 11.04 -2.81 -33.14
C ALA A 431 10.19 -3.02 -34.39
N ASP A 432 9.13 -3.83 -34.26
CA ASP A 432 8.29 -4.13 -35.42
C ASP A 432 7.61 -2.88 -35.97
N ALA A 433 7.28 -1.92 -35.09
CA ALA A 433 6.68 -0.68 -35.56
C ALA A 433 7.68 0.15 -36.36
N LEU A 434 8.90 0.28 -35.85
CA LEU A 434 9.91 1.04 -36.58
C LEU A 434 10.32 0.33 -37.87
N ILE A 435 10.47 -1.00 -37.80
CA ILE A 435 10.82 -1.77 -39.00
C ILE A 435 9.72 -1.65 -40.05
N GLY A 436 8.46 -1.68 -39.62
CA GLY A 436 7.35 -1.52 -40.53
C GLY A 436 7.24 -0.14 -41.15
N LEU A 437 8.04 0.81 -40.69
CA LEU A 437 8.06 2.16 -41.23
C LEU A 437 8.99 2.32 -42.43
N LYS A 438 9.68 1.27 -42.86
CA LYS A 438 10.72 1.42 -43.89
C LYS A 438 10.18 1.95 -45.21
N GLU A 439 9.02 1.46 -45.64
CA GLU A 439 8.50 1.91 -46.92
C GLU A 439 7.92 3.31 -46.83
N LYS A 440 7.65 3.82 -45.63
CA LYS A 440 7.14 5.16 -45.47
C LYS A 440 8.21 6.18 -45.08
N PHE A 441 9.44 5.71 -44.77
CA PHE A 441 10.50 6.64 -44.39
C PHE A 441 10.82 7.61 -45.52
N ALA A 442 10.85 7.10 -46.77
CA ALA A 442 11.21 7.94 -47.90
C ALA A 442 10.19 9.03 -48.18
N THR A 443 8.96 8.88 -47.68
CA THR A 443 7.89 9.84 -47.89
C THR A 443 7.78 10.85 -46.76
N LEU A 444 8.61 10.75 -45.73
CA LEU A 444 8.48 11.62 -44.57
C LEU A 444 8.89 13.05 -44.90
N LYS A 445 8.18 13.99 -44.31
CA LYS A 445 8.48 15.41 -44.48
C LYS A 445 9.18 15.93 -43.22
N GLY A 446 9.99 16.96 -43.40
CA GLY A 446 10.64 17.57 -42.27
C GLY A 446 9.63 18.35 -41.45
N LEU A 447 10.17 19.09 -40.48
CA LEU A 447 9.37 19.88 -39.56
C LEU A 447 9.95 21.29 -39.44
N GLU A 448 9.07 22.25 -39.24
CA GLU A 448 9.43 23.64 -38.97
C GLU A 448 8.66 24.13 -37.75
N PHE A 449 9.12 25.25 -37.21
CA PHE A 449 8.54 25.79 -35.98
C PHE A 449 7.21 26.46 -36.29
N GLU A 450 6.19 26.16 -35.47
CA GLU A 450 4.98 26.96 -35.39
C GLU A 450 5.04 27.99 -34.27
N TYR A 451 5.63 27.60 -33.13
CA TYR A 451 5.90 28.50 -32.01
C TYR A 451 7.21 28.03 -31.40
N GLU A 452 8.14 28.97 -31.17
CA GLU A 452 9.44 28.63 -30.60
C GLU A 452 9.69 29.52 -29.39
N PRO A 453 9.81 28.96 -28.20
CA PRO A 453 10.10 29.77 -27.01
C PRO A 453 11.58 30.11 -26.92
N PRO A 454 11.96 31.08 -26.08
CA PRO A 454 13.39 31.44 -26.02
C PRO A 454 14.23 30.35 -25.36
N VAL A 455 13.70 29.70 -24.32
CA VAL A 455 14.36 28.63 -23.60
C VAL A 455 13.39 27.45 -23.51
N LEU A 456 13.91 26.28 -23.15
CA LEU A 456 13.13 25.04 -23.09
C LEU A 456 12.54 24.75 -24.46
N ARG A 457 13.38 24.84 -25.49
CA ARG A 457 12.87 24.76 -26.85
C ARG A 457 12.30 23.38 -27.16
N HIS A 458 13.12 22.33 -27.02
CA HIS A 458 12.64 21.00 -27.40
C HIS A 458 11.53 20.52 -26.48
N PHE A 459 11.40 21.11 -25.29
CA PHE A 459 10.36 20.70 -24.35
C PHE A 459 8.99 21.21 -24.76
N THR A 460 8.89 22.46 -25.20
CA THR A 460 7.59 23.10 -25.38
C THR A 460 7.35 23.73 -26.73
N ALA A 461 8.34 23.75 -27.63
CA ALA A 461 8.11 24.35 -28.93
C ALA A 461 7.06 23.55 -29.68
N ARG A 462 6.24 24.26 -30.44
CA ARG A 462 5.23 23.64 -31.28
C ARG A 462 5.73 23.66 -32.72
N LEU A 463 5.67 22.51 -33.37
CA LEU A 463 6.13 22.33 -34.73
C LEU A 463 4.96 22.11 -35.68
N LYS A 464 5.27 22.19 -36.96
CA LYS A 464 4.29 21.94 -38.01
C LYS A 464 5.02 21.19 -39.13
N PRO A 465 4.32 20.29 -39.81
CA PRO A 465 4.94 19.58 -40.93
C PRO A 465 5.24 20.54 -42.08
N ILE A 466 6.36 20.32 -42.76
CA ILE A 466 6.66 21.13 -43.94
C ILE A 466 5.84 20.51 -45.07
N GLU A 467 4.70 21.12 -45.34
CA GLU A 467 3.74 20.68 -46.36
C GLU A 467 4.29 20.67 -47.77
N ALA B 2 -10.10 23.98 29.50
CA ALA B 2 -9.61 23.38 28.27
C ALA B 2 -10.64 22.40 27.72
N LYS B 3 -10.96 22.51 26.43
CA LYS B 3 -12.00 21.70 25.83
C LYS B 3 -11.42 20.83 24.73
N ARG B 4 -11.67 19.52 24.85
CA ARG B 4 -11.24 18.55 23.84
C ARG B 4 -12.26 18.46 22.72
N ILE B 5 -11.77 18.41 21.49
CA ILE B 5 -12.62 18.25 20.32
C ILE B 5 -12.35 16.89 19.71
N VAL B 6 -13.42 16.11 19.52
CA VAL B 6 -13.29 14.73 19.08
C VAL B 6 -12.94 14.67 17.59
N GLU B 7 -12.17 13.63 17.21
CA GLU B 7 -11.70 13.49 15.84
C GLU B 7 -12.87 13.26 14.86
N PRO B 8 -12.91 13.99 13.75
CA PRO B 8 -13.89 13.68 12.69
C PRO B 8 -13.39 12.58 11.78
N PHE B 9 -12.67 11.63 12.36
CA PHE B 9 -12.13 10.49 11.62
C PHE B 9 -11.83 9.40 12.63
N ARG B 10 -11.50 8.22 12.14
CA ARG B 10 -11.00 7.17 13.00
C ARG B 10 -9.66 6.68 12.48
N ILE B 11 -8.99 5.87 13.29
CA ILE B 11 -7.64 5.41 13.01
C ILE B 11 -7.70 4.22 12.05
N LYS B 12 -6.91 4.28 10.97
CA LYS B 12 -6.79 3.13 10.07
C LYS B 12 -5.47 2.41 10.18
N MET B 13 -4.39 3.10 10.52
CA MET B 13 -3.10 2.46 10.68
C MET B 13 -2.30 3.22 11.74
N VAL B 14 -1.57 2.48 12.56
CA VAL B 14 -0.80 3.05 13.66
C VAL B 14 0.68 2.79 13.42
N GLU B 15 1.48 3.57 14.14
CA GLU B 15 2.94 3.44 14.15
C GLU B 15 3.38 3.46 15.61
N LYS B 16 4.22 2.51 16.00
CA LYS B 16 4.60 2.36 17.39
C LYS B 16 5.56 3.46 17.81
N ILE B 17 5.31 4.07 18.97
CA ILE B 17 6.26 4.98 19.62
C ILE B 17 6.40 4.55 21.07
N ARG B 18 7.60 4.69 21.62
CA ARG B 18 7.86 4.25 22.99
C ARG B 18 8.57 5.36 23.76
N VAL B 19 8.38 5.36 25.07
CA VAL B 19 9.13 6.22 25.97
C VAL B 19 10.39 5.47 26.38
N PRO B 20 11.57 5.88 25.92
CA PRO B 20 12.81 5.28 26.42
C PRO B 20 12.99 5.59 27.91
N SER B 21 13.72 4.72 28.59
CA SER B 21 13.93 4.92 30.01
C SER B 21 14.71 6.20 30.26
N ARG B 22 14.58 6.72 31.48
CA ARG B 22 15.31 7.94 31.85
C ARG B 22 16.80 7.80 31.58
N GLU B 23 17.36 6.61 31.85
CA GLU B 23 18.78 6.37 31.61
C GLU B 23 19.10 6.49 30.12
N GLU B 24 18.23 5.96 29.26
CA GLU B 24 18.44 6.07 27.82
C GLU B 24 18.33 7.51 27.36
N ARG B 25 17.34 8.25 27.87
CA ARG B 25 17.19 9.64 27.47
C ARG B 25 18.39 10.47 27.91
N GLU B 26 18.89 10.22 29.13
CA GLU B 26 20.08 10.92 29.59
C GLU B 26 21.28 10.61 28.69
N ALA B 27 21.48 9.32 28.38
CA ALA B 27 22.58 8.92 27.51
C ALA B 27 22.39 9.49 26.10
N ALA B 28 21.16 9.46 25.59
CA ALA B 28 20.91 9.95 24.23
C ALA B 28 21.12 11.46 24.15
N LEU B 29 20.61 12.21 25.12
CA LEU B 29 20.80 13.66 25.08
C LEU B 29 22.27 14.02 25.19
N LYS B 30 23.02 13.29 26.03
CA LYS B 30 24.47 13.49 26.10
C LYS B 30 25.13 13.16 24.76
N GLU B 31 24.70 12.07 24.12
CA GLU B 31 25.24 11.75 22.80
C GLU B 31 24.89 12.82 21.78
N ALA B 32 23.71 13.41 21.90
CA ALA B 32 23.30 14.48 20.99
C ALA B 32 23.88 15.83 21.38
N GLY B 33 24.84 15.88 22.31
CA GLY B 33 25.42 17.15 22.71
C GLY B 33 24.41 18.11 23.28
N TYR B 34 23.43 17.61 24.04
CA TYR B 34 22.41 18.44 24.68
C TYR B 34 21.67 19.32 23.67
N ASN B 35 21.62 18.84 22.43
CA ASN B 35 20.88 19.48 21.34
C ASN B 35 19.88 18.48 20.77
N PRO B 36 18.58 18.61 21.03
CA PRO B 36 17.61 17.60 20.54
C PRO B 36 17.58 17.46 19.02
N PHE B 37 18.02 18.48 18.27
CA PHE B 37 18.08 18.32 16.82
C PHE B 37 19.02 17.21 16.43
N LEU B 38 19.96 16.85 17.29
CA LEU B 38 20.89 15.76 17.04
C LEU B 38 20.42 14.42 17.60
N LEU B 39 19.24 14.38 18.22
CA LEU B 39 18.73 13.11 18.70
C LEU B 39 18.24 12.28 17.51
N PRO B 40 18.48 10.96 17.53
CA PRO B 40 17.79 10.09 16.56
C PRO B 40 16.33 9.94 16.96
N SER B 41 15.48 9.73 15.94
CA SER B 41 14.04 9.62 16.19
C SER B 41 13.69 8.45 17.10
N SER B 42 14.54 7.44 17.17
CA SER B 42 14.29 6.31 18.06
C SER B 42 14.40 6.69 19.53
N ALA B 43 15.03 7.82 19.82
CA ALA B 43 15.14 8.31 21.19
C ALA B 43 13.99 9.21 21.59
N VAL B 44 12.99 9.38 20.73
CA VAL B 44 11.93 10.35 20.94
C VAL B 44 10.60 9.62 21.06
N TYR B 45 9.82 10.00 22.07
CA TYR B 45 8.46 9.48 22.20
C TYR B 45 7.48 10.28 21.33
N ILE B 46 7.18 11.51 21.73
CA ILE B 46 6.35 12.43 20.95
C ILE B 46 7.24 13.50 20.35
N ASP B 47 7.12 13.71 19.04
CA ASP B 47 7.99 14.63 18.32
C ASP B 47 7.22 15.91 18.02
N LEU B 48 7.67 17.03 18.61
CA LEU B 48 7.06 18.34 18.42
C LEU B 48 7.99 19.31 17.72
N LEU B 49 9.00 18.79 17.03
CA LEU B 49 9.99 19.63 16.37
C LEU B 49 9.35 20.49 15.29
N THR B 50 8.35 19.96 14.59
CA THR B 50 7.81 20.62 13.41
C THR B 50 6.42 20.06 13.11
N ASP B 51 5.66 20.82 12.32
CA ASP B 51 4.43 20.31 11.72
C ASP B 51 4.60 20.06 10.22
N SER B 52 5.83 19.90 9.76
CA SER B 52 6.16 19.84 8.34
C SER B 52 6.49 18.41 7.94
N GLY B 53 5.65 17.84 7.07
CA GLY B 53 5.92 16.53 6.50
C GLY B 53 5.71 15.34 7.40
N THR B 54 5.25 15.55 8.64
CA THR B 54 5.02 14.46 9.59
C THR B 54 3.54 14.15 9.77
N ASN B 55 2.68 14.68 8.91
CA ASN B 55 1.24 14.50 9.06
C ASN B 55 0.85 13.06 8.73
N ALA B 56 -0.36 12.70 9.17
CA ALA B 56 -0.95 11.41 8.83
C ALA B 56 -1.86 11.57 7.63
N MET B 57 -1.63 10.75 6.59
CA MET B 57 -2.49 10.81 5.43
C MET B 57 -3.74 9.97 5.64
N SER B 58 -4.74 10.21 4.80
CA SER B 58 -5.94 9.39 4.83
C SER B 58 -5.77 8.19 3.90
N ASP B 59 -6.69 7.22 4.02
CA ASP B 59 -6.68 6.10 3.11
C ASP B 59 -6.93 6.55 1.67
N HIS B 60 -7.71 7.61 1.49
CA HIS B 60 -7.92 8.15 0.15
C HIS B 60 -6.64 8.73 -0.43
N GLN B 61 -5.79 9.32 0.39
CA GLN B 61 -4.51 9.83 -0.13
C GLN B 61 -3.59 8.69 -0.55
N TRP B 62 -3.49 7.64 0.28
CA TRP B 62 -2.67 6.50 -0.08
C TRP B 62 -3.21 5.81 -1.32
N ALA B 63 -4.53 5.68 -1.44
CA ALA B 63 -5.11 5.09 -2.64
C ALA B 63 -4.74 5.90 -3.89
N ALA B 64 -4.73 7.23 -3.76
CA ALA B 64 -4.32 8.08 -4.87
C ALA B 64 -2.86 7.86 -5.24
N MET B 65 -2.00 7.67 -4.23
CA MET B 65 -0.59 7.37 -4.49
C MET B 65 -0.44 6.06 -5.25
N ILE B 66 -1.21 5.03 -4.86
CA ILE B 66 -1.07 3.70 -5.45
C ILE B 66 -1.32 3.78 -6.95
N THR B 67 -2.30 4.58 -7.37
CA THR B 67 -2.62 4.76 -8.78
C THR B 67 -1.91 5.96 -9.39
N GLY B 68 -0.88 6.49 -8.73
CA GLY B 68 -0.18 7.63 -9.27
C GLY B 68 0.49 7.33 -10.60
N ASP B 69 0.55 8.36 -11.45
CA ASP B 69 1.17 8.27 -12.77
C ASP B 69 2.59 8.84 -12.72
N GLU B 70 3.57 7.98 -12.93
CA GLU B 70 4.97 8.35 -12.82
C GLU B 70 5.58 8.83 -14.14
N ALA B 71 4.77 9.16 -15.13
CA ALA B 71 5.29 9.57 -16.43
C ALA B 71 6.17 10.81 -16.28
N TYR B 72 7.24 10.86 -17.07
CA TYR B 72 8.15 12.00 -16.98
C TYR B 72 7.48 13.28 -17.46
N ALA B 73 6.63 13.20 -18.47
CA ALA B 73 5.95 14.36 -19.02
C ALA B 73 4.47 14.06 -19.18
N GLY B 74 3.63 14.97 -18.73
CA GLY B 74 2.20 14.81 -18.95
C GLY B 74 1.54 13.82 -18.03
N SER B 75 2.05 13.66 -16.81
CA SER B 75 1.41 12.79 -15.83
C SER B 75 -0.05 13.18 -15.62
N ARG B 76 -0.92 12.16 -15.57
CA ARG B 76 -2.33 12.41 -15.33
C ARG B 76 -2.53 13.25 -14.09
N ASN B 77 -1.70 13.06 -13.07
CA ASN B 77 -1.82 13.78 -11.81
C ASN B 77 -1.40 15.23 -11.93
N TYR B 78 -0.52 15.57 -12.89
CA TYR B 78 -0.17 16.97 -13.11
C TYR B 78 -1.40 17.76 -13.53
N TYR B 79 -2.19 17.21 -14.47
CA TYR B 79 -3.40 17.90 -14.92
C TYR B 79 -4.45 17.97 -13.83
N ASP B 80 -4.57 16.91 -13.01
CA ASP B 80 -5.45 16.96 -11.86
C ASP B 80 -5.05 18.08 -10.92
N LEU B 81 -3.74 18.20 -10.65
CA LEU B 81 -3.23 19.24 -9.77
C LEU B 81 -3.47 20.63 -10.35
N LYS B 82 -3.28 20.78 -11.67
CA LYS B 82 -3.56 22.05 -12.32
C LYS B 82 -5.04 22.41 -12.21
N ASP B 83 -5.92 21.43 -12.42
CA ASP B 83 -7.35 21.67 -12.26
C ASP B 83 -7.70 22.00 -10.82
N LYS B 84 -7.05 21.36 -9.86
CA LYS B 84 -7.37 21.62 -8.46
C LYS B 84 -6.99 23.04 -8.06
N ALA B 85 -5.84 23.52 -8.54
CA ALA B 85 -5.42 24.89 -8.26
C ALA B 85 -6.39 25.89 -8.88
N LYS B 86 -6.88 25.59 -10.09
CA LYS B 86 -7.89 26.44 -10.70
C LYS B 86 -9.17 26.45 -9.88
N GLU B 87 -9.56 25.28 -9.34
CA GLU B 87 -10.78 25.20 -8.54
C GLU B 87 -10.64 25.95 -7.22
N LEU B 88 -9.52 25.76 -6.52
CA LEU B 88 -9.35 26.36 -5.20
C LEU B 88 -9.00 27.84 -5.27
N PHE B 89 -8.00 28.19 -6.07
CA PHE B 89 -7.46 29.55 -6.08
C PHE B 89 -7.87 30.40 -7.27
N ASN B 90 -8.41 29.79 -8.32
CA ASN B 90 -8.72 30.47 -9.59
C ASN B 90 -7.44 30.93 -10.30
N TYR B 91 -6.34 30.20 -10.14
CA TYR B 91 -5.08 30.51 -10.80
C TYR B 91 -4.87 29.57 -11.99
N ASP B 92 -4.30 30.11 -13.06
CA ASP B 92 -4.29 29.42 -14.36
C ASP B 92 -3.02 28.63 -14.63
N TYR B 93 -1.95 28.81 -13.86
CA TYR B 93 -0.67 28.17 -14.12
C TYR B 93 -0.14 27.54 -12.84
N ILE B 94 0.44 26.33 -12.95
CA ILE B 94 1.06 25.69 -11.80
C ILE B 94 2.44 25.16 -12.18
N ILE B 95 3.31 25.09 -11.17
CA ILE B 95 4.61 24.42 -11.29
C ILE B 95 4.81 23.64 -10.01
N PRO B 96 4.75 22.31 -10.03
CA PRO B 96 5.01 21.55 -8.81
C PRO B 96 6.46 21.71 -8.37
N ALA B 97 6.68 21.54 -7.08
CA ALA B 97 8.01 21.62 -6.49
C ALA B 97 8.13 20.54 -5.42
N HIS B 98 9.37 20.16 -5.12
CA HIS B 98 9.58 19.06 -4.18
C HIS B 98 9.21 19.45 -2.76
N GLN B 99 9.27 20.73 -2.43
CA GLN B 99 8.66 21.28 -1.21
C GLN B 99 8.71 22.80 -1.29
N GLY B 100 8.34 23.45 -0.18
CA GLY B 100 8.11 24.89 -0.20
C GLY B 100 9.33 25.71 -0.56
N ARG B 101 10.49 25.39 0.03
CA ARG B 101 11.69 26.13 -0.30
C ARG B 101 12.15 25.86 -1.73
N GLY B 102 11.79 24.71 -2.30
CA GLY B 102 11.99 24.52 -3.73
C GLY B 102 11.11 25.44 -4.54
N ALA B 103 9.86 25.63 -4.11
CA ALA B 103 8.97 26.56 -4.78
C ALA B 103 9.50 27.98 -4.71
N GLU B 104 10.08 28.36 -3.56
CA GLU B 104 10.66 29.70 -3.42
C GLU B 104 11.91 29.85 -4.29
N ASN B 105 12.71 28.79 -4.39
CA ASN B 105 13.89 28.85 -5.25
C ASN B 105 13.49 28.96 -6.72
N ILE B 106 12.31 28.45 -7.08
CA ILE B 106 11.83 28.56 -8.46
C ILE B 106 11.37 29.99 -8.74
N LEU B 107 10.56 30.56 -7.85
CA LEU B 107 9.82 31.77 -8.16
C LEU B 107 10.59 33.04 -7.84
N PHE B 108 11.27 33.10 -6.68
CA PHE B 108 11.83 34.37 -6.19
C PHE B 108 12.96 34.89 -7.07
N PRO B 109 13.92 34.07 -7.51
CA PRO B 109 14.91 34.60 -8.46
C PRO B 109 14.29 35.05 -9.77
N VAL B 110 13.18 34.44 -10.18
CA VAL B 110 12.51 34.83 -11.41
C VAL B 110 11.81 36.18 -11.23
N LEU B 111 11.23 36.42 -10.06
CA LEU B 111 10.64 37.72 -9.79
C LEU B 111 11.70 38.81 -9.76
N LEU B 112 12.89 38.48 -9.25
CA LEU B 112 13.97 39.46 -9.25
C LEU B 112 14.38 39.79 -10.67
N LYS B 113 14.60 38.76 -11.50
CA LYS B 113 14.94 38.99 -12.91
C LYS B 113 13.84 39.74 -13.64
N TYR B 114 12.58 39.43 -13.34
CA TYR B 114 11.46 40.10 -13.98
C TYR B 114 11.37 41.57 -13.59
N LYS B 115 11.63 41.87 -12.31
CA LYS B 115 11.61 43.28 -11.89
C LYS B 115 12.76 44.06 -12.50
N GLN B 116 13.93 43.43 -12.64
CA GLN B 116 15.13 44.06 -13.18
C GLN B 116 15.12 44.21 -14.69
N LYS B 117 14.28 43.44 -15.40
CA LYS B 117 14.40 43.37 -16.86
C LYS B 117 14.29 44.74 -17.53
N GLU B 118 13.52 45.66 -16.94
CA GLU B 118 13.38 46.99 -17.49
C GLU B 118 14.32 48.02 -16.83
N GLY B 119 15.28 47.58 -16.04
CA GLY B 119 16.17 48.52 -15.38
C GLY B 119 15.82 48.94 -13.97
N LYS B 120 14.98 48.20 -13.25
CA LYS B 120 14.59 48.52 -11.89
C LYS B 120 15.31 47.59 -10.90
N ALA B 121 14.83 47.56 -9.64
CA ALA B 121 15.32 46.65 -8.61
C ALA B 121 16.83 46.82 -8.36
N LYS B 122 17.24 48.09 -8.26
CA LYS B 122 18.65 48.43 -8.05
C LYS B 122 19.11 48.11 -6.63
N ASN B 123 18.27 48.43 -5.65
CA ASN B 123 18.50 48.07 -4.25
C ASN B 123 17.26 47.28 -3.85
N PRO B 124 17.19 46.03 -4.31
CA PRO B 124 15.91 45.32 -4.26
C PRO B 124 15.60 44.84 -2.85
N VAL B 125 14.31 44.88 -2.51
CA VAL B 125 13.83 44.42 -1.22
C VAL B 125 12.60 43.56 -1.44
N PHE B 126 12.34 42.68 -0.48
CA PHE B 126 11.08 41.98 -0.34
C PHE B 126 10.43 42.44 0.95
N ILE B 127 9.11 42.62 0.92
CA ILE B 127 8.34 43.09 2.06
C ILE B 127 7.32 42.03 2.41
N SER B 128 7.24 41.69 3.69
CA SER B 128 6.30 40.69 4.14
C SER B 128 5.78 41.07 5.53
N ASN B 129 4.61 40.53 5.87
CA ASN B 129 4.18 40.58 7.26
C ASN B 129 5.22 39.88 8.12
N PHE B 130 5.70 38.71 7.68
CA PHE B 130 6.94 38.15 8.19
C PHE B 130 7.44 37.06 7.24
N HIS B 131 8.68 37.19 6.78
CA HIS B 131 9.30 36.12 5.98
C HIS B 131 9.58 34.90 6.85
N PHE B 132 9.21 33.72 6.35
CA PHE B 132 9.69 32.50 6.96
C PHE B 132 11.21 32.39 6.74
N ASP B 133 11.84 31.52 7.55
CA ASP B 133 13.29 31.42 7.55
C ASP B 133 13.85 31.09 6.17
N THR B 134 13.35 30.04 5.53
CA THR B 134 13.85 29.70 4.20
C THR B 134 13.44 30.74 3.17
N THR B 135 12.25 31.33 3.34
CA THR B 135 11.82 32.40 2.44
C THR B 135 12.79 33.57 2.49
N ALA B 136 13.11 34.05 3.70
CA ALA B 136 14.08 35.13 3.87
C ALA B 136 15.45 34.70 3.38
N ALA B 137 15.80 33.42 3.53
CA ALA B 137 17.10 32.94 3.06
C ALA B 137 17.22 33.08 1.54
N HIS B 138 16.18 32.71 0.80
CA HIS B 138 16.23 32.84 -0.65
C HIS B 138 16.18 34.29 -1.07
N VAL B 139 15.51 35.14 -0.30
CA VAL B 139 15.55 36.58 -0.56
C VAL B 139 16.98 37.08 -0.47
N GLU B 140 17.69 36.70 0.60
CA GLU B 140 19.05 37.18 0.84
C GLU B 140 20.09 36.47 -0.02
N LEU B 141 19.86 35.20 -0.37
CA LEU B 141 20.80 34.49 -1.24
C LEU B 141 20.83 35.10 -2.65
N ASN B 142 19.74 35.77 -3.06
CA ASN B 142 19.67 36.43 -4.36
C ASN B 142 20.01 37.91 -4.27
N GLY B 143 20.65 38.35 -3.18
CA GLY B 143 21.11 39.71 -3.04
C GLY B 143 20.06 40.73 -2.65
N CYS B 144 18.94 40.31 -2.06
CA CYS B 144 17.88 41.21 -1.68
C CYS B 144 17.76 41.30 -0.16
N LYS B 145 17.11 42.39 0.29
CA LYS B 145 16.81 42.61 1.70
C LYS B 145 15.41 42.11 2.01
N ALA B 146 15.27 41.38 3.12
CA ALA B 146 14.00 40.84 3.56
C ALA B 146 13.45 41.72 4.68
N ILE B 147 12.37 42.44 4.40
CA ILE B 147 11.77 43.36 5.36
C ILE B 147 10.50 42.74 5.91
N ASN B 148 10.41 42.68 7.24
CA ASN B 148 9.25 42.16 7.94
C ASN B 148 8.53 43.30 8.65
N ILE B 149 7.23 43.41 8.42
CA ILE B 149 6.44 44.49 9.00
C ILE B 149 5.15 43.94 9.62
N VAL B 150 5.29 42.98 10.53
CA VAL B 150 4.10 42.42 11.18
C VAL B 150 3.45 43.46 12.08
N THR B 151 2.14 43.34 12.28
CA THR B 151 1.42 44.27 13.13
C THR B 151 2.03 44.29 14.54
N GLU B 152 1.94 45.46 15.20
CA GLU B 152 2.48 45.57 16.56
C GLU B 152 1.72 44.70 17.55
N LYS B 153 0.48 44.30 17.23
CA LYS B 153 -0.31 43.46 18.11
C LYS B 153 0.37 42.12 18.38
N ALA B 154 1.28 41.69 17.50
CA ALA B 154 1.96 40.41 17.66
C ALA B 154 3.04 40.43 18.73
N PHE B 155 3.52 41.61 19.12
CA PHE B 155 4.59 41.69 20.10
C PHE B 155 4.10 41.70 21.53
N ASP B 156 2.80 41.90 21.77
CA ASP B 156 2.22 41.73 23.09
C ASP B 156 1.72 40.30 23.18
N SER B 157 2.55 39.41 23.72
CA SER B 157 2.38 37.98 23.50
C SER B 157 1.12 37.43 24.17
N GLU B 158 0.83 37.84 25.41
CA GLU B 158 -0.28 37.25 26.16
C GLU B 158 -1.58 38.03 26.03
N THR B 159 -1.59 39.13 25.28
CA THR B 159 -2.80 39.93 25.07
C THR B 159 -3.51 39.47 23.80
N TYR B 160 -4.79 39.14 23.93
CA TYR B 160 -5.54 38.62 22.78
C TYR B 160 -5.69 39.66 21.69
N ASP B 161 -5.60 39.21 20.44
CA ASP B 161 -6.02 39.97 19.27
C ASP B 161 -6.44 38.99 18.18
N ASP B 162 -7.36 39.43 17.32
CA ASP B 162 -7.91 38.54 16.29
C ASP B 162 -6.91 38.23 15.18
N TRP B 163 -6.05 39.19 14.82
CA TRP B 163 -5.24 39.11 13.60
C TRP B 163 -3.79 39.48 13.90
N LYS B 164 -3.12 38.68 14.74
CA LYS B 164 -1.73 38.97 15.07
C LYS B 164 -0.76 38.73 13.92
N GLY B 165 -1.22 38.20 12.78
CA GLY B 165 -0.38 38.06 11.62
C GLY B 165 -0.47 39.18 10.61
N ASP B 166 -1.27 40.21 10.90
CA ASP B 166 -1.55 41.27 9.95
C ASP B 166 -0.28 42.02 9.57
N PHE B 167 -0.26 42.50 8.33
CA PHE B 167 0.66 43.55 7.94
C PHE B 167 0.38 44.81 8.77
N ASP B 168 1.43 45.56 9.06
CA ASP B 168 1.28 46.95 9.50
C ASP B 168 1.16 47.82 8.26
N ILE B 169 -0.07 48.27 7.97
CA ILE B 169 -0.32 49.02 6.73
C ILE B 169 0.49 50.32 6.71
N LYS B 170 0.61 50.99 7.86
CA LYS B 170 1.40 52.21 7.92
C LYS B 170 2.85 51.96 7.51
N LYS B 171 3.46 50.91 8.07
CA LYS B 171 4.84 50.58 7.73
C LYS B 171 4.99 50.14 6.29
N LEU B 172 3.95 49.53 5.70
CA LEU B 172 4.02 49.14 4.31
C LEU B 172 4.15 50.36 3.41
N LYS B 173 3.27 51.35 3.61
CA LYS B 173 3.36 52.59 2.87
C LYS B 173 4.67 53.32 3.15
N GLU B 174 5.19 53.20 4.37
CA GLU B 174 6.44 53.87 4.71
C GLU B 174 7.60 53.28 3.90
N ASN B 175 7.68 51.94 3.82
CA ASN B 175 8.75 51.28 3.08
C ASN B 175 8.62 51.51 1.58
N ILE B 176 7.40 51.62 1.06
CA ILE B 176 7.22 51.90 -0.36
C ILE B 176 7.77 53.28 -0.69
N ALA B 177 7.51 54.26 0.20
CA ALA B 177 8.07 55.60 -0.01
C ALA B 177 9.58 55.60 0.20
N GLN B 178 10.06 54.87 1.20
CA GLN B 178 11.49 54.87 1.51
C GLN B 178 12.30 54.18 0.41
N HIS B 179 11.85 53.01 -0.03
CA HIS B 179 12.59 52.26 -1.03
C HIS B 179 12.14 52.54 -2.45
N GLY B 180 10.90 53.00 -2.64
CA GLY B 180 10.40 53.20 -3.98
C GLY B 180 9.78 51.94 -4.55
N ALA B 181 8.67 52.07 -5.27
CA ALA B 181 8.01 50.90 -5.82
C ALA B 181 8.88 50.16 -6.83
N ASP B 182 9.86 50.82 -7.43
CA ASP B 182 10.74 50.16 -8.40
C ASP B 182 11.71 49.21 -7.73
N ASN B 183 12.02 49.40 -6.44
CA ASN B 183 12.92 48.50 -5.72
C ASN B 183 12.20 47.37 -4.98
N ILE B 184 10.87 47.37 -4.92
CA ILE B 184 10.14 46.32 -4.23
C ILE B 184 9.88 45.20 -5.25
N VAL B 185 10.70 44.16 -5.18
CA VAL B 185 10.55 43.03 -6.10
C VAL B 185 9.20 42.38 -5.89
N ALA B 186 8.81 42.15 -4.64
CA ALA B 186 7.53 41.55 -4.36
C ALA B 186 7.13 41.76 -2.91
N ILE B 187 5.83 41.74 -2.67
CA ILE B 187 5.26 41.67 -1.34
C ILE B 187 4.83 40.22 -1.09
N VAL B 188 5.28 39.65 0.03
CA VAL B 188 4.94 38.27 0.38
C VAL B 188 3.97 38.30 1.55
N SER B 189 2.72 37.91 1.30
CA SER B 189 1.72 37.76 2.36
C SER B 189 1.75 36.33 2.88
N THR B 190 2.23 36.14 4.11
CA THR B 190 2.35 34.82 4.72
C THR B 190 1.09 34.48 5.50
N VAL B 191 0.41 33.40 5.11
CA VAL B 191 -0.86 32.98 5.74
C VAL B 191 -0.78 31.49 6.09
N THR B 192 -0.97 31.15 7.36
CA THR B 192 -0.92 32.08 8.49
C THR B 192 0.49 32.65 8.58
N CYS B 193 0.68 33.66 9.42
CA CYS B 193 2.01 34.24 9.59
C CYS B 193 2.78 33.33 10.54
N ASN B 194 3.65 32.50 9.97
CA ASN B 194 4.37 31.49 10.74
C ASN B 194 5.23 32.15 11.82
N SER B 195 6.02 33.14 11.44
CA SER B 195 7.00 33.72 12.35
C SER B 195 6.35 34.57 13.44
N ALA B 196 5.11 34.99 13.26
CA ALA B 196 4.33 35.55 14.35
C ALA B 196 3.68 34.47 15.21
N GLY B 197 3.91 33.20 14.91
CA GLY B 197 3.37 32.11 15.67
C GLY B 197 2.18 31.41 15.05
N GLY B 198 2.05 31.44 13.73
CA GLY B 198 0.89 30.84 13.10
C GLY B 198 -0.38 31.63 13.30
N GLN B 199 -0.27 32.95 13.47
CA GLN B 199 -1.39 33.85 13.72
C GLN B 199 -2.00 34.33 12.41
N PRO B 200 -3.32 34.41 12.33
CA PRO B 200 -3.97 34.67 11.04
C PRO B 200 -3.82 36.11 10.56
N VAL B 201 -3.97 36.25 9.24
CA VAL B 201 -4.05 37.54 8.56
C VAL B 201 -5.50 37.75 8.15
N SER B 202 -6.03 38.93 8.41
CA SER B 202 -7.44 39.17 8.13
C SER B 202 -7.67 39.35 6.64
N MET B 203 -8.91 39.07 6.21
CA MET B 203 -9.28 39.25 4.82
C MET B 203 -9.14 40.72 4.41
N SER B 204 -9.56 41.64 5.29
CA SER B 204 -9.47 43.05 4.95
C SER B 204 -8.01 43.53 4.91
N ASN B 205 -7.15 42.96 5.76
CA ASN B 205 -5.73 43.29 5.69
C ASN B 205 -5.11 42.79 4.38
N LEU B 206 -5.41 41.55 3.98
CA LEU B 206 -4.92 41.04 2.70
C LEU B 206 -5.44 41.88 1.55
N LYS B 207 -6.71 42.32 1.64
CA LYS B 207 -7.30 43.14 0.58
C LYS B 207 -6.60 44.49 0.47
N GLU B 208 -6.37 45.14 1.62
CA GLU B 208 -5.73 46.46 1.59
C GLU B 208 -4.29 46.36 1.09
N VAL B 209 -3.57 45.31 1.50
CA VAL B 209 -2.20 45.12 1.05
C VAL B 209 -2.16 44.97 -0.46
N TYR B 210 -3.10 44.21 -1.02
CA TYR B 210 -3.12 44.00 -2.47
C TYR B 210 -3.46 45.29 -3.21
N GLU B 211 -4.44 46.05 -2.71
CA GLU B 211 -4.80 47.32 -3.33
C GLU B 211 -3.63 48.28 -3.32
N ILE B 212 -2.88 48.33 -2.21
CA ILE B 212 -1.68 49.16 -2.17
C ILE B 212 -0.67 48.68 -3.21
N ALA B 213 -0.52 47.36 -3.34
CA ALA B 213 0.46 46.82 -4.26
C ALA B 213 0.07 47.06 -5.72
N LYS B 214 -1.22 47.02 -6.03
CA LYS B 214 -1.64 47.24 -7.42
C LYS B 214 -1.50 48.70 -7.84
N GLN B 215 -1.79 49.65 -6.96
CA GLN B 215 -1.59 51.05 -7.33
C GLN B 215 -0.11 51.38 -7.56
N HIS B 216 0.81 50.62 -6.98
CA HIS B 216 2.24 50.84 -7.22
C HIS B 216 2.84 49.81 -8.20
N GLY B 217 2.03 48.94 -8.77
CA GLY B 217 2.53 47.93 -9.71
C GLY B 217 3.48 46.92 -9.11
N ILE B 218 3.22 46.50 -7.86
CA ILE B 218 4.08 45.57 -7.13
C ILE B 218 3.44 44.18 -7.15
N PHE B 219 4.26 43.17 -7.39
CA PHE B 219 3.80 41.78 -7.43
C PHE B 219 3.57 41.24 -6.02
N VAL B 220 2.49 40.48 -5.84
CA VAL B 220 2.12 39.92 -4.55
C VAL B 220 2.21 38.39 -4.62
N VAL B 221 2.97 37.80 -3.69
CA VAL B 221 3.09 36.35 -3.54
C VAL B 221 2.45 35.96 -2.21
N MET B 222 1.57 34.97 -2.24
CA MET B 222 0.95 34.44 -1.02
C MET B 222 1.75 33.21 -0.57
N ASP B 223 2.50 33.35 0.51
CA ASP B 223 3.12 32.18 1.11
C ASP B 223 2.04 31.37 1.82
N SER B 224 1.71 30.21 1.25
CA SER B 224 0.45 29.52 1.54
C SER B 224 0.64 28.21 2.30
N ALA B 225 1.73 28.05 3.02
CA ALA B 225 1.93 26.81 3.76
C ALA B 225 0.72 26.48 4.61
N ARG B 226 0.15 27.47 5.30
CA ARG B 226 -0.96 27.19 6.19
C ARG B 226 -2.19 28.02 5.82
N PHE B 227 -2.52 28.02 4.53
CA PHE B 227 -3.63 28.84 4.03
C PHE B 227 -4.98 28.33 4.49
N CYS B 228 -5.09 27.05 4.85
CA CYS B 228 -6.36 26.54 5.33
C CYS B 228 -6.60 26.92 6.78
N GLU B 229 -5.55 26.89 7.61
CA GLU B 229 -5.70 27.35 8.99
C GLU B 229 -6.01 28.85 9.03
N ASN B 230 -5.43 29.63 8.10
CA ASN B 230 -5.77 31.05 8.02
C ASN B 230 -7.23 31.22 7.62
N ALA B 231 -7.71 30.39 6.70
CA ALA B 231 -9.09 30.49 6.26
C ALA B 231 -10.06 30.14 7.38
N TYR B 232 -9.73 29.13 8.20
CA TYR B 232 -10.59 28.80 9.32
C TYR B 232 -10.70 29.97 10.27
N PHE B 233 -9.57 30.59 10.61
CA PHE B 233 -9.58 31.75 11.50
C PHE B 233 -10.42 32.88 10.94
N ILE B 234 -10.35 33.12 9.63
CA ILE B 234 -11.18 34.14 9.02
C ILE B 234 -12.66 33.82 9.20
N LYS B 235 -13.06 32.57 8.99
CA LYS B 235 -14.45 32.21 9.23
C LYS B 235 -14.82 32.30 10.71
N ALA B 236 -13.88 31.98 11.61
CA ALA B 236 -14.21 31.96 13.04
C ALA B 236 -14.30 33.35 13.65
N ARG B 237 -13.59 34.34 13.09
CA ARG B 237 -13.44 35.63 13.75
C ARG B 237 -13.92 36.82 12.93
N ASP B 238 -14.17 36.65 11.64
CA ASP B 238 -14.66 37.72 10.79
C ASP B 238 -16.15 37.53 10.57
N PRO B 239 -17.00 38.46 11.02
CA PRO B 239 -18.45 38.27 10.85
C PRO B 239 -18.90 38.22 9.40
N LYS B 240 -18.16 38.83 8.48
CA LYS B 240 -18.56 38.80 7.08
C LYS B 240 -18.59 37.37 6.55
N TYR B 241 -17.70 36.51 7.03
CA TYR B 241 -17.57 35.15 6.53
C TYR B 241 -18.14 34.13 7.50
N LYS B 242 -19.00 34.56 8.43
CA LYS B 242 -19.54 33.66 9.44
C LYS B 242 -20.29 32.49 8.82
N ASN B 243 -20.92 32.70 7.68
CA ASN B 243 -21.72 31.66 7.02
C ASN B 243 -21.11 31.19 5.71
N ALA B 244 -19.83 31.45 5.50
CA ALA B 244 -19.15 31.01 4.28
C ALA B 244 -18.50 29.65 4.46
N THR B 245 -18.36 28.92 3.36
CA THR B 245 -17.58 27.70 3.41
C THR B 245 -16.09 28.03 3.43
N ILE B 246 -15.29 27.07 3.90
CA ILE B 246 -13.85 27.26 3.92
C ILE B 246 -13.34 27.54 2.51
N LYS B 247 -13.87 26.81 1.52
CA LYS B 247 -13.43 27.02 0.14
C LYS B 247 -13.80 28.42 -0.32
N GLU B 248 -14.95 28.94 0.10
CA GLU B 248 -15.31 30.29 -0.28
C GLU B 248 -14.37 31.31 0.37
N VAL B 249 -13.96 31.07 1.61
CA VAL B 249 -12.98 31.94 2.24
C VAL B 249 -11.65 31.89 1.48
N ILE B 250 -11.19 30.68 1.16
CA ILE B 250 -9.95 30.53 0.40
C ILE B 250 -10.02 31.28 -0.92
N PHE B 251 -11.13 31.11 -1.65
CA PHE B 251 -11.27 31.75 -2.95
C PHE B 251 -11.16 33.26 -2.84
N ASP B 252 -11.73 33.85 -1.78
CA ASP B 252 -11.62 35.29 -1.61
C ASP B 252 -10.19 35.70 -1.25
N MET B 253 -9.51 34.89 -0.43
CA MET B 253 -8.14 35.22 -0.03
C MET B 253 -7.24 35.42 -1.25
N TYR B 254 -7.39 34.58 -2.27
CA TYR B 254 -6.46 34.56 -3.40
C TYR B 254 -6.87 35.51 -4.51
N LYS B 255 -7.98 36.24 -4.35
CA LYS B 255 -8.19 37.45 -5.12
C LYS B 255 -7.18 38.54 -4.79
N TYR B 256 -6.45 38.41 -3.68
CA TYR B 256 -5.55 39.45 -3.21
C TYR B 256 -4.09 39.01 -3.30
N ALA B 257 -3.75 38.24 -4.34
CA ALA B 257 -2.37 37.92 -4.65
C ALA B 257 -2.24 37.66 -6.15
N ASP B 258 -1.00 37.64 -6.63
CA ASP B 258 -0.72 37.36 -8.04
C ASP B 258 -0.18 35.95 -8.27
N ALA B 259 0.28 35.28 -7.22
CA ALA B 259 0.86 33.94 -7.29
C ALA B 259 0.94 33.42 -5.86
N LEU B 260 1.29 32.13 -5.73
CA LEU B 260 1.48 31.54 -4.42
C LEU B 260 2.66 30.57 -4.46
N THR B 261 3.40 30.52 -3.36
CA THR B 261 4.34 29.45 -3.05
C THR B 261 3.78 28.71 -1.85
N MET B 262 3.83 27.38 -1.90
CA MET B 262 3.17 26.57 -0.89
C MET B 262 4.06 25.39 -0.52
N SER B 263 4.23 25.16 0.78
CA SER B 263 4.71 23.87 1.27
C SER B 263 3.52 22.94 1.41
N ALA B 264 3.44 21.93 0.56
CA ALA B 264 2.35 20.96 0.72
C ALA B 264 2.56 20.06 1.93
N LYS B 265 3.69 20.20 2.62
CA LYS B 265 4.03 19.40 3.78
C LYS B 265 3.29 19.87 5.01
N ASP B 267 -0.42 22.32 5.47
CA ASP B 267 -1.89 22.15 5.43
C ASP B 267 -2.43 21.14 4.42
N PRO B 268 -1.81 20.95 3.25
CA PRO B 268 -2.27 19.89 2.35
C PRO B 268 -2.06 18.47 2.88
N LEU B 269 -1.52 18.30 4.08
CA LEU B 269 -1.51 17.00 4.78
C LEU B 269 -0.60 15.98 4.08
N LEU B 270 0.58 16.41 3.64
CA LEU B 270 1.52 15.53 2.98
C LEU B 270 2.79 15.38 3.81
N ASN B 271 3.61 14.42 3.39
CA ASN B 271 4.94 14.20 3.95
C ASN B 271 6.03 14.83 3.11
N ILE B 272 5.71 15.25 1.90
CA ILE B 272 6.66 15.87 0.98
C ILE B 272 5.83 16.62 -0.05
N GLY B 273 6.42 17.61 -0.70
CA GLY B 273 5.72 18.31 -1.75
C GLY B 273 5.59 19.81 -1.57
N GLY B 274 5.58 20.52 -2.71
CA GLY B 274 5.43 21.96 -2.76
C GLY B 274 4.77 22.35 -4.06
N LEU B 275 4.44 23.64 -4.18
CA LEU B 275 3.67 24.12 -5.31
C LEU B 275 3.92 25.60 -5.56
N VAL B 276 4.15 25.95 -6.82
CA VAL B 276 4.03 27.32 -7.30
C VAL B 276 2.77 27.38 -8.15
N ALA B 277 1.94 28.38 -7.90
CA ALA B 277 0.83 28.67 -8.79
C ALA B 277 0.85 30.15 -9.12
N ILE B 278 0.49 30.48 -10.36
CA ILE B 278 0.53 31.85 -10.85
C ILE B 278 -0.85 32.18 -11.41
N ARG B 279 -1.38 33.34 -11.01
CA ARG B 279 -2.76 33.70 -11.35
C ARG B 279 -2.94 33.81 -12.86
N ASP B 280 -2.21 34.74 -13.49
CA ASP B 280 -2.39 34.96 -14.91
C ASP B 280 -1.17 35.54 -15.63
N ASN B 281 -0.06 35.79 -14.94
CA ASN B 281 1.12 36.36 -15.58
C ASN B 281 1.88 35.25 -16.31
N GLU B 282 1.60 35.12 -17.61
CA GLU B 282 2.18 34.03 -18.39
C GLU B 282 3.69 34.18 -18.54
N GLU B 283 4.20 35.41 -18.51
CA GLU B 283 5.64 35.63 -18.66
C GLU B 283 6.40 35.10 -17.45
N ILE B 284 5.94 35.43 -16.25
CA ILE B 284 6.55 34.89 -15.03
C ILE B 284 6.43 33.37 -15.00
N PHE B 285 5.30 32.84 -15.47
CA PHE B 285 5.12 31.39 -15.52
C PHE B 285 6.18 30.76 -16.41
N THR B 286 6.44 31.36 -17.57
CA THR B 286 7.45 30.81 -18.48
C THR B 286 8.85 30.92 -17.88
N LEU B 287 9.16 32.04 -17.21
CA LEU B 287 10.48 32.20 -16.61
C LEU B 287 10.67 31.25 -15.42
N ALA B 288 9.63 31.05 -14.62
CA ALA B 288 9.74 30.13 -13.49
C ALA B 288 9.89 28.69 -13.98
N ARG B 289 9.26 28.36 -15.11
CA ARG B 289 9.45 27.04 -15.70
C ARG B 289 10.89 26.85 -16.14
N GLN B 290 11.50 27.89 -16.70
CA GLN B 290 12.89 27.78 -17.14
C GLN B 290 13.82 27.50 -15.99
N ARG B 291 13.56 28.10 -14.83
CA ARG B 291 14.42 27.84 -13.67
C ARG B 291 14.09 26.50 -13.02
N CYS B 292 12.84 26.04 -13.11
CA CYS B 292 12.44 24.79 -12.48
C CYS B 292 13.23 23.59 -13.00
N VAL B 293 13.51 23.55 -14.30
CA VAL B 293 14.07 22.36 -14.93
C VAL B 293 15.43 22.00 -14.32
N PRO B 294 16.44 22.89 -14.30
CA PRO B 294 17.71 22.49 -13.66
C PRO B 294 17.63 22.40 -12.16
N MET B 295 16.71 23.12 -11.53
CA MET B 295 16.71 23.19 -10.07
C MET B 295 15.88 22.08 -9.43
N GLU B 296 14.71 21.77 -10.00
CA GLU B 296 13.80 20.83 -9.37
C GLU B 296 13.54 19.60 -10.23
N GLY B 297 13.35 19.78 -11.52
CA GLY B 297 13.00 18.69 -12.42
C GLY B 297 12.12 19.23 -13.54
N PHE B 298 11.69 18.30 -14.40
CA PHE B 298 10.84 18.71 -15.51
C PHE B 298 9.52 19.29 -14.98
N VAL B 299 8.92 20.16 -15.78
CA VAL B 299 7.88 21.07 -15.29
C VAL B 299 6.54 20.40 -15.01
N THR B 300 6.33 19.15 -15.41
CA THR B 300 5.09 18.46 -15.09
C THR B 300 5.22 17.54 -13.88
N TYR B 301 6.36 17.53 -13.21
CA TYR B 301 6.48 16.85 -11.93
C TYR B 301 7.34 17.58 -10.92
N GLY B 302 8.28 18.43 -11.36
CA GLY B 302 8.97 19.37 -10.49
C GLY B 302 9.66 18.77 -9.29
N GLY B 303 10.35 17.65 -9.46
CA GLY B 303 10.99 17.01 -8.33
C GLY B 303 10.06 16.24 -7.43
N LEU B 304 8.84 15.96 -7.89
CA LEU B 304 7.91 15.11 -7.16
C LEU B 304 7.67 13.83 -7.93
N ALA B 305 7.54 12.73 -7.20
CA ALA B 305 6.98 11.52 -7.78
C ALA B 305 5.51 11.76 -8.14
N GLY B 306 5.05 11.09 -9.19
CA GLY B 306 3.64 11.19 -9.54
C GLY B 306 2.72 10.89 -8.38
N ARG B 307 3.05 9.87 -7.59
CA ARG B 307 2.22 9.51 -6.44
C ARG B 307 2.10 10.65 -5.45
N ASP B 308 3.12 11.51 -5.36
CA ASP B 308 3.04 12.65 -4.45
C ASP B 308 2.20 13.78 -5.02
N MET B 309 2.21 14.00 -6.34
CA MET B 309 1.25 14.93 -6.90
C MET B 309 -0.17 14.42 -6.72
N ALA B 310 -0.36 13.09 -6.84
CA ALA B 310 -1.68 12.49 -6.59
C ALA B 310 -2.13 12.73 -5.15
N ALA B 311 -1.24 12.49 -4.18
CA ALA B 311 -1.61 12.73 -2.79
C ALA B 311 -1.90 14.20 -2.53
N MET B 312 -1.19 15.10 -3.24
CA MET B 312 -1.40 16.53 -3.03
C MET B 312 -2.78 16.95 -3.51
N VAL B 313 -3.24 16.38 -4.63
CA VAL B 313 -4.59 16.71 -5.10
C VAL B 313 -5.62 16.35 -4.04
N GLN B 314 -5.54 15.14 -3.50
CA GLN B 314 -6.50 14.71 -2.48
C GLN B 314 -6.33 15.49 -1.19
N GLY B 315 -5.08 15.72 -0.77
CA GLY B 315 -4.85 16.44 0.47
C GLY B 315 -5.27 17.90 0.42
N LEU B 316 -5.14 18.53 -0.75
CA LEU B 316 -5.64 19.90 -0.89
C LEU B 316 -7.13 19.95 -0.61
N GLU B 317 -7.86 18.92 -1.04
CA GLU B 317 -9.29 18.85 -0.73
C GLU B 317 -9.52 18.61 0.76
N GLU B 318 -8.82 17.62 1.34
CA GLU B 318 -9.04 17.27 2.73
C GLU B 318 -8.62 18.40 3.67
N GLY B 319 -7.60 19.16 3.29
CA GLY B 319 -7.12 20.24 4.12
C GLY B 319 -8.09 21.39 4.27
N THR B 320 -9.10 21.46 3.41
CA THR B 320 -10.11 22.52 3.48
C THR B 320 -11.35 22.12 4.28
N GLU B 321 -11.42 20.89 4.79
CA GLU B 321 -12.65 20.42 5.42
C GLU B 321 -12.78 21.05 6.80
N GLU B 322 -13.86 21.80 7.01
CA GLU B 322 -14.00 22.60 8.22
C GLU B 322 -13.99 21.74 9.48
N GLU B 323 -14.64 20.57 9.44
CA GLU B 323 -14.67 19.70 10.62
C GLU B 323 -13.27 19.28 11.04
N TYR B 324 -12.42 18.93 10.07
CA TYR B 324 -11.04 18.61 10.40
C TYR B 324 -10.30 19.84 10.92
N LEU B 325 -10.49 20.99 10.26
CA LEU B 325 -9.82 22.21 10.71
C LEU B 325 -10.25 22.59 12.11
N HIS B 326 -11.54 22.43 12.42
CA HIS B 326 -12.03 22.73 13.76
C HIS B 326 -11.36 21.85 14.80
N TYR B 327 -11.25 20.54 14.51
CA TYR B 327 -10.57 19.61 15.41
C TYR B 327 -9.08 19.91 15.49
N ARG B 328 -8.43 20.13 14.35
CA ARG B 328 -6.98 20.33 14.35
C ARG B 328 -6.60 21.56 15.16
N ILE B 329 -7.16 22.72 14.77
CA ILE B 329 -6.85 23.96 15.47
C ILE B 329 -7.34 23.90 16.91
N GLY B 330 -8.45 23.21 17.16
CA GLY B 330 -8.93 23.04 18.52
C GLY B 330 -7.99 22.22 19.39
N GLN B 331 -7.32 21.23 18.80
CA GLN B 331 -6.36 20.45 19.57
C GLN B 331 -5.17 21.31 20.00
N VAL B 332 -4.72 22.20 19.13
CA VAL B 332 -3.65 23.10 19.51
C VAL B 332 -4.12 24.02 20.63
N LYS B 333 -5.35 24.54 20.51
CA LYS B 333 -5.90 25.39 21.55
C LYS B 333 -6.05 24.63 22.86
N TYR B 334 -6.42 23.35 22.79
CA TYR B 334 -6.55 22.54 23.99
C TYR B 334 -5.22 22.43 24.72
N LEU B 335 -4.14 22.16 23.98
CA LEU B 335 -2.83 22.10 24.61
C LEU B 335 -2.47 23.44 25.25
N GLY B 336 -2.72 24.54 24.54
CA GLY B 336 -2.44 25.85 25.09
C GLY B 336 -3.27 26.14 26.34
N ASP B 337 -4.55 25.80 26.32
CA ASP B 337 -5.42 26.05 27.47
C ASP B 337 -5.02 25.21 28.66
N ARG B 338 -4.53 24.00 28.43
CA ARG B 338 -3.96 23.20 29.51
C ARG B 338 -2.79 23.92 30.18
N LEU B 339 -1.90 24.50 29.37
CA LEU B 339 -0.74 25.18 29.93
C LEU B 339 -1.17 26.48 30.64
N ARG B 340 -2.04 27.27 30.01
CA ARG B 340 -2.48 28.53 30.60
C ARG B 340 -3.18 28.32 31.95
N GLU B 341 -4.05 27.31 32.04
CA GLU B 341 -4.75 27.03 33.29
C GLU B 341 -3.82 26.55 34.39
N ALA B 342 -2.62 26.11 34.04
CA ALA B 342 -1.61 25.74 35.02
C ALA B 342 -0.65 26.90 35.29
N GLY B 343 -0.93 28.08 34.74
CA GLY B 343 -0.08 29.23 34.97
C GLY B 343 1.13 29.32 34.06
N ILE B 344 1.22 28.45 33.05
CA ILE B 344 2.33 28.48 32.11
C ILE B 344 2.07 29.60 31.11
N PRO B 345 2.98 30.57 30.97
CA PRO B 345 2.74 31.67 30.02
C PRO B 345 2.98 31.21 28.59
N ILE B 346 2.02 31.50 27.72
CA ILE B 346 2.10 31.13 26.31
C ILE B 346 1.73 32.35 25.47
N GLN B 347 2.04 32.27 24.18
CA GLN B 347 1.46 33.22 23.25
C GLN B 347 -0.03 32.93 23.12
N TYR B 348 -0.84 33.97 23.24
CA TYR B 348 -2.29 33.82 23.27
C TYR B 348 -2.92 34.87 22.35
N PRO B 349 -3.87 34.49 21.50
CA PRO B 349 -4.40 33.12 21.38
C PRO B 349 -3.41 32.20 20.68
N THR B 350 -3.57 30.89 20.85
CA THR B 350 -2.72 29.95 20.15
C THR B 350 -2.95 30.07 18.65
N GLY B 351 -1.87 29.92 17.89
CA GLY B 351 -1.98 29.88 16.45
C GLY B 351 -2.57 28.56 15.97
N GLY B 352 -2.46 28.35 14.67
CA GLY B 352 -3.11 27.21 14.06
C GLY B 352 -2.37 25.89 14.20
N HIS B 353 -1.06 25.92 14.43
CA HIS B 353 -0.24 24.73 14.31
C HIS B 353 0.72 24.50 15.46
N ALA B 354 0.86 25.44 16.38
CA ALA B 354 1.87 25.33 17.42
C ALA B 354 1.50 26.19 18.61
N VAL B 355 1.97 25.76 19.78
CA VAL B 355 1.90 26.55 21.00
C VAL B 355 3.31 27.04 21.31
N PHE B 356 3.41 28.31 21.71
CA PHE B 356 4.70 28.91 22.03
C PHE B 356 4.71 29.22 23.53
N VAL B 357 5.70 28.66 24.23
CA VAL B 357 5.81 28.81 25.68
C VAL B 357 6.91 29.81 25.98
N ASP B 358 6.58 30.87 26.73
CA ASP B 358 7.55 31.88 27.15
C ASP B 358 8.40 31.30 28.27
N CYS B 359 9.64 30.90 27.93
CA CYS B 359 10.54 30.27 28.87
C CYS B 359 11.31 31.29 29.71
N LYS B 360 11.41 32.52 29.24
CA LYS B 360 12.10 33.55 30.00
C LYS B 360 11.46 33.72 31.37
N LYS B 361 10.13 33.60 31.43
CA LYS B 361 9.39 33.67 32.69
C LYS B 361 9.47 32.37 33.49
N LEU B 362 9.85 31.26 32.85
CA LEU B 362 9.97 29.98 33.55
C LEU B 362 11.33 29.79 34.20
N VAL B 363 12.40 30.26 33.56
CA VAL B 363 13.74 30.15 34.10
C VAL B 363 14.39 31.53 34.08
N PRO B 364 13.93 32.45 34.94
CA PRO B 364 14.50 33.82 34.90
C PRO B 364 15.96 33.87 35.33
N GLN B 365 16.44 32.88 36.08
CA GLN B 365 17.83 32.88 36.50
C GLN B 365 18.79 32.58 35.35
N ILE B 366 18.29 32.25 34.17
CA ILE B 366 19.12 31.90 33.02
C ILE B 366 19.09 33.07 32.04
N PRO B 367 20.20 33.76 31.83
CA PRO B 367 20.22 34.87 30.87
C PRO B 367 20.08 34.34 29.44
N GLY B 368 19.77 35.27 28.53
CA GLY B 368 19.49 34.89 27.16
C GLY B 368 20.65 34.21 26.47
N ASP B 369 21.87 34.67 26.73
CA ASP B 369 23.04 34.06 26.10
C ASP B 369 23.34 32.67 26.64
N GLN B 370 22.62 32.21 27.66
CA GLN B 370 22.74 30.83 28.15
C GLN B 370 21.55 29.97 27.71
N PHE B 371 20.69 30.49 26.82
CA PHE B 371 19.64 29.74 26.14
C PHE B 371 18.62 29.17 27.12
N PRO B 372 17.83 30.02 27.76
CA PRO B 372 16.85 29.49 28.75
C PRO B 372 15.82 28.55 28.13
N ALA B 373 15.31 28.87 26.95
CA ALA B 373 14.30 28.00 26.35
C ALA B 373 14.88 26.63 26.06
N GLN B 374 16.13 26.58 25.60
CA GLN B 374 16.78 25.31 25.34
C GLN B 374 16.93 24.49 26.63
N ALA B 375 17.20 25.17 27.75
CA ALA B 375 17.30 24.47 29.03
C ALA B 375 15.97 23.84 29.42
N VAL B 376 14.86 24.54 29.16
CA VAL B 376 13.55 24.00 29.47
C VAL B 376 13.22 22.84 28.51
N ILE B 377 13.60 23.00 27.23
CA ILE B 377 13.35 21.95 26.24
C ILE B 377 14.08 20.68 26.63
N ASN B 378 15.38 20.78 26.93
CA ASN B 378 16.14 19.61 27.35
C ASN B 378 15.54 19.01 28.62
N ALA B 379 15.18 19.86 29.58
CA ALA B 379 14.52 19.34 30.78
C ALA B 379 13.23 18.63 30.43
N LEU B 380 12.45 19.20 29.50
CA LEU B 380 11.23 18.54 29.06
C LEU B 380 11.53 17.18 28.44
N TYR B 381 12.58 17.08 27.62
CA TYR B 381 12.91 15.80 27.00
C TYR B 381 13.32 14.76 28.04
N LEU B 382 14.15 15.16 29.01
CA LEU B 382 14.63 14.22 30.01
C LEU B 382 13.49 13.71 30.88
N GLU B 383 12.46 14.53 31.08
CA GLU B 383 11.36 14.14 31.96
C GLU B 383 10.32 13.27 31.26
N SER B 384 10.23 13.33 29.93
CA SER B 384 9.07 12.78 29.22
C SER B 384 9.37 12.12 27.88
N GLY B 385 10.53 12.35 27.26
CA GLY B 385 10.74 11.89 25.90
C GLY B 385 10.13 12.75 24.82
N VAL B 386 9.54 13.88 25.17
CA VAL B 386 8.99 14.83 24.20
C VAL B 386 10.11 15.70 23.67
N ARG B 387 10.13 15.91 22.35
CA ARG B 387 11.12 16.77 21.70
C ARG B 387 10.44 17.99 21.10
N ALA B 388 10.82 19.19 21.60
CA ALA B 388 10.36 20.49 21.13
C ALA B 388 11.54 21.28 20.57
N VAL B 389 11.25 22.48 20.05
CA VAL B 389 12.25 23.29 19.37
C VAL B 389 12.29 24.71 19.91
N GLU B 390 13.49 25.28 19.93
CA GLU B 390 13.73 26.58 20.53
C GLU B 390 13.53 27.69 19.50
N ILE B 391 12.71 28.68 19.86
CA ILE B 391 12.58 29.92 19.08
C ILE B 391 13.05 31.07 19.96
N GLY B 392 14.36 31.26 20.05
CA GLY B 392 14.93 32.26 20.93
C GLY B 392 16.37 32.58 20.60
N SER B 393 17.17 32.79 21.65
CA SER B 393 18.55 33.22 21.47
C SER B 393 19.39 32.15 20.77
N PHE B 394 19.17 30.89 21.09
CA PHE B 394 19.91 29.81 20.42
C PHE B 394 19.63 29.84 18.92
N LEU B 395 18.36 29.96 18.55
CA LEU B 395 17.99 30.02 17.14
C LEU B 395 18.46 31.30 16.47
N LEU B 396 18.38 32.43 17.18
CA LEU B 396 18.63 33.72 16.54
C LEU B 396 20.08 33.85 16.09
N GLY B 397 21.03 33.31 16.87
CA GLY B 397 22.42 33.29 16.46
C GLY B 397 23.18 34.58 16.75
N ARG B 398 24.39 34.65 16.16
CA ARG B 398 25.28 35.79 16.35
C ARG B 398 25.15 36.78 15.20
N ASP B 399 25.45 38.04 15.50
CA ASP B 399 25.52 39.06 14.45
C ASP B 399 26.74 38.81 13.57
N PRO B 400 26.58 38.75 12.24
CA PRO B 400 27.71 38.39 11.37
C PRO B 400 28.85 39.40 11.38
N ALA B 401 28.55 40.68 11.57
CA ALA B 401 29.59 41.70 11.56
C ALA B 401 30.35 41.73 12.88
N THR B 402 29.63 41.55 14.00
CA THR B 402 30.20 41.76 15.32
C THR B 402 30.57 40.48 16.05
N GLY B 403 29.88 39.37 15.78
CA GLY B 403 30.12 38.15 16.52
C GLY B 403 29.44 38.11 17.86
N GLU B 404 28.48 39.00 18.12
CA GLU B 404 27.80 39.07 19.39
C GLU B 404 26.46 38.35 19.33
N GLN B 405 26.02 37.84 20.49
CA GLN B 405 24.71 37.23 20.59
C GLN B 405 23.65 38.27 20.22
N LYS B 406 22.90 38.00 19.16
CA LYS B 406 21.81 38.88 18.78
C LYS B 406 20.75 38.87 19.88
N HIS B 407 20.12 40.02 20.09
CA HIS B 407 19.15 40.15 21.17
C HIS B 407 17.79 39.61 20.74
N ALA B 408 17.28 38.65 21.51
CA ALA B 408 15.97 38.09 21.30
C ALA B 408 14.97 38.82 22.19
N ASP B 409 13.86 39.26 21.61
CA ASP B 409 12.80 39.83 22.43
C ASP B 409 12.14 38.76 23.29
N MET B 410 12.00 37.55 22.76
CA MET B 410 11.35 36.46 23.47
C MET B 410 12.19 35.20 23.42
N GLU B 411 12.07 34.38 24.45
CA GLU B 411 12.71 33.06 24.53
C GLU B 411 11.60 32.03 24.53
N PHE B 412 11.22 31.57 23.34
CA PHE B 412 10.10 30.66 23.16
C PHE B 412 10.56 29.20 23.02
N MET B 413 9.77 28.30 23.59
CA MET B 413 9.82 26.88 23.27
C MET B 413 8.61 26.60 22.38
N ARG B 414 8.86 26.12 21.17
CA ARG B 414 7.78 25.86 20.24
C ARG B 414 7.35 24.40 20.33
N LEU B 415 6.06 24.18 20.57
CA LEU B 415 5.44 22.85 20.58
C LEU B 415 4.64 22.73 19.28
N THR B 416 5.27 22.16 18.26
CA THR B 416 4.68 22.10 16.93
C THR B 416 3.95 20.78 16.77
N ILE B 417 2.70 20.86 16.31
CA ILE B 417 1.79 19.72 16.32
C ILE B 417 1.56 19.28 14.89
N ALA B 418 1.95 18.04 14.57
CA ALA B 418 1.62 17.45 13.29
C ALA B 418 0.10 17.25 13.18
N ARG B 419 -0.36 17.07 11.95
CA ARG B 419 -1.79 16.97 11.67
C ARG B 419 -2.22 15.51 11.69
N ARG B 420 -3.23 15.20 12.52
CA ARG B 420 -3.87 13.88 12.59
C ARG B 420 -2.93 12.79 13.08
N VAL B 421 -1.96 13.14 13.92
CA VAL B 421 -0.94 12.20 14.38
C VAL B 421 -1.13 11.85 15.85
N TYR B 422 -1.36 12.86 16.68
CA TYR B 422 -1.42 12.65 18.11
C TYR B 422 -2.83 12.90 18.63
N THR B 423 -3.16 12.22 19.71
CA THR B 423 -4.45 12.43 20.36
C THR B 423 -4.33 13.50 21.45
N ASN B 424 -5.49 13.90 21.96
CA ASN B 424 -5.51 14.81 23.09
C ASN B 424 -4.92 14.18 24.34
N ASP B 425 -4.86 12.84 24.40
CA ASP B 425 -4.13 12.19 25.48
C ASP B 425 -2.63 12.42 25.34
N HIS B 426 -2.13 12.44 24.09
CA HIS B 426 -0.74 12.86 23.88
C HIS B 426 -0.55 14.32 24.27
N MET B 427 -1.55 15.16 23.98
CA MET B 427 -1.50 16.55 24.43
C MET B 427 -1.47 16.63 25.96
N ASP B 428 -2.33 15.85 26.63
CA ASP B 428 -2.26 15.79 28.09
C ASP B 428 -0.89 15.31 28.56
N TYR B 429 -0.32 14.31 27.88
CA TYR B 429 1.00 13.83 28.27
C TYR B 429 2.04 14.95 28.20
N ILE B 430 1.97 15.77 27.15
CA ILE B 430 2.90 16.90 26.99
C ILE B 430 2.68 17.94 28.09
N ALA B 431 1.43 18.35 28.28
CA ALA B 431 1.12 19.37 29.27
C ALA B 431 1.50 18.90 30.67
N ASP B 432 1.10 17.69 31.05
CA ASP B 432 1.41 17.18 32.38
C ASP B 432 2.91 17.06 32.59
N ALA B 433 3.65 16.78 31.52
CA ALA B 433 5.10 16.73 31.60
C ALA B 433 5.69 18.12 31.87
N LEU B 434 5.25 19.13 31.13
CA LEU B 434 5.77 20.48 31.36
C LEU B 434 5.33 21.02 32.71
N ILE B 435 4.06 20.80 33.07
CA ILE B 435 3.52 21.27 34.34
C ILE B 435 4.28 20.64 35.51
N GLY B 436 4.66 19.37 35.38
CA GLY B 436 5.43 18.68 36.40
C GLY B 436 6.84 19.21 36.62
N LEU B 437 7.33 20.08 35.74
CA LEU B 437 8.65 20.68 35.93
C LEU B 437 8.61 21.96 36.76
N LYS B 438 7.43 22.41 37.21
CA LYS B 438 7.32 23.76 37.78
C LYS B 438 8.20 23.95 39.01
N GLU B 439 8.29 22.94 39.88
CA GLU B 439 9.15 23.06 41.05
C GLU B 439 10.62 22.91 40.71
N LYS B 440 10.95 22.42 39.53
CA LYS B 440 12.34 22.23 39.12
C LYS B 440 12.87 23.35 38.23
N PHE B 441 12.00 24.25 37.74
CA PHE B 441 12.45 25.29 36.81
C PHE B 441 13.49 26.21 37.46
N ALA B 442 13.30 26.56 38.74
CA ALA B 442 14.22 27.46 39.41
C ALA B 442 15.60 26.84 39.61
N THR B 443 15.71 25.52 39.50
CA THR B 443 16.97 24.83 39.69
C THR B 443 17.73 24.61 38.38
N LEU B 444 17.14 24.96 37.24
CA LEU B 444 17.76 24.69 35.94
C LEU B 444 18.96 25.59 35.69
N LYS B 445 19.99 25.03 35.06
CA LYS B 445 21.16 25.79 34.66
C LYS B 445 21.17 26.04 33.15
N GLY B 446 21.83 27.10 32.75
CA GLY B 446 21.95 27.44 31.35
C GLY B 446 22.88 26.49 30.62
N LEU B 447 23.20 26.85 29.38
CA LEU B 447 24.01 26.02 28.52
C LEU B 447 25.08 26.85 27.85
N GLU B 448 26.24 26.24 27.62
CA GLU B 448 27.32 26.85 26.88
C GLU B 448 27.76 25.91 25.77
N PHE B 449 28.47 26.46 24.80
CA PHE B 449 28.84 25.71 23.60
C PHE B 449 30.01 24.77 23.86
N GLU B 450 29.87 23.52 23.43
CA GLU B 450 30.99 22.61 23.29
C GLU B 450 31.52 22.63 21.85
N TYR B 451 30.62 22.76 20.88
CA TYR B 451 30.98 22.98 19.49
C TYR B 451 29.94 23.89 18.87
N GLU B 452 30.38 24.96 18.21
CA GLU B 452 29.48 25.91 17.56
C GLU B 452 29.95 26.14 16.13
N PRO B 453 29.12 25.83 15.13
CA PRO B 453 29.50 26.14 13.75
C PRO B 453 29.27 27.62 13.45
N PRO B 454 29.85 28.14 12.37
CA PRO B 454 29.69 29.59 12.12
C PRO B 454 28.27 29.99 11.74
N VAL B 455 27.57 29.17 10.95
CA VAL B 455 26.23 29.50 10.50
C VAL B 455 25.30 28.33 10.82
N LEU B 456 24.01 28.64 10.96
CA LEU B 456 22.96 27.65 11.23
C LEU B 456 23.32 26.79 12.44
N ARG B 457 23.73 27.46 13.51
CA ARG B 457 24.27 26.76 14.68
C ARG B 457 23.22 25.86 15.33
N HIS B 458 21.97 26.32 15.39
CA HIS B 458 20.95 25.61 16.14
C HIS B 458 20.69 24.19 15.64
N PHE B 459 21.06 23.89 14.39
CA PHE B 459 20.83 22.54 13.85
C PHE B 459 21.84 21.53 14.41
N THR B 460 23.11 21.92 14.51
CA THR B 460 24.17 20.96 14.78
C THR B 460 25.08 21.32 15.94
N ALA B 461 24.92 22.49 16.56
CA ALA B 461 25.79 22.86 17.66
C ALA B 461 25.62 21.90 18.82
N ARG B 462 26.72 21.63 19.51
CA ARG B 462 26.72 20.81 20.70
C ARG B 462 26.85 21.71 21.92
N LEU B 463 25.97 21.52 22.89
CA LEU B 463 25.95 22.33 24.10
C LEU B 463 26.35 21.49 25.29
N LYS B 464 26.63 22.17 26.41
CA LYS B 464 26.92 21.51 27.67
C LYS B 464 26.35 22.32 28.83
N PRO B 465 25.88 21.67 29.88
CA PRO B 465 25.33 22.40 31.03
C PRO B 465 26.40 23.19 31.76
N ILE B 466 26.01 24.38 32.22
CA ILE B 466 26.87 25.25 33.00
C ILE B 466 26.85 24.84 34.46
N GLU B 467 27.95 24.28 34.96
CA GLU B 467 28.07 23.90 36.37
C GLU B 467 29.35 24.50 36.90
N ALA C 2 3.95 -20.32 -33.64
CA ALA C 2 3.56 -19.75 -32.35
C ALA C 2 3.70 -18.22 -32.36
N LYS C 3 2.66 -17.53 -31.90
CA LYS C 3 2.58 -16.07 -31.91
C LYS C 3 2.52 -15.55 -30.48
N ARG C 4 3.45 -14.66 -30.13
CA ARG C 4 3.43 -13.98 -28.85
C ARG C 4 2.52 -12.76 -28.95
N ILE C 5 1.71 -12.54 -27.92
CA ILE C 5 0.85 -11.37 -27.84
C ILE C 5 1.35 -10.45 -26.74
N VAL C 6 1.48 -9.16 -27.07
CA VAL C 6 2.05 -8.17 -26.16
C VAL C 6 1.06 -7.81 -25.05
N GLU C 7 1.60 -7.52 -23.87
CA GLU C 7 0.77 -7.18 -22.71
C GLU C 7 0.02 -5.87 -22.92
N PRO C 8 -1.29 -5.83 -22.65
CA PRO C 8 -2.01 -4.55 -22.66
C PRO C 8 -1.87 -3.83 -21.33
N PHE C 9 -0.69 -3.95 -20.73
CA PHE C 9 -0.35 -3.32 -19.46
C PHE C 9 1.16 -3.28 -19.39
N ARG C 10 1.67 -2.54 -18.41
CA ARG C 10 3.08 -2.62 -18.07
C ARG C 10 3.21 -2.96 -16.59
N ILE C 11 4.43 -3.28 -16.18
CA ILE C 11 4.67 -3.76 -14.83
C ILE C 11 4.77 -2.56 -13.89
N LYS C 12 4.04 -2.62 -12.77
CA LYS C 12 4.17 -1.60 -11.74
C LYS C 12 4.93 -2.08 -10.52
N MET C 13 4.89 -3.38 -10.21
CA MET C 13 5.64 -3.89 -9.06
C MET C 13 6.05 -5.32 -9.32
N VAL C 14 7.26 -5.67 -8.91
CA VAL C 14 7.82 -6.99 -9.19
C VAL C 14 8.05 -7.74 -7.90
N GLU C 15 8.16 -9.05 -8.04
CA GLU C 15 8.44 -9.97 -6.95
C GLU C 15 9.58 -10.86 -7.41
N LYS C 16 10.62 -10.96 -6.59
CA LYS C 16 11.80 -11.70 -6.98
C LYS C 16 11.54 -13.21 -6.96
N ILE C 17 11.96 -13.91 -8.02
CA ILE C 17 11.99 -15.36 -8.06
C ILE C 17 13.36 -15.79 -8.56
N ARG C 18 13.86 -16.91 -8.02
CA ARG C 18 15.18 -17.40 -8.35
C ARG C 18 15.10 -18.88 -8.71
N VAL C 19 16.01 -19.32 -9.56
CA VAL C 19 16.15 -20.72 -9.91
C VAL C 19 17.14 -21.32 -8.91
N PRO C 20 16.71 -22.17 -7.98
CA PRO C 20 17.67 -22.83 -7.11
C PRO C 20 18.55 -23.76 -7.93
N SER C 21 19.76 -23.98 -7.43
CA SER C 21 20.72 -24.79 -8.18
C SER C 21 20.24 -26.22 -8.34
N ARG C 22 20.85 -26.92 -9.29
CA ARG C 22 20.54 -28.34 -9.49
C ARG C 22 20.59 -29.11 -8.19
N GLU C 23 21.62 -28.87 -7.38
CA GLU C 23 21.73 -29.59 -6.12
C GLU C 23 20.62 -29.21 -5.16
N GLU C 24 20.26 -27.91 -5.12
CA GLU C 24 19.17 -27.50 -4.24
C GLU C 24 17.85 -28.12 -4.68
N ARG C 25 17.60 -28.14 -6.00
CA ARG C 25 16.35 -28.72 -6.46
C ARG C 25 16.29 -30.21 -6.16
N GLU C 26 17.41 -30.92 -6.35
CA GLU C 26 17.46 -32.34 -6.01
C GLU C 26 17.19 -32.56 -4.54
N ALA C 27 17.84 -31.77 -3.68
CA ALA C 27 17.64 -31.90 -2.24
C ALA C 27 16.19 -31.58 -1.86
N ALA C 28 15.63 -30.52 -2.45
CA ALA C 28 14.28 -30.12 -2.10
C ALA C 28 13.27 -31.18 -2.55
N LEU C 29 13.44 -31.71 -3.76
CA LEU C 29 12.51 -32.73 -4.25
C LEU C 29 12.60 -34.00 -3.41
N LYS C 30 13.81 -34.40 -3.02
CA LYS C 30 13.97 -35.53 -2.12
C LYS C 30 13.33 -35.26 -0.76
N GLU C 31 13.55 -34.06 -0.22
CA GLU C 31 12.95 -33.69 1.06
C GLU C 31 11.43 -33.67 0.97
N ALA C 32 10.90 -33.29 -0.19
CA ALA C 32 9.46 -33.31 -0.45
C ALA C 32 8.93 -34.69 -0.83
N GLY C 33 9.73 -35.74 -0.67
CA GLY C 33 9.25 -37.08 -1.01
C GLY C 33 8.82 -37.22 -2.44
N TYR C 34 9.51 -36.55 -3.37
CA TYR C 34 9.22 -36.59 -4.81
C TYR C 34 7.77 -36.19 -5.10
N ASN C 35 7.20 -35.37 -4.25
CA ASN C 35 5.86 -34.81 -4.47
C ASN C 35 5.96 -33.30 -4.48
N PRO C 36 5.86 -32.64 -5.64
CA PRO C 36 6.00 -31.18 -5.67
C PRO C 36 4.99 -30.46 -4.81
N PHE C 37 3.84 -31.08 -4.51
CA PHE C 37 2.90 -30.45 -3.60
C PHE C 37 3.50 -30.24 -2.22
N LEU C 38 4.55 -30.97 -1.86
CA LEU C 38 5.22 -30.82 -0.58
C LEU C 38 6.42 -29.88 -0.63
N LEU C 39 6.73 -29.30 -1.78
CA LEU C 39 7.83 -28.34 -1.87
C LEU C 39 7.41 -27.00 -1.25
N PRO C 40 8.30 -26.34 -0.53
CA PRO C 40 8.05 -24.93 -0.18
C PRO C 40 8.25 -24.05 -1.39
N SER C 41 7.54 -22.92 -1.40
CA SER C 41 7.59 -22.02 -2.55
C SER C 41 9.00 -21.49 -2.79
N SER C 42 9.83 -21.45 -1.75
CA SER C 42 11.19 -20.98 -1.91
C SER C 42 12.05 -21.91 -2.77
N ALA C 43 11.60 -23.14 -3.00
CA ALA C 43 12.29 -24.07 -3.88
C ALA C 43 11.76 -24.04 -5.30
N VAL C 44 10.86 -23.11 -5.63
CA VAL C 44 10.18 -23.10 -6.91
C VAL C 44 10.55 -21.83 -7.65
N TYR C 45 10.92 -21.96 -8.93
CA TYR C 45 11.17 -20.77 -9.74
C TYR C 45 9.86 -20.25 -10.30
N ILE C 46 9.29 -20.96 -11.26
CA ILE C 46 7.99 -20.64 -11.85
C ILE C 46 6.99 -21.66 -11.33
N ASP C 47 5.88 -21.17 -10.77
CA ASP C 47 4.89 -22.03 -10.15
C ASP C 47 3.70 -22.17 -11.09
N LEU C 48 3.48 -23.38 -11.57
CA LEU C 48 2.38 -23.70 -12.48
C LEU C 48 1.39 -24.63 -11.83
N LEU C 49 1.37 -24.66 -10.49
CA LEU C 49 0.49 -25.56 -9.76
C LEU C 49 -0.98 -25.23 -10.02
N THR C 50 -1.33 -23.95 -9.92
N THR C 50 -1.33 -23.95 -9.92
CA THR C 50 -2.70 -23.48 -10.11
CA THR C 50 -2.70 -23.51 -10.16
C THR C 50 -2.69 -22.18 -10.90
C THR C 50 -2.70 -22.15 -10.83
N ASP C 51 -3.88 -21.77 -11.32
CA ASP C 51 -4.18 -20.38 -11.67
C ASP C 51 -5.08 -19.74 -10.63
N SER C 52 -5.08 -20.27 -9.41
CA SER C 52 -6.03 -19.88 -8.37
C SER C 52 -5.33 -19.02 -7.33
N GLY C 53 -5.73 -17.76 -7.24
CA GLY C 53 -5.26 -16.90 -6.16
C GLY C 53 -3.83 -16.45 -6.28
N THR C 54 -3.14 -16.75 -7.37
CA THR C 54 -1.77 -16.36 -7.60
C THR C 54 -1.66 -15.23 -8.60
N ASN C 55 -2.78 -14.61 -8.97
CA ASN C 55 -2.80 -13.60 -9.99
C ASN C 55 -2.15 -12.31 -9.50
N ALA C 56 -1.73 -11.49 -10.46
CA ALA C 56 -1.22 -10.16 -10.17
C ALA C 56 -2.37 -9.19 -10.34
N MET C 57 -2.61 -8.39 -9.30
CA MET C 57 -3.64 -7.37 -9.35
C MET C 57 -3.11 -6.10 -9.99
N SER C 58 -4.03 -5.20 -10.34
CA SER C 58 -3.70 -3.89 -10.87
C SER C 58 -3.54 -2.87 -9.74
N ASP C 59 -2.98 -1.71 -10.10
CA ASP C 59 -2.90 -0.64 -9.11
C ASP C 59 -4.30 -0.17 -8.72
N HIS C 60 -5.27 -0.25 -9.62
CA HIS C 60 -6.64 0.10 -9.27
C HIS C 60 -7.23 -0.88 -8.27
N GLN C 61 -6.86 -2.17 -8.37
CA GLN C 61 -7.33 -3.12 -7.39
C GLN C 61 -6.72 -2.84 -6.02
N TRP C 62 -5.42 -2.54 -5.99
CA TRP C 62 -4.77 -2.23 -4.71
C TRP C 62 -5.34 -0.97 -4.11
N ALA C 63 -5.57 0.06 -4.93
CA ALA C 63 -6.15 1.29 -4.41
C ALA C 63 -7.52 1.02 -3.82
N ALA C 64 -8.29 0.11 -4.44
CA ALA C 64 -9.61 -0.24 -3.92
C ALA C 64 -9.52 -0.91 -2.56
N MET C 65 -8.52 -1.77 -2.36
CA MET C 65 -8.34 -2.39 -1.04
C MET C 65 -8.01 -1.34 0.00
N ILE C 66 -7.19 -0.35 -0.35
CA ILE C 66 -6.70 0.62 0.63
C ILE C 66 -7.87 1.38 1.26
N THR C 67 -8.86 1.75 0.46
CA THR C 67 -10.04 2.43 0.97
C THR C 67 -11.18 1.46 1.25
N GLY C 68 -10.89 0.17 1.36
CA GLY C 68 -11.94 -0.79 1.62
C GLY C 68 -12.62 -0.50 2.95
N ASP C 69 -13.92 -0.78 2.99
CA ASP C 69 -14.73 -0.55 4.18
C ASP C 69 -14.80 -1.85 4.97
N GLU C 70 -14.21 -1.85 6.16
CA GLU C 70 -14.12 -3.06 6.97
C GLU C 70 -15.31 -3.24 7.92
N ALA C 71 -16.40 -2.50 7.71
CA ALA C 71 -17.55 -2.56 8.61
C ALA C 71 -18.16 -3.96 8.67
N TYR C 72 -18.61 -4.36 9.88
CA TYR C 72 -19.20 -5.68 10.04
C TYR C 72 -20.51 -5.82 9.30
N ALA C 73 -21.32 -4.75 9.28
CA ALA C 73 -22.62 -4.78 8.60
C ALA C 73 -22.76 -3.54 7.72
N GLY C 74 -23.19 -3.75 6.48
CA GLY C 74 -23.46 -2.62 5.61
C GLY C 74 -22.25 -1.96 4.99
N SER C 75 -21.18 -2.72 4.77
CA SER C 75 -19.99 -2.20 4.12
C SER C 75 -20.32 -1.59 2.75
N ARG C 76 -19.74 -0.43 2.47
CA ARG C 76 -19.90 0.19 1.16
C ARG C 76 -19.51 -0.78 0.04
N ASN C 77 -18.50 -1.62 0.28
CA ASN C 77 -18.04 -2.52 -0.76
C ASN C 77 -19.02 -3.66 -0.99
N TYR C 78 -19.83 -4.01 0.01
CA TYR C 78 -20.87 -5.00 -0.20
C TYR C 78 -21.90 -4.51 -1.21
N TYR C 79 -22.33 -3.26 -1.06
CA TYR C 79 -23.30 -2.70 -1.99
C TYR C 79 -22.69 -2.50 -3.37
N ASP C 80 -21.42 -2.11 -3.43
CA ASP C 80 -20.74 -2.05 -4.72
C ASP C 80 -20.73 -3.42 -5.38
N LEU C 81 -20.44 -4.47 -4.61
CA LEU C 81 -20.42 -5.82 -5.17
C LEU C 81 -21.80 -6.24 -5.64
N LYS C 82 -22.85 -5.86 -4.90
CA LYS C 82 -24.21 -6.18 -5.31
C LYS C 82 -24.59 -5.48 -6.61
N ASP C 83 -24.25 -4.19 -6.73
CA ASP C 83 -24.55 -3.47 -7.96
C ASP C 83 -23.79 -4.07 -9.14
N LYS C 84 -22.55 -4.53 -8.90
CA LYS C 84 -21.76 -5.10 -9.98
C LYS C 84 -22.37 -6.40 -10.47
N ALA C 85 -22.85 -7.25 -9.56
CA ALA C 85 -23.49 -8.49 -9.96
C ALA C 85 -24.75 -8.23 -10.77
N LYS C 86 -25.51 -7.19 -10.39
CA LYS C 86 -26.68 -6.81 -11.17
C LYS C 86 -26.27 -6.32 -12.56
N GLU C 87 -25.17 -5.57 -12.65
CA GLU C 87 -24.75 -5.05 -13.94
C GLU C 87 -24.24 -6.17 -14.85
N LEU C 88 -23.40 -7.08 -14.33
CA LEU C 88 -22.80 -8.11 -15.17
C LEU C 88 -23.77 -9.22 -15.49
N PHE C 89 -24.41 -9.79 -14.46
CA PHE C 89 -25.20 -11.00 -14.63
C PHE C 89 -26.69 -10.76 -14.66
N ASN C 90 -27.15 -9.57 -14.27
CA ASN C 90 -28.57 -9.27 -14.13
C ASN C 90 -29.22 -10.11 -13.03
N TYR C 91 -28.46 -10.45 -12.00
CA TYR C 91 -28.96 -11.20 -10.84
C TYR C 91 -29.17 -10.26 -9.66
N ASP C 92 -30.23 -10.53 -8.88
CA ASP C 92 -30.69 -9.56 -7.89
C ASP C 92 -30.15 -9.80 -6.48
N TYR C 93 -29.53 -10.93 -6.20
CA TYR C 93 -29.08 -11.24 -4.85
C TYR C 93 -27.65 -11.73 -4.87
N ILE C 94 -26.86 -11.29 -3.89
CA ILE C 94 -25.49 -11.75 -3.76
C ILE C 94 -25.22 -12.16 -2.32
N ILE C 95 -24.29 -13.08 -2.16
CA ILE C 95 -23.73 -13.45 -0.87
C ILE C 95 -22.24 -13.67 -1.07
N PRO C 96 -21.38 -12.80 -0.55
CA PRO C 96 -19.94 -13.05 -0.66
C PRO C 96 -19.54 -14.29 0.12
N ALA C 97 -18.45 -14.91 -0.34
CA ALA C 97 -17.88 -16.09 0.27
C ALA C 97 -16.36 -15.97 0.25
N HIS C 98 -15.70 -16.67 1.16
CA HIS C 98 -14.26 -16.48 1.28
C HIS C 98 -13.52 -17.03 0.08
N GLN C 99 -14.10 -18.02 -0.60
CA GLN C 99 -13.64 -18.45 -1.92
C GLN C 99 -14.69 -19.39 -2.50
N GLY C 100 -14.33 -20.04 -3.62
CA GLY C 100 -15.33 -20.76 -4.41
C GLY C 100 -15.96 -21.93 -3.68
N ARG C 101 -15.14 -22.74 -3.00
CA ARG C 101 -15.69 -23.87 -2.24
C ARG C 101 -16.45 -23.41 -1.01
N GLY C 102 -16.16 -22.20 -0.51
CA GLY C 102 -17.03 -21.63 0.52
C GLY C 102 -18.40 -21.32 -0.03
N ALA C 103 -18.45 -20.77 -1.25
CA ALA C 103 -19.72 -20.51 -1.92
C ALA C 103 -20.48 -21.81 -2.19
N GLU C 104 -19.77 -22.88 -2.56
CA GLU C 104 -20.45 -24.15 -2.80
C GLU C 104 -21.01 -24.71 -1.49
N ASN C 105 -20.26 -24.56 -0.40
CA ASN C 105 -20.74 -25.02 0.90
C ASN C 105 -21.95 -24.23 1.37
N ILE C 106 -22.09 -22.98 0.92
CA ILE C 106 -23.26 -22.19 1.27
C ILE C 106 -24.48 -22.69 0.52
N LEU C 107 -24.34 -22.86 -0.80
CA LEU C 107 -25.48 -23.04 -1.67
C LEU C 107 -25.90 -24.50 -1.82
N PHE C 108 -24.95 -25.43 -1.96
CA PHE C 108 -25.33 -26.79 -2.34
C PHE C 108 -26.17 -27.50 -1.28
N PRO C 109 -25.84 -27.43 0.02
CA PRO C 109 -26.76 -28.02 1.00
C PRO C 109 -28.12 -27.33 1.02
N VAL C 110 -28.18 -26.05 0.66
CA VAL C 110 -29.46 -25.34 0.64
C VAL C 110 -30.31 -25.79 -0.54
N LEU C 111 -29.68 -26.03 -1.69
CA LEU C 111 -30.43 -26.53 -2.84
C LEU C 111 -30.98 -27.93 -2.58
N LEU C 112 -30.21 -28.77 -1.88
CA LEU C 112 -30.66 -30.12 -1.55
C LEU C 112 -31.86 -30.08 -0.61
N LYS C 113 -31.76 -29.31 0.46
CA LYS C 113 -32.87 -29.20 1.41
C LYS C 113 -34.11 -28.64 0.73
N TYR C 114 -33.92 -27.67 -0.18
CA TYR C 114 -35.04 -27.08 -0.90
C TYR C 114 -35.70 -28.10 -1.84
N LYS C 115 -34.89 -28.94 -2.50
CA LYS C 115 -35.46 -29.98 -3.36
C LYS C 115 -36.18 -31.04 -2.53
N GLN C 116 -35.66 -31.34 -1.34
CA GLN C 116 -36.23 -32.33 -0.46
C GLN C 116 -37.51 -31.88 0.22
N LYS C 117 -37.81 -30.58 0.23
CA LYS C 117 -38.92 -30.05 1.01
C LYS C 117 -40.24 -30.72 0.69
N GLU C 118 -40.43 -31.24 -0.52
CA GLU C 118 -41.67 -31.90 -0.89
C GLU C 118 -41.61 -33.42 -0.72
N GLY C 119 -40.58 -33.97 -0.09
CA GLY C 119 -40.49 -35.41 0.16
C GLY C 119 -39.84 -36.22 -0.94
N LYS C 120 -39.22 -35.56 -1.92
CA LYS C 120 -38.56 -36.19 -3.05
C LYS C 120 -37.06 -36.10 -2.82
N ALA C 121 -36.32 -36.36 -3.89
CA ALA C 121 -34.87 -36.26 -3.91
C ALA C 121 -34.28 -37.19 -2.85
N LYS C 122 -34.88 -38.37 -2.72
CA LYS C 122 -34.40 -39.37 -1.79
C LYS C 122 -33.19 -40.09 -2.32
N ASN C 123 -33.01 -40.15 -3.63
CA ASN C 123 -31.76 -40.62 -4.24
C ASN C 123 -31.22 -39.46 -5.08
N PRO C 124 -30.73 -38.41 -4.41
CA PRO C 124 -30.45 -37.15 -5.11
C PRO C 124 -29.13 -37.17 -5.85
N VAL C 125 -29.10 -36.48 -6.99
CA VAL C 125 -27.88 -36.35 -7.77
C VAL C 125 -27.73 -34.91 -8.23
N PHE C 126 -26.49 -34.55 -8.55
CA PHE C 126 -26.14 -33.34 -9.28
C PHE C 126 -25.58 -33.73 -10.64
N ILE C 127 -25.95 -32.97 -11.68
CA ILE C 127 -25.50 -33.24 -13.04
C ILE C 127 -24.71 -32.03 -13.54
N SER C 128 -23.53 -32.29 -14.10
CA SER C 128 -22.69 -31.24 -14.64
C SER C 128 -22.02 -31.74 -15.90
N ASN C 129 -21.62 -30.80 -16.75
CA ASN C 129 -20.71 -31.17 -17.83
C ASN C 129 -19.42 -31.75 -17.27
N PHE C 130 -18.89 -31.14 -16.21
CA PHE C 130 -17.90 -31.82 -15.36
C PHE C 130 -17.81 -31.06 -14.04
N HIS C 131 -18.07 -31.75 -12.93
CA HIS C 131 -17.89 -31.15 -11.62
C HIS C 131 -16.41 -30.92 -11.36
N PHE C 132 -16.07 -29.72 -10.89
CA PHE C 132 -14.75 -29.51 -10.33
C PHE C 132 -14.59 -30.34 -9.05
N ASP C 133 -13.33 -30.57 -8.65
CA ASP C 133 -13.06 -31.46 -7.52
C ASP C 133 -13.78 -31.02 -6.25
N THR C 134 -13.63 -29.75 -5.87
CA THR C 134 -14.31 -29.29 -4.65
C THR C 134 -15.82 -29.27 -4.81
N THR C 135 -16.30 -28.96 -6.02
CA THR C 135 -17.72 -29.02 -6.31
C THR C 135 -18.24 -30.45 -6.12
N ALA C 136 -17.56 -31.42 -6.73
CA ALA C 136 -17.95 -32.81 -6.55
C ALA C 136 -17.82 -33.24 -5.11
N ALA C 137 -16.84 -32.68 -4.38
CA ALA C 137 -16.65 -33.04 -2.98
C ALA C 137 -17.86 -32.61 -2.14
N HIS C 138 -18.34 -31.38 -2.34
CA HIS C 138 -19.51 -30.92 -1.59
C HIS C 138 -20.78 -31.65 -2.02
N VAL C 139 -20.88 -32.05 -3.28
CA VAL C 139 -22.02 -32.85 -3.71
C VAL C 139 -22.07 -34.15 -2.91
N GLU C 140 -20.94 -34.83 -2.81
CA GLU C 140 -20.89 -36.11 -2.10
C GLU C 140 -20.93 -35.94 -0.59
N LEU C 141 -20.42 -34.82 -0.06
CA LEU C 141 -20.48 -34.58 1.38
C LEU C 141 -21.91 -34.45 1.87
N ASN C 142 -22.83 -34.03 1.01
CA ASN C 142 -24.24 -33.95 1.34
C ASN C 142 -25.02 -35.20 0.91
N GLY C 143 -24.33 -36.31 0.64
CA GLY C 143 -25.01 -37.56 0.35
C GLY C 143 -25.58 -37.69 -1.04
N CYS C 144 -25.07 -36.94 -2.01
CA CYS C 144 -25.56 -36.97 -3.39
C CYS C 144 -24.53 -37.59 -4.33
N LYS C 145 -25.00 -37.99 -5.50
CA LYS C 145 -24.15 -38.51 -6.56
C LYS C 145 -23.78 -37.38 -7.53
N ALA C 146 -22.50 -37.32 -7.90
CA ALA C 146 -21.99 -36.31 -8.83
C ALA C 146 -21.85 -36.96 -10.21
N ILE C 147 -22.68 -36.53 -11.15
CA ILE C 147 -22.67 -37.09 -12.50
C ILE C 147 -22.02 -36.09 -13.46
N ASN C 148 -21.02 -36.55 -14.21
CA ASN C 148 -20.32 -35.76 -15.23
C ASN C 148 -20.65 -36.29 -16.61
N ILE C 149 -21.08 -35.39 -17.50
CA ILE C 149 -21.48 -35.79 -18.84
C ILE C 149 -20.90 -34.84 -19.89
N VAL C 150 -19.57 -34.68 -19.89
CA VAL C 150 -18.95 -33.82 -20.90
C VAL C 150 -19.07 -34.49 -22.27
N THR C 151 -19.11 -33.68 -23.32
CA THR C 151 -19.19 -34.17 -24.68
C THR C 151 -18.04 -35.12 -24.99
N GLU C 152 -18.32 -36.06 -25.89
CA GLU C 152 -17.30 -37.01 -26.32
C GLU C 152 -16.12 -36.33 -27.01
N LYS C 153 -16.33 -35.11 -27.53
CA LYS C 153 -15.25 -34.39 -28.21
C LYS C 153 -14.07 -34.11 -27.31
N ALA C 154 -14.26 -34.04 -25.99
CA ALA C 154 -13.17 -33.74 -25.07
C ALA C 154 -12.23 -34.91 -24.88
N PHE C 155 -12.66 -36.13 -25.20
CA PHE C 155 -11.85 -37.32 -24.96
C PHE C 155 -10.87 -37.59 -26.09
N ASP C 156 -11.07 -36.99 -27.26
CA ASP C 156 -10.07 -37.04 -28.33
C ASP C 156 -9.21 -35.79 -28.21
N SER C 157 -8.07 -35.93 -27.53
CA SER C 157 -7.34 -34.77 -27.02
C SER C 157 -6.79 -33.90 -28.15
N GLU C 158 -6.22 -34.51 -29.17
CA GLU C 158 -5.46 -33.77 -30.19
C GLU C 158 -6.28 -33.32 -31.38
N THR C 159 -7.57 -33.66 -31.45
CA THR C 159 -8.43 -33.23 -32.55
C THR C 159 -9.13 -31.94 -32.17
N TYR C 160 -9.05 -30.92 -33.02
CA TYR C 160 -9.64 -29.63 -32.71
C TYR C 160 -11.17 -29.75 -32.60
N ASP C 161 -11.73 -29.00 -31.66
CA ASP C 161 -13.17 -28.74 -31.60
C ASP C 161 -13.39 -27.40 -30.93
N ASP C 162 -14.47 -26.72 -31.31
CA ASP C 162 -14.74 -25.38 -30.78
C ASP C 162 -15.20 -25.43 -29.32
N TRP C 163 -15.97 -26.46 -28.94
CA TRP C 163 -16.68 -26.44 -27.66
C TRP C 163 -16.50 -27.76 -26.93
N LYS C 164 -15.24 -28.10 -26.59
CA LYS C 164 -14.95 -29.32 -25.86
C LYS C 164 -15.43 -29.29 -24.41
N GLY C 165 -15.99 -28.18 -23.94
CA GLY C 165 -16.60 -28.11 -22.64
C GLY C 165 -18.09 -28.35 -22.63
N ASP C 166 -18.66 -28.68 -23.79
CA ASP C 166 -20.11 -28.83 -23.92
C ASP C 166 -20.65 -29.98 -23.07
N PHE C 167 -21.88 -29.81 -22.60
CA PHE C 167 -22.65 -30.95 -22.11
C PHE C 167 -22.86 -31.94 -23.24
N ASP C 168 -22.95 -33.21 -22.89
CA ASP C 168 -23.53 -34.20 -23.79
C ASP C 168 -25.04 -34.14 -23.59
N ILE C 169 -25.75 -33.51 -24.53
CA ILE C 169 -27.19 -33.32 -24.39
C ILE C 169 -27.89 -34.68 -24.33
N LYS C 170 -27.40 -35.64 -25.13
CA LYS C 170 -27.96 -37.00 -25.09
C LYS C 170 -27.83 -37.57 -23.68
N LYS C 171 -26.65 -37.44 -23.07
CA LYS C 171 -26.47 -37.95 -21.72
C LYS C 171 -27.27 -37.15 -20.69
N LEU C 172 -27.54 -35.87 -20.94
CA LEU C 172 -28.37 -35.10 -20.01
C LEU C 172 -29.80 -35.63 -20.00
N LYS C 173 -30.40 -35.77 -21.18
CA LYS C 173 -31.74 -36.32 -21.27
C LYS C 173 -31.78 -37.76 -20.76
N GLU C 174 -30.70 -38.53 -20.99
CA GLU C 174 -30.66 -39.90 -20.48
C GLU C 174 -30.64 -39.94 -18.96
N ASN C 175 -29.80 -39.11 -18.34
CA ASN C 175 -29.70 -39.11 -16.90
C ASN C 175 -30.96 -38.57 -16.25
N ILE C 176 -31.62 -37.60 -16.88
CA ILE C 176 -32.88 -37.08 -16.34
C ILE C 176 -33.96 -38.16 -16.33
N ALA C 177 -34.02 -38.96 -17.41
CA ALA C 177 -35.00 -40.04 -17.46
C ALA C 177 -34.64 -41.15 -16.48
N GLN C 178 -33.36 -41.49 -16.36
CA GLN C 178 -32.96 -42.61 -15.51
C GLN C 178 -33.20 -42.29 -14.03
N HIS C 179 -32.85 -41.07 -13.59
CA HIS C 179 -32.98 -40.70 -12.20
C HIS C 179 -34.27 -39.97 -11.88
N GLY C 180 -34.91 -39.33 -12.87
CA GLY C 180 -36.11 -38.57 -12.62
C GLY C 180 -35.81 -37.14 -12.20
N ALA C 181 -36.61 -36.20 -12.70
CA ALA C 181 -36.42 -34.78 -12.38
C ALA C 181 -36.55 -34.52 -10.89
N ASP C 182 -37.21 -35.42 -10.17
CA ASP C 182 -37.37 -35.27 -8.74
C ASP C 182 -36.08 -35.55 -7.97
N ASN C 183 -35.17 -36.32 -8.53
CA ASN C 183 -33.89 -36.59 -7.87
C ASN C 183 -32.77 -35.65 -8.32
N ILE C 184 -33.01 -34.82 -9.32
CA ILE C 184 -31.97 -33.94 -9.86
C ILE C 184 -31.99 -32.66 -9.03
N VAL C 185 -31.10 -32.59 -8.03
CA VAL C 185 -31.09 -31.42 -7.16
C VAL C 185 -30.76 -30.16 -7.96
N ALA C 186 -29.74 -30.24 -8.80
CA ALA C 186 -29.34 -29.11 -9.62
C ALA C 186 -28.46 -29.58 -10.76
N ILE C 187 -28.47 -28.81 -11.84
CA ILE C 187 -27.53 -28.92 -12.93
C ILE C 187 -26.48 -27.84 -12.77
N VAL C 188 -25.21 -28.21 -12.82
CA VAL C 188 -24.08 -27.28 -12.67
C VAL C 188 -23.42 -27.10 -14.04
N SER C 189 -23.54 -25.90 -14.61
CA SER C 189 -22.84 -25.55 -15.85
C SER C 189 -21.51 -24.91 -15.52
N THR C 190 -20.42 -25.64 -15.76
CA THR C 190 -19.08 -25.17 -15.45
C THR C 190 -18.50 -24.47 -16.69
N VAL C 191 -18.16 -23.18 -16.54
CA VAL C 191 -17.64 -22.36 -17.64
C VAL C 191 -16.37 -21.63 -17.18
N THR C 192 -15.26 -21.80 -17.90
CA THR C 192 -15.09 -22.89 -18.86
C THR C 192 -15.13 -24.20 -18.11
N CYS C 193 -15.16 -25.31 -18.85
CA CYS C 193 -15.16 -26.60 -18.19
C CYS C 193 -13.75 -26.93 -17.77
N ASN C 194 -13.46 -26.73 -16.48
CA ASN C 194 -12.10 -26.91 -15.98
C ASN C 194 -11.59 -28.33 -16.20
N SER C 195 -12.40 -29.33 -15.84
CA SER C 195 -11.92 -30.70 -15.90
C SER C 195 -11.78 -31.23 -17.32
N ALA C 196 -12.43 -30.61 -18.30
CA ALA C 196 -12.19 -30.94 -19.69
C ALA C 196 -10.95 -30.24 -20.24
N GLY C 197 -10.23 -29.52 -19.41
CA GLY C 197 -9.04 -28.82 -19.81
C GLY C 197 -9.20 -27.33 -19.99
N GLY C 198 -10.16 -26.70 -19.31
CA GLY C 198 -10.41 -25.29 -19.52
C GLY C 198 -11.09 -25.00 -20.84
N GLN C 199 -11.85 -25.94 -21.36
CA GLN C 199 -12.48 -25.82 -22.67
C GLN C 199 -13.83 -25.14 -22.56
N PRO C 200 -14.16 -24.28 -23.52
CA PRO C 200 -15.38 -23.48 -23.40
C PRO C 200 -16.65 -24.27 -23.68
N VAL C 201 -17.75 -23.74 -23.14
CA VAL C 201 -19.10 -24.22 -23.40
C VAL C 201 -19.77 -23.22 -24.33
N SER C 202 -20.43 -23.73 -25.38
CA SER C 202 -21.03 -22.83 -26.34
C SER C 202 -22.31 -22.22 -25.78
N MET C 203 -22.66 -21.05 -26.32
CA MET C 203 -23.89 -20.40 -25.88
C MET C 203 -25.09 -21.29 -26.17
N SER C 204 -25.09 -21.96 -27.34
CA SER C 204 -26.21 -22.81 -27.69
C SER C 204 -26.32 -24.02 -26.79
N ASN C 205 -25.19 -24.56 -26.34
CA ASN C 205 -25.21 -25.67 -25.40
C ASN C 205 -25.75 -25.22 -24.05
N LEU C 206 -25.32 -24.04 -23.57
CA LEU C 206 -25.86 -23.49 -22.34
C LEU C 206 -27.36 -23.24 -22.46
N LYS C 207 -27.80 -22.73 -23.62
CA LYS C 207 -29.21 -22.45 -23.84
C LYS C 207 -30.02 -23.74 -23.84
N GLU C 208 -29.54 -24.76 -24.55
CA GLU C 208 -30.28 -26.01 -24.63
C GLU C 208 -30.36 -26.69 -23.27
N VAL C 209 -29.27 -26.65 -22.49
CA VAL C 209 -29.29 -27.23 -21.15
C VAL C 209 -30.32 -26.55 -20.27
N TYR C 210 -30.35 -25.22 -20.31
CA TYR C 210 -31.28 -24.47 -19.47
C TYR C 210 -32.73 -24.73 -19.85
N GLU C 211 -33.01 -24.78 -21.16
CA GLU C 211 -34.37 -25.08 -21.61
C GLU C 211 -34.78 -26.48 -21.21
N ILE C 212 -33.88 -27.45 -21.34
CA ILE C 212 -34.18 -28.81 -20.90
C ILE C 212 -34.43 -28.83 -19.39
N ALA C 213 -33.69 -28.04 -18.63
CA ALA C 213 -33.86 -28.03 -17.17
C ALA C 213 -35.17 -27.38 -16.74
N LYS C 214 -35.58 -26.31 -17.41
CA LYS C 214 -36.80 -25.62 -17.03
C LYS C 214 -38.05 -26.43 -17.32
N GLN C 215 -38.05 -27.19 -18.41
CA GLN C 215 -39.22 -28.01 -18.71
C GLN C 215 -39.43 -29.09 -17.66
N HIS C 216 -38.37 -29.49 -16.96
CA HIS C 216 -38.43 -30.48 -15.88
C HIS C 216 -38.38 -29.85 -14.50
N GLY C 217 -38.38 -28.53 -14.39
CA GLY C 217 -38.33 -27.89 -13.07
C GLY C 217 -37.05 -28.12 -12.29
N ILE C 218 -35.91 -28.13 -12.97
CA ILE C 218 -34.60 -28.35 -12.34
C ILE C 218 -33.86 -27.02 -12.22
N PHE C 219 -33.21 -26.80 -11.07
CA PHE C 219 -32.44 -25.60 -10.81
C PHE C 219 -31.07 -25.66 -11.50
N VAL C 220 -30.64 -24.54 -12.08
CA VAL C 220 -29.39 -24.46 -12.83
C VAL C 220 -28.42 -23.50 -12.13
N VAL C 221 -27.24 -24.01 -11.79
CA VAL C 221 -26.18 -23.21 -11.16
C VAL C 221 -25.00 -23.10 -12.13
N MET C 222 -24.51 -21.88 -12.34
CA MET C 222 -23.38 -21.65 -13.20
C MET C 222 -22.11 -21.58 -12.33
N ASP C 223 -21.27 -22.61 -12.43
CA ASP C 223 -19.95 -22.55 -11.80
C ASP C 223 -19.09 -21.60 -12.63
N SER C 224 -18.79 -20.43 -12.07
CA SER C 224 -18.36 -19.28 -12.86
C SER C 224 -16.90 -18.89 -12.61
N ALA C 225 -16.08 -19.81 -12.12
CA ALA C 225 -14.69 -19.48 -11.84
C ALA C 225 -14.02 -18.85 -13.05
N ARG C 226 -14.23 -19.42 -14.24
CA ARG C 226 -13.57 -18.90 -15.42
C ARG C 226 -14.59 -18.46 -16.46
N PHE C 227 -15.58 -17.69 -16.01
CA PHE C 227 -16.67 -17.27 -16.89
C PHE C 227 -16.23 -16.26 -17.94
N CYS C 228 -15.15 -15.51 -17.69
CA CYS C 228 -14.70 -14.51 -18.65
C CYS C 228 -13.91 -15.15 -19.79
N GLU C 229 -13.12 -16.17 -19.47
CA GLU C 229 -12.44 -16.93 -20.51
C GLU C 229 -13.44 -17.68 -21.39
N ASN C 230 -14.53 -18.18 -20.81
CA ASN C 230 -15.56 -18.81 -21.61
C ASN C 230 -16.21 -17.80 -22.56
N ALA C 231 -16.47 -16.59 -22.07
CA ALA C 231 -17.08 -15.56 -22.90
C ALA C 231 -16.16 -15.15 -24.03
N TYR C 232 -14.85 -15.10 -23.78
CA TYR C 232 -13.93 -14.77 -24.86
C TYR C 232 -14.00 -15.79 -25.98
N PHE C 233 -14.03 -17.07 -25.62
CA PHE C 233 -14.12 -18.12 -26.64
C PHE C 233 -15.41 -18.01 -27.44
N ILE C 234 -16.53 -17.71 -26.77
CA ILE C 234 -17.81 -17.56 -27.47
C ILE C 234 -17.73 -16.43 -28.51
N LYS C 235 -17.13 -15.31 -28.13
CA LYS C 235 -16.94 -14.25 -29.12
C LYS C 235 -15.94 -14.68 -30.20
N ALA C 236 -14.94 -15.48 -29.83
CA ALA C 236 -13.91 -15.86 -30.77
C ALA C 236 -14.37 -16.92 -31.78
N ARG C 237 -15.33 -17.77 -31.40
CA ARG C 237 -15.67 -18.93 -32.19
C ARG C 237 -17.12 -19.02 -32.62
N ASP C 238 -18.02 -18.22 -32.03
CA ASP C 238 -19.41 -18.22 -32.44
C ASP C 238 -19.66 -17.00 -33.30
N PRO C 239 -19.99 -17.15 -34.58
CA PRO C 239 -20.23 -15.96 -35.43
C PRO C 239 -21.39 -15.11 -34.95
N LYS C 240 -22.33 -15.67 -34.19
CA LYS C 240 -23.45 -14.88 -33.68
C LYS C 240 -22.98 -13.74 -32.79
N TYR C 241 -21.89 -13.94 -32.04
CA TYR C 241 -21.36 -12.94 -31.13
C TYR C 241 -20.08 -12.28 -31.66
N LYS C 242 -19.85 -12.36 -32.96
CA LYS C 242 -18.61 -11.83 -33.54
C LYS C 242 -18.41 -10.36 -33.23
N ASN C 243 -19.50 -9.59 -33.16
CA ASN C 243 -19.42 -8.15 -32.95
C ASN C 243 -20.02 -7.73 -31.61
N ALA C 244 -20.16 -8.66 -30.68
CA ALA C 244 -20.64 -8.31 -29.35
C ALA C 244 -19.46 -8.06 -28.41
N THR C 245 -19.69 -7.21 -27.42
CA THR C 245 -18.68 -7.01 -26.38
C THR C 245 -18.67 -8.21 -25.44
N ILE C 246 -17.56 -8.34 -24.68
CA ILE C 246 -17.45 -9.44 -23.74
C ILE C 246 -18.58 -9.37 -22.71
N LYS C 247 -18.92 -8.17 -22.24
CA LYS C 247 -20.00 -8.04 -21.29
C LYS C 247 -21.33 -8.47 -21.89
N GLU C 248 -21.55 -8.21 -23.18
CA GLU C 248 -22.77 -8.67 -23.83
C GLU C 248 -22.80 -10.19 -23.91
N VAL C 249 -21.66 -10.82 -24.17
CA VAL C 249 -21.61 -12.28 -24.14
C VAL C 249 -21.90 -12.78 -22.74
N ILE C 250 -21.27 -12.16 -21.73
CA ILE C 250 -21.52 -12.53 -20.35
C ILE C 250 -23.00 -12.41 -20.02
N PHE C 251 -23.62 -11.30 -20.45
CA PHE C 251 -25.02 -11.09 -20.12
C PHE C 251 -25.92 -12.18 -20.69
N ASP C 252 -25.63 -12.64 -21.91
CA ASP C 252 -26.42 -13.74 -22.47
C ASP C 252 -26.13 -15.05 -21.76
N MET C 253 -24.87 -15.29 -21.39
CA MET C 253 -24.53 -16.55 -20.74
C MET C 253 -25.41 -16.81 -19.52
N TYR C 254 -25.66 -15.77 -18.73
CA TYR C 254 -26.35 -15.91 -17.46
C TYR C 254 -27.86 -15.79 -17.59
N LYS C 255 -28.37 -15.63 -18.81
CA LYS C 255 -29.78 -15.91 -19.06
C LYS C 255 -30.11 -17.40 -18.90
N TYR C 256 -29.11 -18.26 -18.91
CA TYR C 256 -29.31 -19.72 -18.91
C TYR C 256 -28.83 -20.36 -17.60
N ALA C 257 -29.03 -19.66 -16.50
CA ALA C 257 -28.83 -20.22 -15.17
C ALA C 257 -29.74 -19.47 -14.20
N ASP C 258 -29.94 -20.07 -13.03
CA ASP C 258 -30.76 -19.48 -11.98
C ASP C 258 -29.93 -18.87 -10.86
N ALA C 259 -28.65 -19.24 -10.76
CA ALA C 259 -27.75 -18.79 -9.72
C ALA C 259 -26.34 -19.11 -10.17
N LEU C 260 -25.36 -18.58 -9.45
CA LEU C 260 -23.96 -18.87 -9.75
C LEU C 260 -23.16 -19.02 -8.47
N THR C 261 -22.17 -19.90 -8.52
CA THR C 261 -21.09 -19.94 -7.55
C THR C 261 -19.80 -19.58 -8.27
N MET C 262 -18.99 -18.74 -7.64
CA MET C 262 -17.80 -18.22 -8.30
C MET C 262 -16.65 -18.18 -7.33
N SER C 263 -15.52 -18.74 -7.74
CA SER C 263 -14.23 -18.47 -7.12
C SER C 263 -13.64 -17.23 -7.79
N ALA C 264 -13.59 -16.12 -7.05
CA ALA C 264 -12.97 -14.91 -7.58
C ALA C 264 -11.45 -15.03 -7.67
N LYS C 265 -10.90 -16.16 -7.24
CA LYS C 265 -9.47 -16.37 -7.27
C LYS C 265 -9.00 -16.70 -8.69
N ASP C 267 -10.89 -15.87 -12.63
CA ASP C 267 -11.06 -14.79 -13.60
C ASP C 267 -11.20 -13.36 -13.02
N PRO C 268 -11.84 -13.18 -11.86
CA PRO C 268 -11.85 -11.85 -11.25
C PRO C 268 -10.48 -11.37 -10.75
N LEU C 269 -9.40 -12.14 -10.96
CA LEU C 269 -8.03 -11.67 -10.79
C LEU C 269 -7.69 -11.34 -9.35
N LEU C 270 -8.16 -12.17 -8.41
CA LEU C 270 -7.92 -11.92 -7.00
C LEU C 270 -7.02 -13.00 -6.40
N ASN C 271 -6.58 -12.74 -5.17
CA ASN C 271 -5.80 -13.70 -4.39
C ASN C 271 -6.66 -14.49 -3.41
N ILE C 272 -7.89 -14.02 -3.18
CA ILE C 272 -8.82 -14.67 -2.28
C ILE C 272 -10.19 -14.13 -2.67
N GLY C 273 -11.24 -14.84 -2.29
CA GLY C 273 -12.59 -14.34 -2.54
C GLY C 273 -13.50 -15.26 -3.31
N GLY C 274 -14.80 -15.17 -3.01
CA GLY C 274 -15.79 -15.98 -3.66
C GLY C 274 -17.11 -15.24 -3.70
N LEU C 275 -18.08 -15.84 -4.39
CA LEU C 275 -19.35 -15.17 -4.58
C LEU C 275 -20.43 -16.19 -4.90
N VAL C 276 -21.59 -16.04 -4.24
CA VAL C 276 -22.84 -16.64 -4.66
C VAL C 276 -23.71 -15.51 -5.19
N ALA C 277 -24.30 -15.69 -6.36
CA ALA C 277 -25.31 -14.77 -6.85
C ALA C 277 -26.52 -15.57 -7.28
N ILE C 278 -27.70 -15.03 -7.03
CA ILE C 278 -28.97 -15.69 -7.30
C ILE C 278 -29.84 -14.77 -8.14
N ARG C 279 -30.47 -15.34 -9.18
CA ARG C 279 -31.20 -14.54 -10.16
C ARG C 279 -32.38 -13.81 -9.53
N ASP C 280 -33.35 -14.56 -8.98
CA ASP C 280 -34.55 -13.95 -8.39
C ASP C 280 -35.25 -14.83 -7.35
N ASN C 281 -34.75 -16.04 -7.11
CA ASN C 281 -35.43 -16.92 -6.16
C ASN C 281 -35.08 -16.45 -4.75
N GLU C 282 -35.96 -15.63 -4.19
CA GLU C 282 -35.69 -15.02 -2.89
C GLU C 282 -35.71 -16.07 -1.78
N GLU C 283 -36.42 -17.18 -1.97
CA GLU C 283 -36.48 -18.22 -0.94
C GLU C 283 -35.13 -18.93 -0.79
N ILE C 284 -34.52 -19.34 -1.91
CA ILE C 284 -33.20 -19.96 -1.87
C ILE C 284 -32.18 -18.95 -1.34
N PHE C 285 -32.32 -17.68 -1.71
CA PHE C 285 -31.44 -16.63 -1.21
C PHE C 285 -31.52 -16.53 0.31
N THR C 286 -32.73 -16.58 0.87
CA THR C 286 -32.88 -16.49 2.32
C THR C 286 -32.27 -17.69 3.02
N LEU C 287 -32.47 -18.89 2.48
CA LEU C 287 -31.90 -20.08 3.11
C LEU C 287 -30.38 -20.06 3.03
N ALA C 288 -29.84 -19.57 1.90
CA ALA C 288 -28.39 -19.49 1.77
C ALA C 288 -27.79 -18.48 2.74
N ARG C 289 -28.52 -17.40 3.01
CA ARG C 289 -28.06 -16.45 4.02
C ARG C 289 -28.04 -17.09 5.40
N GLN C 290 -29.02 -17.93 5.70
CA GLN C 290 -29.06 -18.58 7.01
C GLN C 290 -27.85 -19.50 7.20
N ARG C 291 -27.45 -20.22 6.15
CA ARG C 291 -26.27 -21.08 6.26
C ARG C 291 -24.96 -20.29 6.21
N CYS C 292 -24.95 -19.15 5.53
CA CYS C 292 -23.73 -18.35 5.41
C CYS C 292 -23.20 -17.91 6.77
N VAL C 293 -24.10 -17.57 7.69
CA VAL C 293 -23.70 -16.98 8.98
C VAL C 293 -22.81 -17.93 9.77
N PRO C 294 -23.21 -19.18 10.06
CA PRO C 294 -22.30 -20.05 10.83
C PRO C 294 -21.09 -20.54 10.02
N MET C 295 -21.19 -20.64 8.70
CA MET C 295 -20.14 -21.25 7.89
C MET C 295 -19.07 -20.25 7.42
N GLU C 296 -19.49 -19.06 6.99
CA GLU C 296 -18.57 -18.10 6.39
C GLU C 296 -18.45 -16.80 7.18
N GLY C 297 -19.55 -16.28 7.68
CA GLY C 297 -19.57 -14.99 8.34
C GLY C 297 -20.90 -14.31 8.11
N PHE C 298 -21.01 -13.09 8.62
CA PHE C 298 -22.24 -12.31 8.43
C PHE C 298 -22.43 -12.00 6.96
N VAL C 299 -23.69 -11.79 6.57
CA VAL C 299 -24.08 -11.84 5.15
C VAL C 299 -23.60 -10.65 4.33
N THR C 300 -23.11 -9.56 4.94
CA THR C 300 -22.59 -8.42 4.18
C THR C 300 -21.07 -8.45 4.04
N TYR C 301 -20.41 -9.51 4.48
CA TYR C 301 -18.99 -9.71 4.17
C TYR C 301 -18.63 -11.15 3.88
N GLY C 302 -19.37 -12.13 4.38
CA GLY C 302 -19.25 -13.52 3.96
C GLY C 302 -17.87 -14.13 4.07
N GLY C 303 -17.16 -13.86 5.16
CA GLY C 303 -15.82 -14.38 5.32
C GLY C 303 -14.77 -13.66 4.53
N LEU C 304 -15.08 -12.47 4.01
CA LEU C 304 -14.12 -11.63 3.31
C LEU C 304 -13.85 -10.37 4.10
N ALA C 305 -12.61 -9.90 4.02
CA ALA C 305 -12.29 -8.54 4.43
C ALA C 305 -12.97 -7.56 3.46
N GLY C 306 -13.34 -6.40 3.99
CA GLY C 306 -13.90 -5.37 3.14
C GLY C 306 -12.99 -5.04 1.97
N ARG C 307 -11.69 -5.00 2.22
CA ARG C 307 -10.75 -4.71 1.14
C ARG C 307 -10.83 -5.77 0.04
N ASP C 308 -11.17 -7.01 0.39
CA ASP C 308 -11.25 -8.04 -0.62
C ASP C 308 -12.54 -7.96 -1.44
N MET C 309 -13.65 -7.53 -0.83
CA MET C 309 -14.83 -7.23 -1.62
C MET C 309 -14.57 -6.05 -2.57
N ALA C 310 -13.82 -5.05 -2.09
CA ALA C 310 -13.45 -3.92 -2.94
C ALA C 310 -12.62 -4.38 -4.13
N ALA C 311 -11.62 -5.22 -3.87
CA ALA C 311 -10.80 -5.73 -4.98
C ALA C 311 -11.61 -6.55 -5.94
N MET C 312 -12.64 -7.25 -5.45
CA MET C 312 -13.45 -8.07 -6.34
C MET C 312 -14.29 -7.22 -7.28
N VAL C 313 -14.81 -6.09 -6.79
CA VAL C 313 -15.58 -5.20 -7.65
C VAL C 313 -14.72 -4.71 -8.81
N GLN C 314 -13.50 -4.28 -8.50
CA GLN C 314 -12.60 -3.82 -9.54
C GLN C 314 -12.13 -4.99 -10.40
N GLY C 315 -11.83 -6.13 -9.78
CA GLY C 315 -11.37 -7.28 -10.54
C GLY C 315 -12.42 -7.85 -11.47
N LEU C 316 -13.69 -7.79 -11.06
CA LEU C 316 -14.77 -8.23 -11.94
C LEU C 316 -14.80 -7.40 -13.22
N GLU C 317 -14.50 -6.11 -13.11
CA GLU C 317 -14.43 -5.27 -14.30
C GLU C 317 -13.23 -5.64 -15.16
N GLU C 318 -12.04 -5.70 -14.55
CA GLU C 318 -10.82 -5.94 -15.31
C GLU C 318 -10.82 -7.30 -15.99
N GLY C 319 -11.48 -8.28 -15.38
CA GLY C 319 -11.52 -9.63 -15.93
C GLY C 319 -12.31 -9.74 -17.22
N THR C 320 -13.16 -8.75 -17.54
CA THR C 320 -13.96 -8.77 -18.75
C THR C 320 -13.32 -8.03 -19.91
N GLU C 321 -12.13 -7.45 -19.73
CA GLU C 321 -11.57 -6.58 -20.75
C GLU C 321 -11.00 -7.43 -21.89
N GLU C 322 -11.54 -7.22 -23.10
CA GLU C 322 -11.23 -8.11 -24.21
C GLU C 322 -9.73 -8.11 -24.53
N GLU C 323 -9.09 -6.95 -24.48
CA GLU C 323 -7.66 -6.88 -24.77
C GLU C 323 -6.86 -7.73 -23.79
N TYR C 324 -7.23 -7.68 -22.50
CA TYR C 324 -6.57 -8.53 -21.51
C TYR C 324 -6.87 -9.99 -21.78
N LEU C 325 -8.14 -10.31 -22.08
CA LEU C 325 -8.51 -11.70 -22.32
C LEU C 325 -7.78 -12.26 -23.53
N HIS C 326 -7.64 -11.44 -24.58
CA HIS C 326 -6.90 -11.87 -25.77
C HIS C 326 -5.45 -12.17 -25.44
N TYR C 327 -4.81 -11.29 -24.66
CA TYR C 327 -3.43 -11.52 -24.26
C TYR C 327 -3.30 -12.76 -23.38
N ARG C 328 -4.17 -12.89 -22.38
CA ARG C 328 -4.08 -13.98 -21.42
C ARG C 328 -4.23 -15.33 -22.11
N ILE C 329 -5.34 -15.52 -22.82
CA ILE C 329 -5.58 -16.79 -23.50
C ILE C 329 -4.55 -16.99 -24.60
N GLY C 330 -4.07 -15.91 -25.20
CA GLY C 330 -3.01 -16.00 -26.20
C GLY C 330 -1.70 -16.50 -25.66
N GLN C 331 -1.39 -16.14 -24.41
CA GLN C 331 -0.18 -16.65 -23.79
C GLN C 331 -0.27 -18.15 -23.54
N VAL C 332 -1.45 -18.64 -23.14
CA VAL C 332 -1.65 -20.06 -22.95
C VAL C 332 -1.52 -20.80 -24.27
N LYS C 333 -2.12 -20.25 -25.34
CA LYS C 333 -2.00 -20.83 -26.67
C LYS C 333 -0.55 -20.82 -27.15
N TYR C 334 0.18 -19.75 -26.86
CA TYR C 334 1.57 -19.66 -27.25
C TYR C 334 2.39 -20.76 -26.61
N LEU C 335 2.18 -21.00 -25.31
CA LEU C 335 2.89 -22.09 -24.65
C LEU C 335 2.51 -23.43 -25.27
N GLY C 336 1.22 -23.63 -25.56
CA GLY C 336 0.79 -24.86 -26.19
C GLY C 336 1.40 -25.04 -27.57
N ASP C 337 1.41 -23.97 -28.37
CA ASP C 337 1.96 -24.04 -29.72
C ASP C 337 3.47 -24.28 -29.70
N ARG C 338 4.18 -23.72 -28.72
CA ARG C 338 5.60 -24.03 -28.59
C ARG C 338 5.82 -25.52 -28.40
N LEU C 339 5.04 -26.14 -27.52
CA LEU C 339 5.22 -27.56 -27.27
C LEU C 339 4.77 -28.39 -28.46
N ARG C 340 3.61 -28.06 -29.02
CA ARG C 340 3.04 -28.82 -30.12
C ARG C 340 3.97 -28.77 -31.34
N GLU C 341 4.54 -27.60 -31.63
CA GLU C 341 5.48 -27.47 -32.74
C GLU C 341 6.77 -28.23 -32.48
N ALA C 342 7.05 -28.61 -31.24
CA ALA C 342 8.22 -29.42 -30.93
C ALA C 342 7.90 -30.91 -30.87
N GLY C 343 6.68 -31.30 -31.21
CA GLY C 343 6.29 -32.68 -31.13
C GLY C 343 5.79 -33.14 -29.79
N ILE C 344 5.57 -32.22 -28.84
CA ILE C 344 5.03 -32.55 -27.53
C ILE C 344 3.52 -32.69 -27.63
N PRO C 345 2.94 -33.82 -27.25
CA PRO C 345 1.48 -33.99 -27.38
C PRO C 345 0.75 -33.26 -26.28
N ILE C 346 -0.24 -32.45 -26.68
CA ILE C 346 -1.05 -31.69 -25.74
C ILE C 346 -2.51 -31.84 -26.11
N GLN C 347 -3.39 -31.45 -25.20
CA GLN C 347 -4.79 -31.29 -25.55
C GLN C 347 -4.93 -30.06 -26.43
N TYR C 348 -5.64 -30.21 -27.55
CA TYR C 348 -5.71 -29.16 -28.55
C TYR C 348 -7.16 -28.98 -28.99
N PRO C 349 -7.67 -27.75 -29.07
CA PRO C 349 -6.94 -26.51 -28.78
C PRO C 349 -6.76 -26.30 -27.28
N THR C 350 -5.77 -25.49 -26.92
CA THR C 350 -5.55 -25.15 -25.53
C THR C 350 -6.75 -24.39 -24.97
N GLY C 351 -7.06 -24.65 -23.70
CA GLY C 351 -8.10 -23.94 -23.01
C GLY C 351 -7.67 -22.55 -22.59
N GLY C 352 -8.46 -21.96 -21.71
CA GLY C 352 -8.24 -20.58 -21.32
C GLY C 352 -7.14 -20.35 -20.30
N HIS C 353 -6.80 -21.36 -19.50
CA HIS C 353 -5.94 -21.09 -18.34
C HIS C 353 -4.80 -22.08 -18.15
N ALA C 354 -4.70 -23.14 -18.93
CA ALA C 354 -3.71 -24.17 -18.69
C ALA C 354 -3.45 -24.95 -19.97
N VAL C 355 -2.24 -25.50 -20.07
CA VAL C 355 -1.86 -26.44 -21.11
C VAL C 355 -1.76 -27.82 -20.48
N PHE C 356 -2.31 -28.82 -21.15
CA PHE C 356 -2.28 -30.20 -20.64
C PHE C 356 -1.40 -31.04 -21.55
N VAL C 357 -0.36 -31.63 -20.97
CA VAL C 357 0.61 -32.42 -21.72
C VAL C 357 0.31 -33.90 -21.49
N ASP C 358 0.07 -34.62 -22.59
CA ASP C 358 -0.19 -36.06 -22.53
C ASP C 358 1.12 -36.78 -22.25
N CYS C 359 1.31 -37.23 -21.02
CA CYS C 359 2.56 -37.87 -20.66
C CYS C 359 2.63 -39.34 -21.05
N LYS C 360 1.49 -40.01 -21.23
CA LYS C 360 1.52 -41.41 -21.64
C LYS C 360 2.27 -41.55 -22.97
N LYS C 361 2.10 -40.59 -23.86
CA LYS C 361 2.82 -40.61 -25.14
C LYS C 361 4.26 -40.18 -25.01
N LEU C 362 4.63 -39.52 -23.92
CA LEU C 362 6.02 -39.12 -23.72
C LEU C 362 6.84 -40.19 -23.00
N VAL C 363 6.22 -40.91 -22.07
CA VAL C 363 6.91 -41.97 -21.36
C VAL C 363 6.04 -43.22 -21.40
N PRO C 364 5.88 -43.84 -22.57
CA PRO C 364 5.00 -45.03 -22.66
C PRO C 364 5.54 -46.23 -21.89
N GLN C 365 6.84 -46.27 -21.62
CA GLN C 365 7.46 -47.34 -20.85
C GLN C 365 7.09 -47.31 -19.37
N ILE C 366 6.36 -46.30 -18.92
CA ILE C 366 5.95 -46.17 -17.53
C ILE C 366 4.46 -46.49 -17.44
N PRO C 367 4.07 -47.59 -16.79
CA PRO C 367 2.64 -47.91 -16.70
C PRO C 367 1.92 -46.92 -15.80
N GLY C 368 0.59 -46.91 -15.93
CA GLY C 368 -0.21 -45.90 -15.25
C GLY C 368 -0.10 -45.96 -13.74
N ASP C 369 -0.08 -47.16 -13.18
CA ASP C 369 0.02 -47.31 -11.74
C ASP C 369 1.38 -46.92 -11.20
N GLN C 370 2.33 -46.60 -12.07
CA GLN C 370 3.61 -46.05 -11.64
C GLN C 370 3.72 -44.55 -11.90
N PHE C 371 2.61 -43.90 -12.30
CA PHE C 371 2.46 -42.45 -12.39
C PHE C 371 3.38 -41.82 -13.43
N PRO C 372 3.14 -42.06 -14.72
CA PRO C 372 4.02 -41.48 -15.75
C PRO C 372 4.00 -39.95 -15.78
N ALA C 373 2.83 -39.32 -15.63
CA ALA C 373 2.79 -37.86 -15.66
C ALA C 373 3.58 -37.26 -14.50
N GLN C 374 3.51 -37.88 -13.32
CA GLN C 374 4.28 -37.39 -12.18
C GLN C 374 5.77 -37.54 -12.41
N ALA C 375 6.21 -38.59 -13.10
CA ALA C 375 7.62 -38.73 -13.40
C ALA C 375 8.10 -37.61 -14.31
N VAL C 376 7.27 -37.19 -15.26
CA VAL C 376 7.64 -36.10 -16.14
C VAL C 376 7.68 -34.78 -15.37
N ILE C 377 6.74 -34.60 -14.44
CA ILE C 377 6.68 -33.39 -13.62
C ILE C 377 7.94 -33.23 -12.78
N ASN C 378 8.32 -34.30 -12.08
CA ASN C 378 9.53 -34.26 -11.25
C ASN C 378 10.76 -33.97 -12.09
N ALA C 379 10.87 -34.62 -13.26
CA ALA C 379 11.98 -34.34 -14.16
C ALA C 379 11.96 -32.89 -14.64
N LEU C 380 10.78 -32.37 -14.95
CA LEU C 380 10.68 -30.97 -15.33
C LEU C 380 11.18 -30.05 -14.21
N TYR C 381 10.83 -30.38 -12.96
CA TYR C 381 11.27 -29.55 -11.84
C TYR C 381 12.78 -29.60 -11.67
N LEU C 382 13.38 -30.80 -11.75
CA LEU C 382 14.82 -30.93 -11.57
C LEU C 382 15.59 -30.21 -12.67
N GLU C 383 15.02 -30.12 -13.87
CA GLU C 383 15.69 -29.47 -14.98
C GLU C 383 15.55 -27.96 -14.97
N SER C 384 14.53 -27.42 -14.31
CA SER C 384 14.18 -26.03 -14.53
C SER C 384 13.71 -25.27 -13.31
N GLY C 385 13.28 -25.94 -12.24
CA GLY C 385 12.63 -25.27 -11.13
C GLY C 385 11.18 -24.94 -11.36
N VAL C 386 10.61 -25.37 -12.49
CA VAL C 386 9.19 -25.19 -12.76
C VAL C 386 8.41 -26.26 -12.04
N ARG C 387 7.33 -25.88 -11.37
CA ARG C 387 6.48 -26.82 -10.65
C ARG C 387 5.13 -26.93 -11.34
N ALA C 388 4.78 -28.14 -11.79
CA ALA C 388 3.48 -28.45 -12.40
C ALA C 388 2.75 -29.47 -11.54
N VAL C 389 1.52 -29.81 -11.95
CA VAL C 389 0.65 -30.69 -11.19
C VAL C 389 0.15 -31.84 -12.08
N GLU C 390 -0.04 -33.00 -11.46
CA GLU C 390 -0.40 -34.23 -12.17
C GLU C 390 -1.91 -34.39 -12.23
N ILE C 391 -2.44 -34.62 -13.43
CA ILE C 391 -3.84 -34.98 -13.60
C ILE C 391 -3.88 -36.37 -14.23
N GLY C 392 -3.75 -37.39 -13.39
CA GLY C 392 -3.71 -38.76 -13.87
C GLY C 392 -3.96 -39.81 -12.81
N SER C 393 -3.21 -40.91 -12.87
CA SER C 393 -3.43 -42.02 -11.95
C SER C 393 -3.09 -41.64 -10.52
N PHE C 394 -2.06 -40.81 -10.33
CA PHE C 394 -1.72 -40.35 -8.98
C PHE C 394 -2.87 -39.58 -8.36
N LEU C 395 -3.49 -38.67 -9.13
CA LEU C 395 -4.62 -37.91 -8.60
C LEU C 395 -5.87 -38.78 -8.48
N LEU C 396 -6.08 -39.71 -9.42
CA LEU C 396 -7.34 -40.44 -9.45
C LEU C 396 -7.51 -41.32 -8.21
N GLY C 397 -6.41 -41.86 -7.68
CA GLY C 397 -6.46 -42.62 -6.44
C GLY C 397 -6.87 -44.07 -6.64
N ARG C 398 -7.10 -44.73 -5.51
CA ARG C 398 -7.45 -46.14 -5.51
C ARG C 398 -8.96 -46.32 -5.49
N ASP C 399 -9.41 -47.46 -5.99
CA ASP C 399 -10.82 -47.80 -5.96
C ASP C 399 -11.27 -48.01 -4.52
N PRO C 400 -12.32 -47.32 -4.06
CA PRO C 400 -12.74 -47.49 -2.66
C PRO C 400 -13.22 -48.88 -2.35
N ALA C 401 -13.78 -49.59 -3.34
CA ALA C 401 -14.30 -50.92 -3.08
C ALA C 401 -13.19 -51.97 -3.01
N THR C 402 -12.20 -51.90 -3.89
CA THR C 402 -11.16 -52.93 -3.96
C THR C 402 -9.84 -52.53 -3.33
N GLY C 403 -9.50 -51.25 -3.32
CA GLY C 403 -8.18 -50.84 -2.91
C GLY C 403 -7.14 -50.96 -3.98
N GLU C 404 -7.55 -51.15 -5.23
CA GLU C 404 -6.65 -51.26 -6.37
C GLU C 404 -6.58 -49.92 -7.08
N GLN C 405 -5.45 -49.69 -7.74
CA GLN C 405 -5.26 -48.43 -8.47
C GLN C 405 -6.33 -48.27 -9.55
N LYS C 406 -7.11 -47.20 -9.44
CA LYS C 406 -8.11 -46.89 -10.45
C LYS C 406 -7.44 -46.59 -11.79
N HIS C 407 -8.08 -47.00 -12.87
CA HIS C 407 -7.53 -46.84 -14.20
C HIS C 407 -7.86 -45.46 -14.73
N ALA C 408 -6.82 -44.71 -15.09
CA ALA C 408 -6.97 -43.36 -15.64
C ALA C 408 -7.02 -43.42 -17.16
N ASP C 409 -7.99 -42.74 -17.74
CA ASP C 409 -8.08 -42.68 -19.20
C ASP C 409 -6.91 -41.90 -19.78
N MET C 410 -6.50 -40.81 -19.13
CA MET C 410 -5.41 -39.97 -19.60
C MET C 410 -4.42 -39.70 -18.47
N GLU C 411 -3.16 -39.54 -18.84
CA GLU C 411 -2.09 -39.18 -17.92
C GLU C 411 -1.57 -37.79 -18.31
N PHE C 412 -2.19 -36.76 -17.74
CA PHE C 412 -1.90 -35.38 -18.09
C PHE C 412 -0.95 -34.74 -17.08
N MET C 413 -0.05 -33.90 -17.57
CA MET C 413 0.65 -32.92 -16.74
C MET C 413 0.01 -31.57 -17.01
N ARG C 414 -0.51 -30.92 -15.97
CA ARG C 414 -1.18 -29.64 -16.12
C ARG C 414 -0.18 -28.51 -15.87
N LEU C 415 -0.04 -27.62 -16.86
CA LEU C 415 0.76 -26.42 -16.76
C LEU C 415 -0.23 -25.26 -16.63
N THR C 416 -0.52 -24.89 -15.38
CA THR C 416 -1.55 -23.92 -15.08
C THR C 416 -0.93 -22.52 -14.99
N ILE C 417 -1.52 -21.57 -15.69
CA ILE C 417 -0.92 -20.25 -15.87
C ILE C 417 -1.69 -19.22 -15.07
N ALA C 418 -0.99 -18.58 -14.12
CA ALA C 418 -1.55 -17.45 -13.37
C ALA C 418 -1.73 -16.25 -14.29
N ARG C 419 -2.60 -15.34 -13.86
CA ARG C 419 -2.98 -14.20 -14.71
C ARG C 419 -2.08 -13.01 -14.44
N ARG C 420 -1.45 -12.52 -15.52
CA ARG C 420 -0.66 -11.28 -15.53
C ARG C 420 0.56 -11.39 -14.63
N VAL C 421 1.10 -12.60 -14.46
CA VAL C 421 2.21 -12.86 -13.56
C VAL C 421 3.49 -13.18 -14.32
N TYR C 422 3.39 -14.02 -15.36
CA TYR C 422 4.56 -14.48 -16.08
C TYR C 422 4.55 -13.93 -17.50
N THR C 423 5.73 -13.72 -18.05
CA THR C 423 5.83 -13.24 -19.43
C THR C 423 5.98 -14.41 -20.40
N ASN C 424 5.87 -14.09 -21.68
CA ASN C 424 6.10 -15.09 -22.70
C ASN C 424 7.54 -15.59 -22.69
N ASP C 425 8.49 -14.83 -22.14
CA ASP C 425 9.82 -15.37 -21.90
C ASP C 425 9.81 -16.44 -20.82
N HIS C 426 8.95 -16.28 -19.80
CA HIS C 426 8.76 -17.37 -18.85
C HIS C 426 8.14 -18.57 -19.54
N MET C 427 7.23 -18.32 -20.48
CA MET C 427 6.66 -19.42 -21.27
C MET C 427 7.73 -20.14 -22.07
N ASP C 428 8.62 -19.39 -22.74
CA ASP C 428 9.72 -20.04 -23.45
C ASP C 428 10.56 -20.86 -22.50
N TYR C 429 10.82 -20.34 -21.30
CA TYR C 429 11.62 -21.08 -20.33
C TYR C 429 10.95 -22.40 -19.97
N ILE C 430 9.63 -22.41 -19.85
CA ILE C 430 8.93 -23.66 -19.57
C ILE C 430 9.04 -24.61 -20.76
N ALA C 431 8.71 -24.13 -21.95
CA ALA C 431 8.71 -24.97 -23.13
C ALA C 431 10.10 -25.54 -23.40
N ASP C 432 11.12 -24.67 -23.39
CA ASP C 432 12.47 -25.12 -23.70
C ASP C 432 12.98 -26.16 -22.70
N ALA C 433 12.54 -26.07 -21.44
CA ALA C 433 12.93 -27.07 -20.45
C ALA C 433 12.28 -28.40 -20.75
N LEU C 434 10.98 -28.40 -21.06
CA LEU C 434 10.30 -29.63 -21.39
C LEU C 434 10.82 -30.20 -22.71
N ILE C 435 11.04 -29.34 -23.71
CA ILE C 435 11.58 -29.80 -24.99
C ILE C 435 12.98 -30.38 -24.82
N GLY C 436 13.78 -29.76 -23.96
CA GLY C 436 15.11 -30.28 -23.70
C GLY C 436 15.12 -31.63 -23.00
N LEU C 437 13.98 -32.09 -22.49
CA LEU C 437 13.88 -33.38 -21.85
C LEU C 437 13.58 -34.52 -22.82
N LYS C 438 13.45 -34.22 -24.11
CA LYS C 438 12.98 -35.21 -25.08
C LYS C 438 13.91 -36.41 -25.14
N GLU C 439 15.21 -36.20 -25.08
CA GLU C 439 16.15 -37.31 -25.12
C GLU C 439 16.23 -38.07 -23.80
N LYS C 440 15.70 -37.50 -22.71
CA LYS C 440 15.68 -38.19 -21.42
C LYS C 440 14.37 -38.91 -21.16
N PHE C 441 13.33 -38.65 -21.95
CA PHE C 441 12.03 -39.25 -21.68
C PHE C 441 12.10 -40.77 -21.75
N ALA C 442 12.86 -41.30 -22.71
CA ALA C 442 12.95 -42.75 -22.84
C ALA C 442 13.67 -43.38 -21.66
N THR C 443 14.46 -42.61 -20.91
CA THR C 443 15.21 -43.13 -19.77
C THR C 443 14.50 -42.97 -18.43
N LEU C 444 13.34 -42.32 -18.37
CA LEU C 444 12.71 -42.05 -17.09
C LEU C 444 12.12 -43.31 -16.48
N LYS C 445 12.22 -43.41 -15.15
CA LYS C 445 11.64 -44.49 -14.38
C LYS C 445 10.42 -43.98 -13.62
N GLY C 446 9.50 -44.88 -13.32
CA GLY C 446 8.29 -44.56 -12.59
C GLY C 446 8.54 -44.29 -11.12
N LEU C 447 7.43 -44.25 -10.39
CA LEU C 447 7.44 -43.97 -8.96
C LEU C 447 6.56 -44.96 -8.22
N GLU C 448 6.96 -45.28 -6.98
CA GLU C 448 6.13 -46.04 -6.06
C GLU C 448 6.07 -45.32 -4.72
N PHE C 449 5.11 -45.71 -3.88
CA PHE C 449 4.85 -45.03 -2.63
C PHE C 449 5.88 -45.39 -1.56
N GLU C 450 6.39 -44.37 -0.88
CA GLU C 450 7.11 -44.52 0.39
C GLU C 450 6.18 -44.31 1.59
N TYR C 451 5.24 -43.37 1.49
CA TYR C 451 4.17 -43.18 2.46
C TYR C 451 2.93 -42.79 1.69
N GLU C 452 1.81 -43.47 1.94
CA GLU C 452 0.56 -43.18 1.26
C GLU C 452 -0.56 -43.02 2.27
N PRO C 453 -1.18 -41.84 2.36
CA PRO C 453 -2.33 -41.67 3.27
C PRO C 453 -3.58 -42.23 2.62
N PRO C 454 -4.64 -42.45 3.40
CA PRO C 454 -5.83 -43.10 2.83
C PRO C 454 -6.62 -42.23 1.87
N VAL C 455 -6.77 -40.93 2.16
CA VAL C 455 -7.56 -40.05 1.32
C VAL C 455 -6.71 -38.82 0.98
N LEU C 456 -6.98 -38.25 -0.20
CA LEU C 456 -6.25 -37.08 -0.71
C LEU C 456 -4.75 -37.32 -0.68
N ARG C 457 -4.35 -38.47 -1.21
CA ARG C 457 -2.95 -38.88 -1.18
C ARG C 457 -2.08 -37.94 -2.01
N HIS C 458 -2.59 -37.48 -3.14
CA HIS C 458 -1.77 -36.67 -4.04
C HIS C 458 -1.27 -35.39 -3.38
N PHE C 459 -1.90 -34.93 -2.29
CA PHE C 459 -1.40 -33.73 -1.62
C PHE C 459 -0.17 -34.03 -0.78
N THR C 460 -0.13 -35.16 -0.08
CA THR C 460 0.88 -35.40 0.93
C THR C 460 1.65 -36.72 0.82
N ALA C 461 1.28 -37.59 -0.13
CA ALA C 461 2.01 -38.86 -0.24
C ALA C 461 3.46 -38.61 -0.62
N ARG C 462 4.35 -39.44 -0.08
CA ARG C 462 5.76 -39.37 -0.41
C ARG C 462 6.09 -40.54 -1.34
N LEU C 463 6.73 -40.23 -2.46
CA LEU C 463 7.05 -41.19 -3.49
C LEU C 463 8.55 -41.45 -3.51
N LYS C 464 8.94 -42.50 -4.21
CA LYS C 464 10.34 -42.81 -4.44
C LYS C 464 10.50 -43.36 -5.84
N PRO C 465 11.63 -43.08 -6.51
CA PRO C 465 11.83 -43.62 -7.86
C PRO C 465 11.98 -45.14 -7.80
N ILE C 466 11.37 -45.81 -8.77
CA ILE C 466 11.48 -47.26 -8.88
C ILE C 466 12.77 -47.59 -9.63
N GLU C 467 13.81 -47.94 -8.89
CA GLU C 467 15.08 -48.34 -9.49
C GLU C 467 15.94 -48.98 -8.40
N ALA D 2 -12.53 8.25 36.53
CA ALA D 2 -12.20 7.75 35.20
C ALA D 2 -10.81 8.23 34.77
N LYS D 3 -9.98 7.30 34.30
CA LYS D 3 -8.59 7.56 33.95
C LYS D 3 -8.37 7.28 32.46
N ARG D 4 -7.88 8.28 31.73
CA ARG D 4 -7.49 8.06 30.36
C ARG D 4 -6.05 7.56 30.33
N ILE D 5 -5.79 6.58 29.46
CA ILE D 5 -4.46 6.04 29.24
C ILE D 5 -4.01 6.45 27.84
N VAL D 6 -2.80 6.98 27.72
CA VAL D 6 -2.32 7.49 26.45
C VAL D 6 -1.96 6.33 25.52
N GLU D 7 -2.15 6.55 24.21
CA GLU D 7 -1.84 5.50 23.21
C GLU D 7 -0.34 5.26 23.19
N PRO D 8 0.11 4.01 23.22
CA PRO D 8 1.54 3.71 23.00
C PRO D 8 1.88 3.63 21.51
N PHE D 9 1.24 4.49 20.73
CA PHE D 9 1.45 4.59 19.29
C PHE D 9 0.95 5.94 18.85
N ARG D 10 1.27 6.30 17.62
CA ARG D 10 0.69 7.46 17.00
C ARG D 10 0.00 7.04 15.70
N ILE D 11 -0.81 7.93 15.17
CA ILE D 11 -1.62 7.61 14.00
C ILE D 11 -0.75 7.72 12.75
N LYS D 12 -0.81 6.69 11.90
CA LYS D 12 -0.12 6.76 10.62
C LYS D 12 -1.05 6.98 9.45
N MET D 13 -2.30 6.54 9.55
CA MET D 13 -3.27 6.76 8.50
C MET D 13 -4.65 6.87 9.13
N VAL D 14 -5.48 7.77 8.59
CA VAL D 14 -6.80 8.01 9.13
C VAL D 14 -7.81 7.56 8.10
N GLU D 15 -9.05 7.37 8.55
CA GLU D 15 -10.19 7.02 7.71
C GLU D 15 -11.33 7.97 8.05
N LYS D 16 -11.94 8.57 7.02
CA LYS D 16 -12.97 9.58 7.25
C LYS D 16 -14.26 8.92 7.73
N ILE D 17 -14.82 9.46 8.82
CA ILE D 17 -16.16 9.12 9.28
C ILE D 17 -16.87 10.43 9.58
N ARG D 18 -18.18 10.46 9.32
CA ARG D 18 -18.96 11.68 9.47
C ARG D 18 -20.22 11.40 10.29
N VAL D 19 -20.66 12.41 11.03
CA VAL D 19 -21.93 12.36 11.74
C VAL D 19 -23.00 12.91 10.81
N PRO D 20 -23.90 12.08 10.29
CA PRO D 20 -25.02 12.63 9.51
C PRO D 20 -25.91 13.44 10.42
N SER D 21 -26.63 14.40 9.85
CA SER D 21 -27.50 15.23 10.66
C SER D 21 -28.64 14.38 11.23
N ARG D 22 -29.26 14.88 12.31
CA ARG D 22 -30.39 14.19 12.90
C ARG D 22 -31.43 13.81 11.86
N GLU D 23 -31.70 14.71 10.91
CA GLU D 23 -32.67 14.41 9.87
C GLU D 23 -32.19 13.27 8.99
N GLU D 24 -30.88 13.20 8.70
CA GLU D 24 -30.35 12.05 7.96
C GLU D 24 -30.46 10.77 8.79
N ARG D 25 -30.11 10.83 10.08
CA ARG D 25 -30.23 9.65 10.94
C ARG D 25 -31.68 9.21 11.07
N GLU D 26 -32.61 10.16 11.23
CA GLU D 26 -34.01 9.80 11.28
C GLU D 26 -34.42 9.09 9.99
N ALA D 27 -34.01 9.65 8.85
CA ALA D 27 -34.32 9.02 7.57
C ALA D 27 -33.63 7.66 7.45
N ALA D 28 -32.36 7.58 7.89
CA ALA D 28 -31.62 6.33 7.76
C ALA D 28 -32.18 5.25 8.69
N LEU D 29 -32.48 5.61 9.94
CA LEU D 29 -33.02 4.61 10.86
C LEU D 29 -34.39 4.15 10.40
N LYS D 30 -35.23 5.08 9.94
CA LYS D 30 -36.54 4.71 9.41
C LYS D 30 -36.41 3.82 8.19
N GLU D 31 -35.45 4.14 7.31
CA GLU D 31 -35.22 3.33 6.12
C GLU D 31 -34.76 1.92 6.50
N ALA D 32 -33.98 1.81 7.57
CA ALA D 32 -33.50 0.53 8.06
C ALA D 32 -34.52 -0.19 8.94
N GLY D 33 -35.77 0.30 9.01
CA GLY D 33 -36.76 -0.34 9.85
C GLY D 33 -36.41 -0.36 11.31
N TYR D 34 -35.80 0.71 11.81
CA TYR D 34 -35.45 0.87 13.23
C TYR D 34 -34.60 -0.29 13.75
N ASN D 35 -33.85 -0.93 12.86
CA ASN D 35 -32.91 -1.98 13.24
C ASN D 35 -31.53 -1.55 12.77
N PRO D 36 -30.63 -1.15 13.68
CA PRO D 36 -29.31 -0.65 13.24
C PRO D 36 -28.51 -1.67 12.46
N PHE D 37 -28.77 -2.97 12.62
CA PHE D 37 -28.07 -3.96 11.81
C PHE D 37 -28.34 -3.81 10.32
N LEU D 38 -29.44 -3.16 9.95
CA LEU D 38 -29.75 -2.91 8.55
C LEU D 38 -29.24 -1.58 8.06
N LEU D 39 -28.59 -0.79 8.93
CA LEU D 39 -28.06 0.49 8.52
C LEU D 39 -26.84 0.30 7.62
N PRO D 40 -26.67 1.12 6.59
CA PRO D 40 -25.38 1.13 5.90
C PRO D 40 -24.33 1.83 6.75
N SER D 41 -23.08 1.39 6.60
CA SER D 41 -22.01 1.97 7.39
C SER D 41 -21.86 3.46 7.12
N SER D 42 -22.31 3.92 5.95
CA SER D 42 -22.25 5.33 5.61
C SER D 42 -23.19 6.16 6.48
N ALA D 43 -24.15 5.53 7.13
CA ALA D 43 -25.05 6.20 8.06
C ALA D 43 -24.53 6.18 9.49
N VAL D 44 -23.33 5.64 9.71
CA VAL D 44 -22.80 5.40 11.04
C VAL D 44 -21.56 6.25 11.23
N TYR D 45 -21.51 6.97 12.35
CA TYR D 45 -20.32 7.72 12.72
C TYR D 45 -19.33 6.82 13.45
N ILE D 46 -19.65 6.42 14.67
CA ILE D 46 -18.86 5.46 15.44
C ILE D 46 -19.62 4.15 15.46
N ASP D 47 -18.94 3.06 15.09
CA ASP D 47 -19.57 1.75 15.00
C ASP D 47 -19.13 0.90 16.20
N LEU D 48 -20.11 0.54 17.04
CA LEU D 48 -19.85 -0.31 18.19
C LEU D 48 -20.54 -1.65 18.05
N LEU D 49 -20.86 -2.04 16.81
CA LEU D 49 -21.54 -3.31 16.58
C LEU D 49 -20.70 -4.48 17.05
N THR D 50 -19.39 -4.44 16.79
CA THR D 50 -18.54 -5.58 17.13
C THR D 50 -17.12 -5.08 17.31
N ASP D 51 -16.26 -6.00 17.76
CA ASP D 51 -14.82 -5.78 17.80
C ASP D 51 -14.11 -6.76 16.89
N SER D 52 -14.81 -7.30 15.90
CA SER D 52 -14.32 -8.37 15.05
C SER D 52 -13.97 -7.81 13.68
N GLY D 53 -12.69 -7.90 13.32
CA GLY D 53 -12.28 -7.56 11.96
C GLY D 53 -12.27 -6.08 11.64
N THR D 54 -12.57 -5.21 12.59
CA THR D 54 -12.60 -3.78 12.35
C THR D 54 -11.38 -3.07 12.92
N ASN D 55 -10.37 -3.82 13.33
CA ASN D 55 -9.22 -3.25 14.01
C ASN D 55 -8.34 -2.47 13.04
N ALA D 56 -7.51 -1.60 13.61
CA ALA D 56 -6.51 -0.85 12.87
C ALA D 56 -5.18 -1.58 12.95
N MET D 57 -4.60 -1.89 11.80
CA MET D 57 -3.33 -2.59 11.76
C MET D 57 -2.18 -1.59 11.92
N SER D 58 -0.99 -2.13 12.16
CA SER D 58 0.21 -1.31 12.22
C SER D 58 0.85 -1.19 10.84
N ASP D 59 1.82 -0.27 10.72
CA ASP D 59 2.55 -0.19 9.46
C ASP D 59 3.34 -1.45 9.18
N HIS D 60 3.81 -2.14 10.23
CA HIS D 60 4.50 -3.41 10.04
C HIS D 60 3.56 -4.50 9.54
N GLN D 61 2.30 -4.49 9.98
CA GLN D 61 1.36 -5.47 9.48
C GLN D 61 1.07 -5.24 8.01
N TRP D 62 0.93 -3.97 7.61
CA TRP D 62 0.73 -3.68 6.20
C TRP D 62 1.95 -4.05 5.37
N ALA D 63 3.15 -3.73 5.87
CA ALA D 63 4.35 -4.10 5.15
C ALA D 63 4.45 -5.61 4.99
N ALA D 64 4.02 -6.36 6.00
CA ALA D 64 4.04 -7.81 5.91
C ALA D 64 3.10 -8.31 4.82
N MET D 65 1.94 -7.68 4.68
CA MET D 65 1.02 -8.04 3.62
C MET D 65 1.63 -7.81 2.25
N ILE D 66 2.32 -6.69 2.09
CA ILE D 66 2.85 -6.29 0.80
C ILE D 66 3.82 -7.32 0.26
N THR D 67 4.65 -7.88 1.13
CA THR D 67 5.58 -8.91 0.73
C THR D 67 5.03 -10.30 0.97
N GLY D 68 3.72 -10.42 1.15
CA GLY D 68 3.13 -11.73 1.38
C GLY D 68 3.34 -12.65 0.20
N ASP D 69 3.49 -13.94 0.50
CA ASP D 69 3.71 -14.97 -0.49
C ASP D 69 2.36 -15.62 -0.80
N GLU D 70 1.89 -15.42 -2.03
CA GLU D 70 0.58 -15.92 -2.42
C GLU D 70 0.62 -17.35 -2.98
N ALA D 71 1.72 -18.08 -2.76
CA ALA D 71 1.86 -19.42 -3.33
C ALA D 71 0.72 -20.32 -2.86
N TYR D 72 0.25 -21.18 -3.77
CA TYR D 72 -0.85 -22.08 -3.43
C TYR D 72 -0.42 -23.10 -2.38
N ALA D 73 0.82 -23.56 -2.47
CA ALA D 73 1.36 -24.57 -1.57
C ALA D 73 2.72 -24.12 -1.09
N GLY D 74 2.93 -24.18 0.22
CA GLY D 74 4.25 -23.88 0.76
C GLY D 74 4.60 -22.40 0.87
N SER D 75 3.60 -21.53 1.08
CA SER D 75 3.84 -20.12 1.29
C SER D 75 4.82 -19.89 2.44
N ARG D 76 5.77 -18.96 2.23
CA ARG D 76 6.68 -18.62 3.32
C ARG D 76 5.91 -18.22 4.57
N ASN D 77 4.77 -17.58 4.41
CA ASN D 77 4.00 -17.09 5.54
C ASN D 77 3.32 -18.23 6.30
N TYR D 78 3.05 -19.36 5.62
CA TYR D 78 2.53 -20.52 6.33
C TYR D 78 3.55 -21.03 7.33
N TYR D 79 4.81 -21.15 6.91
CA TYR D 79 5.83 -21.65 7.84
C TYR D 79 6.11 -20.66 8.95
N ASP D 80 6.10 -19.35 8.64
CA ASP D 80 6.23 -18.34 9.69
C ASP D 80 5.10 -18.46 10.70
N LEU D 81 3.87 -18.64 10.22
CA LEU D 81 2.74 -18.79 11.12
C LEU D 81 2.88 -20.05 11.96
N LYS D 82 3.37 -21.14 11.35
CA LYS D 82 3.62 -22.36 12.10
C LYS D 82 4.66 -22.16 13.18
N ASP D 83 5.76 -21.46 12.85
CA ASP D 83 6.77 -21.18 13.86
C ASP D 83 6.20 -20.31 14.97
N LYS D 84 5.36 -19.34 14.61
CA LYS D 84 4.81 -18.44 15.61
C LYS D 84 3.90 -19.18 16.58
N ALA D 85 3.08 -20.10 16.05
CA ALA D 85 2.23 -20.89 16.93
C ALA D 85 3.07 -21.75 17.86
N LYS D 86 4.18 -22.28 17.38
CA LYS D 86 5.10 -23.02 18.23
C LYS D 86 5.74 -22.10 19.27
N GLU D 87 6.07 -20.86 18.90
CA GLU D 87 6.67 -19.94 19.85
C GLU D 87 5.68 -19.52 20.93
N LEU D 88 4.47 -19.12 20.52
CA LEU D 88 3.51 -18.59 21.48
C LEU D 88 2.86 -19.68 22.31
N PHE D 89 2.34 -20.73 21.66
CA PHE D 89 1.52 -21.71 22.34
C PHE D 89 2.26 -23.01 22.64
N ASN D 90 3.41 -23.23 21.98
CA ASN D 90 4.16 -24.49 22.06
C ASN D 90 3.39 -25.64 21.42
N TYR D 91 2.60 -25.35 20.39
CA TYR D 91 1.84 -26.36 19.66
C TYR D 91 2.53 -26.66 18.33
N ASP D 92 2.53 -27.92 17.93
CA ASP D 92 3.36 -28.36 16.82
C ASP D 92 2.65 -28.35 15.47
N TYR D 93 1.33 -28.21 15.44
CA TYR D 93 0.56 -28.31 14.21
C TYR D 93 -0.38 -27.13 14.08
N ILE D 94 -0.49 -26.58 12.87
CA ILE D 94 -1.44 -25.49 12.62
C ILE D 94 -2.21 -25.76 11.35
N ILE D 95 -3.43 -25.22 11.30
CA ILE D 95 -4.25 -25.20 10.10
C ILE D 95 -4.84 -23.81 10.02
N PRO D 96 -4.43 -22.98 9.07
CA PRO D 96 -5.06 -21.66 8.93
C PRO D 96 -6.51 -21.82 8.51
N ALA D 97 -7.32 -20.83 8.87
CA ALA D 97 -8.73 -20.81 8.52
C ALA D 97 -9.10 -19.38 8.15
N HIS D 98 -10.16 -19.24 7.36
CA HIS D 98 -10.49 -17.91 6.87
C HIS D 98 -10.99 -17.01 7.99
N GLN D 99 -11.58 -17.57 9.04
CA GLN D 99 -11.84 -16.85 10.28
C GLN D 99 -12.26 -17.86 11.34
N GLY D 100 -12.73 -17.36 12.48
CA GLY D 100 -12.88 -18.19 13.67
C GLY D 100 -13.88 -19.31 13.50
N ARG D 101 -15.05 -19.00 12.93
CA ARG D 101 -16.05 -20.04 12.69
C ARG D 101 -15.62 -21.02 11.61
N GLY D 102 -14.71 -20.61 10.72
CA GLY D 102 -14.12 -21.58 9.81
C GLY D 102 -13.26 -22.58 10.57
N ALA D 103 -12.49 -22.11 11.55
CA ALA D 103 -11.69 -23.01 12.37
C ALA D 103 -12.57 -23.98 13.14
N GLU D 104 -13.70 -23.51 13.67
CA GLU D 104 -14.59 -24.42 14.39
C GLU D 104 -15.20 -25.44 13.45
N ASN D 105 -15.52 -25.03 12.22
CA ASN D 105 -16.06 -25.98 11.24
C ASN D 105 -15.03 -27.04 10.87
N ILE D 106 -13.73 -26.72 10.97
CA ILE D 106 -12.70 -27.71 10.69
C ILE D 106 -12.58 -28.70 11.83
N LEU D 107 -12.52 -28.21 13.07
CA LEU D 107 -12.09 -29.03 14.19
C LEU D 107 -13.24 -29.79 14.84
N PHE D 108 -14.37 -29.13 15.09
CA PHE D 108 -15.40 -29.73 15.92
C PHE D 108 -16.03 -30.98 15.28
N PRO D 109 -16.34 -31.01 13.98
CA PRO D 109 -16.78 -32.28 13.39
C PRO D 109 -15.73 -33.36 13.44
N VAL D 110 -14.45 -33.01 13.43
CA VAL D 110 -13.40 -34.00 13.49
C VAL D 110 -13.31 -34.60 14.89
N LEU D 111 -13.47 -33.77 15.92
CA LEU D 111 -13.45 -34.28 17.28
C LEU D 111 -14.62 -35.23 17.54
N LEU D 112 -15.79 -34.93 16.96
CA LEU D 112 -16.94 -35.81 17.12
C LEU D 112 -16.69 -37.16 16.44
N LYS D 113 -16.27 -37.13 15.17
CA LYS D 113 -15.97 -38.36 14.44
C LYS D 113 -14.89 -39.19 15.12
N TYR D 114 -13.87 -38.53 15.66
CA TYR D 114 -12.82 -39.24 16.36
C TYR D 114 -13.35 -39.91 17.62
N LYS D 115 -14.22 -39.22 18.36
CA LYS D 115 -14.80 -39.80 19.55
C LYS D 115 -15.74 -40.94 19.19
N GLN D 116 -16.47 -40.80 18.08
CA GLN D 116 -17.39 -41.85 17.67
C GLN D 116 -16.63 -43.06 17.13
N LYS D 117 -15.44 -42.83 16.56
CA LYS D 117 -14.66 -43.92 15.98
C LYS D 117 -14.23 -44.93 17.03
N GLU D 118 -14.13 -44.50 18.29
CA GLU D 118 -13.77 -45.36 19.40
C GLU D 118 -14.98 -45.96 20.10
N GLY D 119 -16.16 -45.80 19.53
CA GLY D 119 -17.37 -46.33 20.11
C GLY D 119 -18.01 -45.43 21.15
N LYS D 120 -17.53 -44.19 21.28
CA LYS D 120 -18.05 -43.29 22.28
C LYS D 120 -18.90 -42.22 21.60
N ALA D 121 -19.20 -41.15 22.33
CA ALA D 121 -19.97 -40.03 21.80
C ALA D 121 -21.31 -40.50 21.23
N LYS D 122 -21.96 -41.44 21.95
CA LYS D 122 -23.25 -41.95 21.48
C LYS D 122 -24.35 -40.93 21.72
N ASN D 123 -24.27 -40.18 22.81
CA ASN D 123 -25.14 -39.05 23.11
C ASN D 123 -24.24 -37.84 23.35
N PRO D 124 -23.66 -37.30 22.29
CA PRO D 124 -22.52 -36.39 22.44
C PRO D 124 -22.92 -35.00 22.86
N VAL D 125 -22.10 -34.41 23.74
CA VAL D 125 -22.28 -33.04 24.19
C VAL D 125 -20.92 -32.35 24.19
N PHE D 126 -20.96 -31.02 24.15
CA PHE D 126 -19.82 -30.17 24.39
C PHE D 126 -20.06 -29.35 25.65
N ILE D 127 -19.01 -29.14 26.43
CA ILE D 127 -19.09 -28.39 27.69
C ILE D 127 -18.14 -27.20 27.60
N SER D 128 -18.64 -26.03 27.98
CA SER D 128 -17.83 -24.83 27.97
C SER D 128 -18.23 -23.94 29.14
N ASN D 129 -17.31 -23.05 29.54
CA ASN D 129 -17.72 -21.99 30.46
C ASN D 129 -18.82 -21.15 29.81
N PHE D 130 -18.67 -20.83 28.52
CA PHE D 130 -19.80 -20.40 27.71
C PHE D 130 -19.41 -20.49 26.24
N HIS D 131 -20.20 -21.24 25.46
CA HIS D 131 -19.99 -21.30 24.02
C HIS D 131 -20.32 -19.95 23.39
N PHE D 132 -19.44 -19.45 22.53
CA PHE D 132 -19.81 -18.34 21.67
C PHE D 132 -20.90 -18.78 20.69
N ASP D 133 -21.59 -17.79 20.11
CA ASP D 133 -22.74 -18.06 19.25
C ASP D 133 -22.41 -19.03 18.12
N THR D 134 -21.35 -18.74 17.34
CA THR D 134 -20.99 -19.64 16.25
C THR D 134 -20.45 -20.96 16.77
N THR D 135 -19.78 -20.93 17.92
CA THR D 135 -19.27 -22.14 18.54
C THR D 135 -20.41 -23.11 18.85
N ALA D 136 -21.42 -22.63 19.57
CA ALA D 136 -22.58 -23.48 19.88
C ALA D 136 -23.33 -23.88 18.61
N ALA D 137 -23.36 -23.00 17.60
CA ALA D 137 -24.07 -23.31 16.37
C ALA D 137 -23.47 -24.52 15.68
N HIS D 138 -22.13 -24.59 15.62
CA HIS D 138 -21.50 -25.76 15.01
C HIS D 138 -21.67 -27.00 15.87
N VAL D 139 -21.74 -26.85 17.19
CA VAL D 139 -22.04 -27.97 18.08
C VAL D 139 -23.41 -28.56 17.75
N GLU D 140 -24.41 -27.68 17.60
CA GLU D 140 -25.76 -28.15 17.33
C GLU D 140 -25.92 -28.63 15.89
N LEU D 141 -25.16 -28.07 14.95
CA LEU D 141 -25.21 -28.53 13.56
C LEU D 141 -24.70 -29.96 13.41
N ASN D 142 -23.81 -30.40 14.30
CA ASN D 142 -23.32 -31.77 14.26
C ASN D 142 -24.11 -32.69 15.19
N GLY D 143 -25.28 -32.27 15.64
CA GLY D 143 -26.14 -33.12 16.45
C GLY D 143 -25.74 -33.26 17.90
N CYS D 144 -24.97 -32.31 18.43
CA CYS D 144 -24.50 -32.37 19.80
C CYS D 144 -25.20 -31.31 20.64
N LYS D 145 -25.19 -31.52 21.95
CA LYS D 145 -25.71 -30.52 22.88
C LYS D 145 -24.55 -29.65 23.36
N ALA D 146 -24.77 -28.35 23.39
CA ALA D 146 -23.76 -27.39 23.85
C ALA D 146 -24.11 -26.94 25.26
N ILE D 147 -23.29 -27.33 26.23
CA ILE D 147 -23.56 -27.07 27.65
C ILE D 147 -22.66 -25.94 28.15
N ASN D 148 -23.28 -24.94 28.77
CA ASN D 148 -22.59 -23.79 29.34
C ASN D 148 -22.65 -23.86 30.86
N ILE D 149 -21.48 -23.76 31.50
CA ILE D 149 -21.41 -23.86 32.96
C ILE D 149 -20.54 -22.74 33.52
N VAL D 150 -20.82 -21.50 33.15
CA VAL D 150 -20.06 -20.37 33.69
C VAL D 150 -20.36 -20.19 35.17
N THR D 151 -19.38 -19.66 35.91
CA THR D 151 -19.54 -19.42 37.34
C THR D 151 -20.75 -18.53 37.62
N GLU D 152 -21.33 -18.73 38.80
CA GLU D 152 -22.47 -17.92 39.18
C GLU D 152 -22.09 -16.45 39.36
N LYS D 153 -20.80 -16.18 39.60
CA LYS D 153 -20.33 -14.82 39.77
C LYS D 153 -20.60 -13.97 38.54
N ALA D 154 -20.72 -14.59 37.35
CA ALA D 154 -20.97 -13.82 36.14
C ALA D 154 -22.40 -13.31 36.06
N PHE D 155 -23.32 -13.93 36.79
CA PHE D 155 -24.73 -13.54 36.76
C PHE D 155 -25.06 -12.39 37.70
N ASP D 156 -24.16 -12.04 38.63
CA ASP D 156 -24.34 -10.89 39.51
C ASP D 156 -23.67 -9.69 38.84
N SER D 157 -24.48 -8.89 38.14
CA SER D 157 -23.94 -8.01 37.10
C SER D 157 -23.03 -6.93 37.67
N GLU D 158 -23.45 -6.26 38.75
CA GLU D 158 -22.68 -5.13 39.27
C GLU D 158 -21.75 -5.48 40.42
N THR D 159 -21.69 -6.74 40.84
CA THR D 159 -20.81 -7.12 41.94
C THR D 159 -19.47 -7.54 41.37
N TYR D 160 -18.41 -6.90 41.85
CA TYR D 160 -17.08 -7.16 41.32
C TYR D 160 -16.66 -8.59 41.61
N ASP D 161 -15.97 -9.19 40.63
CA ASP D 161 -15.21 -10.40 40.86
C ASP D 161 -14.06 -10.44 39.86
N ASP D 162 -12.97 -11.11 40.27
CA ASP D 162 -11.77 -11.12 39.44
C ASP D 162 -11.96 -11.96 38.18
N TRP D 163 -12.71 -13.07 38.28
CA TRP D 163 -12.72 -14.08 37.23
C TRP D 163 -14.15 -14.50 36.88
N LYS D 164 -14.93 -13.55 36.35
CA LYS D 164 -16.32 -13.85 35.96
C LYS D 164 -16.42 -14.74 34.73
N GLY D 165 -15.32 -15.12 34.09
CA GLY D 165 -15.38 -16.09 33.02
C GLY D 165 -15.08 -17.50 33.44
N ASP D 166 -14.86 -17.73 34.73
CA ASP D 166 -14.41 -19.04 35.21
C ASP D 166 -15.46 -20.11 34.94
N PHE D 167 -14.97 -21.32 34.68
CA PHE D 167 -15.82 -22.51 34.76
C PHE D 167 -16.33 -22.68 36.18
N ASP D 168 -17.57 -23.17 36.29
CA ASP D 168 -18.09 -23.71 37.54
C ASP D 168 -17.60 -25.15 37.66
N ILE D 169 -16.62 -25.38 38.54
CA ILE D 169 -16.02 -26.71 38.64
C ILE D 169 -17.05 -27.74 39.09
N LYS D 170 -17.90 -27.37 40.06
CA LYS D 170 -18.93 -28.28 40.56
C LYS D 170 -19.85 -28.74 39.43
N LYS D 171 -20.33 -27.80 38.61
CA LYS D 171 -21.20 -28.17 37.50
C LYS D 171 -20.44 -28.99 36.47
N LEU D 172 -19.14 -28.77 36.34
CA LEU D 172 -18.35 -29.56 35.42
C LEU D 172 -18.31 -31.02 35.85
N LYS D 173 -17.97 -31.28 37.12
CA LYS D 173 -17.96 -32.66 37.61
C LYS D 173 -19.34 -33.28 37.57
N GLU D 174 -20.39 -32.48 37.81
CA GLU D 174 -21.76 -33.00 37.75
C GLU D 174 -22.13 -33.40 36.33
N ASN D 175 -21.79 -32.56 35.33
CA ASN D 175 -22.13 -32.92 33.96
C ASN D 175 -21.35 -34.13 33.49
N ILE D 176 -20.10 -34.29 33.95
CA ILE D 176 -19.32 -35.47 33.60
C ILE D 176 -19.99 -36.73 34.15
N ALA D 177 -20.48 -36.66 35.39
CA ALA D 177 -21.16 -37.82 35.96
C ALA D 177 -22.49 -38.08 35.29
N GLN D 178 -23.25 -37.02 35.00
CA GLN D 178 -24.59 -37.21 34.44
C GLN D 178 -24.53 -37.74 33.01
N HIS D 179 -23.64 -37.18 32.18
CA HIS D 179 -23.56 -37.56 30.77
C HIS D 179 -22.55 -38.67 30.51
N GLY D 180 -21.59 -38.87 31.40
CA GLY D 180 -20.54 -39.86 31.21
C GLY D 180 -19.42 -39.30 30.39
N ALA D 181 -18.16 -39.61 30.76
CA ALA D 181 -17.00 -39.06 30.07
C ALA D 181 -16.92 -39.49 28.60
N ASP D 182 -17.54 -40.62 28.24
CA ASP D 182 -17.47 -41.07 26.85
C ASP D 182 -18.33 -40.20 25.94
N ASN D 183 -19.33 -39.50 26.49
CA ASN D 183 -20.19 -38.64 25.70
C ASN D 183 -19.69 -37.20 25.62
N ILE D 184 -18.63 -36.84 26.33
CA ILE D 184 -18.13 -35.47 26.32
C ILE D 184 -17.16 -35.38 25.16
N VAL D 185 -17.63 -34.85 24.03
CA VAL D 185 -16.77 -34.77 22.85
C VAL D 185 -15.58 -33.90 23.15
N ALA D 186 -15.81 -32.74 23.75
CA ALA D 186 -14.73 -31.83 24.09
C ALA D 186 -15.20 -30.83 25.12
N ILE D 187 -14.23 -30.32 25.87
CA ILE D 187 -14.42 -29.15 26.71
C ILE D 187 -13.83 -27.95 25.98
N VAL D 188 -14.61 -26.88 25.88
CA VAL D 188 -14.15 -25.66 25.22
C VAL D 188 -13.91 -24.61 26.30
N SER D 189 -12.65 -24.26 26.51
CA SER D 189 -12.28 -23.17 27.41
C SER D 189 -12.21 -21.89 26.60
N THR D 190 -13.18 -21.00 26.80
CA THR D 190 -13.26 -19.74 26.06
C THR D 190 -12.57 -18.61 26.82
N VAL D 191 -11.55 -18.00 26.22
CA VAL D 191 -10.76 -16.96 26.86
C VAL D 191 -10.63 -15.75 25.93
N THR D 192 -11.02 -14.57 26.42
CA THR D 192 -11.83 -14.38 27.62
C THR D 192 -13.18 -15.00 27.38
N CYS D 193 -14.01 -15.09 28.41
CA CYS D 193 -15.34 -15.65 28.22
C CYS D 193 -16.22 -14.58 27.58
N ASN D 194 -16.46 -14.72 26.28
CA ASN D 194 -17.19 -13.71 25.52
C ASN D 194 -18.58 -13.49 26.10
N SER D 195 -19.32 -14.58 26.30
CA SER D 195 -20.72 -14.48 26.68
C SER D 195 -20.92 -13.98 28.10
N ALA D 196 -19.88 -14.03 28.94
CA ALA D 196 -19.95 -13.39 30.25
C ALA D 196 -19.62 -11.90 30.18
N GLY D 197 -19.34 -11.37 29.00
CA GLY D 197 -19.03 -9.96 28.87
C GLY D 197 -17.56 -9.64 28.69
N GLY D 198 -16.78 -10.55 28.11
CA GLY D 198 -15.35 -10.36 27.99
C GLY D 198 -14.59 -10.52 29.28
N GLN D 199 -15.11 -11.32 30.22
CA GLN D 199 -14.57 -11.54 31.56
C GLN D 199 -13.56 -12.68 31.54
N PRO D 200 -12.47 -12.51 32.30
CA PRO D 200 -11.35 -13.44 32.23
C PRO D 200 -11.59 -14.76 32.94
N VAL D 201 -10.81 -15.76 32.53
CA VAL D 201 -10.71 -17.05 33.19
C VAL D 201 -9.37 -17.11 33.90
N SER D 202 -9.38 -17.55 35.16
CA SER D 202 -8.13 -17.58 35.92
C SER D 202 -7.24 -18.73 35.46
N MET D 203 -5.94 -18.58 35.73
CA MET D 203 -5.01 -19.65 35.39
C MET D 203 -5.33 -20.93 36.15
N SER D 204 -5.66 -20.80 37.45
CA SER D 204 -5.95 -21.99 38.24
C SER D 204 -7.26 -22.65 37.80
N ASN D 205 -8.22 -21.85 37.34
CA ASN D 205 -9.45 -22.44 36.81
C ASN D 205 -9.17 -23.21 35.52
N LEU D 206 -8.38 -22.63 34.62
CA LEU D 206 -7.98 -23.37 33.41
C LEU D 206 -7.21 -24.63 33.78
N LYS D 207 -6.36 -24.55 34.79
CA LYS D 207 -5.57 -25.71 35.21
C LYS D 207 -6.46 -26.81 35.76
N GLU D 208 -7.38 -26.46 36.65
CA GLU D 208 -8.23 -27.48 37.26
C GLU D 208 -9.14 -28.13 36.23
N VAL D 209 -9.67 -27.35 35.29
CA VAL D 209 -10.51 -27.90 34.23
C VAL D 209 -9.72 -28.90 33.40
N TYR D 210 -8.49 -28.56 33.03
CA TYR D 210 -7.69 -29.45 32.21
C TYR D 210 -7.34 -30.74 32.95
N GLU D 211 -6.97 -30.63 34.23
CA GLU D 211 -6.66 -31.83 35.02
C GLU D 211 -7.88 -32.74 35.14
N ILE D 212 -9.06 -32.16 35.36
CA ILE D 212 -10.28 -32.97 35.39
C ILE D 212 -10.49 -33.64 34.04
N ALA D 213 -10.25 -32.91 32.95
CA ALA D 213 -10.48 -33.46 31.63
C ALA D 213 -9.51 -34.59 31.31
N LYS D 214 -8.27 -34.46 31.76
CA LYS D 214 -7.30 -35.51 31.49
C LYS D 214 -7.60 -36.78 32.29
N GLN D 215 -8.12 -36.62 33.52
CA GLN D 215 -8.51 -37.80 34.29
C GLN D 215 -9.65 -38.56 33.63
N HIS D 216 -10.48 -37.89 32.83
CA HIS D 216 -11.57 -38.54 32.11
C HIS D 216 -11.29 -38.73 30.63
N GLY D 217 -10.10 -38.38 30.16
CA GLY D 217 -9.79 -38.55 28.75
C GLY D 217 -10.62 -37.67 27.82
N ILE D 218 -10.89 -36.44 28.24
CA ILE D 218 -11.69 -35.52 27.43
C ILE D 218 -10.75 -34.51 26.78
N PHE D 219 -10.98 -34.24 25.49
CA PHE D 219 -10.19 -33.29 24.74
C PHE D 219 -10.59 -31.87 25.11
N VAL D 220 -9.61 -30.99 25.28
CA VAL D 220 -9.85 -29.59 25.66
C VAL D 220 -9.41 -28.69 24.52
N VAL D 221 -10.33 -27.84 24.06
CA VAL D 221 -10.05 -26.86 23.02
C VAL D 221 -10.13 -25.47 23.65
N MET D 222 -9.12 -24.65 23.41
CA MET D 222 -9.11 -23.27 23.91
C MET D 222 -9.65 -22.37 22.81
N ASP D 223 -10.87 -21.88 22.98
CA ASP D 223 -11.38 -20.85 22.09
C ASP D 223 -10.65 -19.54 22.40
N SER D 224 -9.77 -19.14 21.49
CA SER D 224 -8.71 -18.19 21.79
C SER D 224 -8.86 -16.85 21.08
N ALA D 225 -10.08 -16.48 20.68
CA ALA D 225 -10.28 -15.19 20.03
C ALA D 225 -9.68 -14.05 20.85
N ARG D 226 -9.87 -14.06 22.17
CA ARG D 226 -9.36 -12.98 23.00
C ARG D 226 -8.41 -13.48 24.08
N PHE D 227 -7.44 -14.31 23.70
CA PHE D 227 -6.51 -14.89 24.64
C PHE D 227 -5.52 -13.87 25.19
N CYS D 228 -5.24 -12.78 24.46
CA CYS D 228 -4.30 -11.79 24.96
C CYS D 228 -4.94 -10.91 26.01
N GLU D 229 -6.20 -10.57 25.83
CA GLU D 229 -6.92 -9.84 26.86
C GLU D 229 -7.08 -10.70 28.10
N ASN D 230 -7.25 -12.01 27.93
CA ASN D 230 -7.29 -12.90 29.09
C ASN D 230 -5.95 -12.92 29.80
N ALA D 231 -4.85 -12.95 29.04
CA ALA D 231 -3.52 -12.98 29.64
C ALA D 231 -3.21 -11.71 30.41
N TYR D 232 -3.62 -10.56 29.88
CA TYR D 232 -3.40 -9.31 30.61
C TYR D 232 -4.11 -9.33 31.95
N PHE D 233 -5.38 -9.77 31.95
CA PHE D 233 -6.13 -9.86 33.20
C PHE D 233 -5.46 -10.81 34.18
N ILE D 234 -4.92 -11.93 33.70
CA ILE D 234 -4.23 -12.85 34.59
C ILE D 234 -3.01 -12.18 35.22
N LYS D 235 -2.24 -11.43 34.43
CA LYS D 235 -1.12 -10.68 35.02
C LYS D 235 -1.61 -9.56 35.94
N ALA D 236 -2.74 -8.94 35.60
CA ALA D 236 -3.21 -7.81 36.37
C ALA D 236 -3.82 -8.20 37.71
N ARG D 237 -4.37 -9.41 37.82
CA ARG D 237 -5.18 -9.77 38.97
C ARG D 237 -4.67 -10.97 39.74
N ASP D 238 -3.74 -11.75 39.18
CA ASP D 238 -3.18 -12.91 39.86
C ASP D 238 -1.79 -12.57 40.36
N PRO D 239 -1.56 -12.57 41.68
CA PRO D 239 -0.22 -12.21 42.19
C PRO D 239 0.87 -13.18 41.76
N LYS D 240 0.53 -14.43 41.43
CA LYS D 240 1.54 -15.38 40.97
C LYS D 240 2.21 -14.92 39.69
N TYR D 241 1.48 -14.26 38.80
CA TYR D 241 2.01 -13.81 37.53
C TYR D 241 2.23 -12.30 37.49
N LYS D 242 2.29 -11.67 38.67
CA LYS D 242 2.42 -10.22 38.72
C LYS D 242 3.67 -9.74 37.98
N ASN D 243 4.74 -10.53 37.99
CA ASN D 243 6.01 -10.15 37.39
C ASN D 243 6.37 -11.01 36.18
N ALA D 244 5.40 -11.67 35.57
CA ALA D 244 5.63 -12.42 34.35
C ALA D 244 5.31 -11.55 33.14
N THR D 245 5.98 -11.83 32.02
CA THR D 245 5.60 -11.18 30.78
C THR D 245 4.30 -11.79 30.24
N ILE D 246 3.64 -11.05 29.35
CA ILE D 246 2.39 -11.52 28.76
C ILE D 246 2.61 -12.85 28.05
N LYS D 247 3.71 -12.98 27.31
CA LYS D 247 3.98 -14.23 26.60
C LYS D 247 4.19 -15.38 27.58
N GLU D 248 4.80 -15.11 28.73
CA GLU D 248 4.96 -16.16 29.74
C GLU D 248 3.60 -16.57 30.29
N VAL D 249 2.70 -15.60 30.47
CA VAL D 249 1.35 -15.92 30.88
C VAL D 249 0.65 -16.74 29.81
N ILE D 250 0.76 -16.31 28.55
CA ILE D 250 0.15 -17.05 27.45
C ILE D 250 0.69 -18.47 27.39
N PHE D 251 2.02 -18.61 27.50
CA PHE D 251 2.64 -19.93 27.41
C PHE D 251 2.10 -20.87 28.46
N ASP D 252 1.86 -20.37 29.68
CA ASP D 252 1.29 -21.23 30.72
C ASP D 252 -0.17 -21.58 30.42
N MET D 253 -0.94 -20.63 29.89
CA MET D 253 -2.35 -20.88 29.58
C MET D 253 -2.53 -22.10 28.68
N TYR D 254 -1.67 -22.27 27.68
CA TYR D 254 -1.87 -23.31 26.68
C TYR D 254 -1.25 -24.65 27.09
N LYS D 255 -0.64 -24.72 28.27
CA LYS D 255 -0.39 -26.00 28.92
C LYS D 255 -1.69 -26.68 29.32
N TYR D 256 -2.81 -25.94 29.37
CA TYR D 256 -4.08 -26.46 29.86
C TYR D 256 -5.12 -26.57 28.74
N ALA D 257 -4.65 -26.91 27.54
CA ALA D 257 -5.53 -27.26 26.44
C ALA D 257 -4.78 -28.21 25.51
N ASP D 258 -5.54 -28.90 24.65
CA ASP D 258 -4.98 -29.80 23.66
C ASP D 258 -4.97 -29.23 22.26
N ALA D 259 -5.75 -28.19 22.02
CA ALA D 259 -5.86 -27.54 20.73
C ALA D 259 -6.51 -26.19 20.96
N LEU D 260 -6.50 -25.36 19.91
CA LEU D 260 -7.13 -24.07 19.99
C LEU D 260 -7.84 -23.77 18.67
N THR D 261 -8.96 -23.08 18.78
CA THR D 261 -9.56 -22.39 17.65
C THR D 261 -9.48 -20.90 17.94
N MET D 262 -9.10 -20.12 16.93
CA MET D 262 -8.86 -18.71 17.15
C MET D 262 -9.43 -17.90 16.00
N SER D 263 -10.21 -16.87 16.34
CA SER D 263 -10.51 -15.80 15.40
C SER D 263 -9.40 -14.77 15.51
N ALA D 264 -8.59 -14.67 14.47
CA ALA D 264 -7.56 -13.63 14.45
C ALA D 264 -8.15 -12.25 14.18
N LYS D 265 -9.46 -12.16 13.98
CA LYS D 265 -10.14 -10.90 13.75
C LYS D 265 -10.33 -10.11 15.05
N ASP D 267 -8.05 -10.41 18.90
CA ASP D 267 -6.80 -9.98 19.53
C ASP D 267 -5.56 -9.92 18.61
N PRO D 268 -5.43 -10.83 17.63
CA PRO D 268 -4.33 -10.69 16.66
C PRO D 268 -4.43 -9.47 15.75
N LEU D 269 -5.44 -8.63 15.92
CA LEU D 269 -5.47 -7.29 15.30
C LEU D 269 -5.58 -7.35 13.79
N LEU D 270 -6.42 -8.23 13.27
CA LEU D 270 -6.60 -8.39 11.85
C LEU D 270 -8.01 -7.99 11.44
N ASN D 271 -8.21 -7.90 10.13
CA ASN D 271 -9.51 -7.66 9.54
C ASN D 271 -10.17 -8.94 9.07
N ILE D 272 -9.39 -10.02 8.99
CA ILE D 272 -9.87 -11.31 8.55
C ILE D 272 -8.85 -12.32 9.05
N GLY D 273 -9.26 -13.58 9.13
CA GLY D 273 -8.31 -14.62 9.47
C GLY D 273 -8.69 -15.46 10.66
N GLY D 274 -8.25 -16.71 10.64
CA GLY D 274 -8.51 -17.65 11.70
C GLY D 274 -7.37 -18.65 11.77
N LEU D 275 -7.43 -19.51 12.79
CA LEU D 275 -6.34 -20.44 13.04
C LEU D 275 -6.83 -21.63 13.85
N VAL D 276 -6.43 -22.83 13.46
CA VAL D 276 -6.47 -24.01 14.31
C VAL D 276 -5.03 -24.36 14.65
N ALA D 277 -4.76 -24.60 15.92
CA ALA D 277 -3.47 -25.15 16.31
C ALA D 277 -3.74 -26.36 17.20
N ILE D 278 -2.92 -27.38 17.05
CA ILE D 278 -3.06 -28.62 17.79
C ILE D 278 -1.74 -28.92 18.48
N ARG D 279 -1.82 -29.27 19.77
CA ARG D 279 -0.63 -29.41 20.60
C ARG D 279 0.28 -30.52 20.10
N ASP D 280 -0.21 -31.76 20.09
CA ASP D 280 0.65 -32.88 19.68
C ASP D 280 -0.10 -34.08 19.13
N ASN D 281 -1.42 -34.06 19.06
CA ASN D 281 -2.20 -35.20 18.56
C ASN D 281 -2.17 -35.18 17.03
N GLU D 282 -1.27 -35.97 16.43
CA GLU D 282 -1.12 -35.93 14.98
C GLU D 282 -2.33 -36.49 14.26
N GLU D 283 -3.07 -37.43 14.86
CA GLU D 283 -4.23 -38.01 14.18
C GLU D 283 -5.33 -36.97 14.01
N ILE D 284 -5.63 -36.20 15.07
CA ILE D 284 -6.63 -35.14 14.97
C ILE D 284 -6.20 -34.11 13.93
N PHE D 285 -4.89 -33.81 13.88
CA PHE D 285 -4.37 -32.88 12.89
C PHE D 285 -4.59 -33.39 11.46
N THR D 286 -4.34 -34.68 11.24
CA THR D 286 -4.54 -35.23 9.90
C THR D 286 -6.00 -35.20 9.49
N LEU D 287 -6.90 -35.52 10.42
CA LEU D 287 -8.32 -35.48 10.10
C LEU D 287 -8.79 -34.05 9.85
N ALA D 288 -8.29 -33.10 10.63
CA ALA D 288 -8.67 -31.71 10.42
C ALA D 288 -8.15 -31.19 9.09
N ARG D 289 -6.98 -31.67 8.63
CA ARG D 289 -6.50 -31.32 7.30
C ARG D 289 -7.41 -31.89 6.21
N GLN D 290 -7.90 -33.12 6.39
CA GLN D 290 -8.78 -33.69 5.38
C GLN D 290 -10.05 -32.89 5.25
N ARG D 291 -10.59 -32.39 6.37
CA ARG D 291 -11.78 -31.58 6.29
C ARG D 291 -11.47 -30.16 5.82
N CYS D 292 -10.26 -29.66 6.13
CA CYS D 292 -9.90 -28.31 5.73
C CYS D 292 -9.98 -28.12 4.21
N VAL D 293 -9.56 -29.12 3.46
CA VAL D 293 -9.41 -28.99 2.01
C VAL D 293 -10.73 -28.65 1.33
N PRO D 294 -11.81 -29.43 1.47
CA PRO D 294 -13.06 -29.03 0.80
C PRO D 294 -13.72 -27.81 1.43
N MET D 295 -13.51 -27.57 2.72
CA MET D 295 -14.25 -26.55 3.45
C MET D 295 -13.60 -25.17 3.35
N GLU D 296 -12.29 -25.09 3.46
CA GLU D 296 -11.56 -23.83 3.53
C GLU D 296 -10.59 -23.64 2.39
N GLY D 297 -9.85 -24.67 2.04
CA GLY D 297 -8.83 -24.56 1.03
C GLY D 297 -7.69 -25.50 1.34
N PHE D 298 -6.66 -25.43 0.50
CA PHE D 298 -5.49 -26.27 0.74
C PHE D 298 -4.86 -25.92 2.08
N VAL D 299 -4.12 -26.89 2.63
CA VAL D 299 -3.71 -26.85 4.04
C VAL D 299 -2.62 -25.83 4.34
N THR D 300 -1.97 -25.25 3.34
CA THR D 300 -0.96 -24.23 3.61
C THR D 300 -1.48 -22.81 3.44
N TYR D 301 -2.78 -22.61 3.24
CA TYR D 301 -3.37 -21.28 3.31
C TYR D 301 -4.77 -21.25 3.91
N GLY D 302 -5.55 -22.33 3.85
CA GLY D 302 -6.80 -22.45 4.60
C GLY D 302 -7.82 -21.35 4.36
N GLY D 303 -8.03 -20.96 3.11
CA GLY D 303 -8.97 -19.90 2.85
C GLY D 303 -8.49 -18.50 3.18
N LEU D 304 -7.18 -18.33 3.36
CA LEU D 304 -6.56 -17.02 3.56
C LEU D 304 -5.64 -16.71 2.40
N ALA D 305 -5.60 -15.43 2.00
CA ALA D 305 -4.50 -14.97 1.16
C ALA D 305 -3.20 -15.02 1.94
N GLY D 306 -2.09 -15.23 1.22
CA GLY D 306 -0.78 -15.18 1.85
C GLY D 306 -0.54 -13.89 2.63
N ARG D 307 -0.99 -12.75 2.09
CA ARG D 307 -0.81 -11.48 2.78
C ARG D 307 -1.50 -11.48 4.14
N ASP D 308 -2.59 -12.23 4.27
CA ASP D 308 -3.30 -12.25 5.54
C ASP D 308 -2.62 -13.16 6.56
N MET D 309 -2.00 -14.26 6.13
CA MET D 309 -1.15 -15.04 7.03
C MET D 309 0.06 -14.22 7.47
N ALA D 310 0.64 -13.42 6.56
CA ALA D 310 1.75 -12.55 6.92
C ALA D 310 1.33 -11.54 7.99
N ALA D 311 0.17 -10.91 7.80
CA ALA D 311 -0.31 -9.97 8.81
C ALA D 311 -0.61 -10.68 10.12
N MET D 312 -1.05 -11.94 10.05
CA MET D 312 -1.38 -12.66 11.28
C MET D 312 -0.13 -12.93 12.11
N VAL D 313 0.98 -13.26 11.44
CA VAL D 313 2.24 -13.47 12.16
C VAL D 313 2.61 -12.21 12.92
N GLN D 314 2.55 -11.06 12.24
CA GLN D 314 2.91 -9.81 12.86
C GLN D 314 1.91 -9.42 13.94
N GLY D 315 0.61 -9.63 13.67
CA GLY D 315 -0.42 -9.27 14.62
C GLY D 315 -0.41 -10.12 15.89
N LEU D 316 -0.05 -11.39 15.79
CA LEU D 316 0.07 -12.22 16.99
C LEU D 316 1.12 -11.63 17.93
N GLU D 317 2.20 -11.10 17.38
CA GLU D 317 3.22 -10.47 18.21
C GLU D 317 2.71 -9.18 18.81
N GLU D 318 2.13 -8.30 17.99
CA GLU D 318 1.66 -7.01 18.48
C GLU D 318 0.53 -7.18 19.49
N GLY D 319 -0.30 -8.21 19.33
CA GLY D 319 -1.42 -8.42 20.24
C GLY D 319 -1.02 -8.82 21.64
N THR D 320 0.22 -9.27 21.82
CA THR D 320 0.73 -9.66 23.13
C THR D 320 1.46 -8.54 23.87
N GLU D 321 1.57 -7.35 23.28
CA GLU D 321 2.38 -6.29 23.86
C GLU D 321 1.64 -5.65 25.03
N GLU D 322 2.24 -5.73 26.22
CA GLU D 322 1.56 -5.31 27.44
C GLU D 322 1.18 -3.83 27.38
N GLU D 323 2.07 -2.99 26.85
CA GLU D 323 1.78 -1.56 26.78
C GLU D 323 0.52 -1.33 25.95
N TYR D 324 0.37 -2.06 24.84
CA TYR D 324 -0.85 -1.96 24.05
C TYR D 324 -2.05 -2.52 24.81
N LEU D 325 -1.89 -3.68 25.46
CA LEU D 325 -3.02 -4.27 26.18
C LEU D 325 -3.48 -3.38 27.31
N HIS D 326 -2.53 -2.77 28.03
CA HIS D 326 -2.89 -1.84 29.10
C HIS D 326 -3.73 -0.69 28.56
N TYR D 327 -3.34 -0.12 27.40
CA TYR D 327 -4.09 0.96 26.78
C TYR D 327 -5.46 0.48 26.30
N ARG D 328 -5.50 -0.69 25.64
CA ARG D 328 -6.73 -1.19 25.05
C ARG D 328 -7.77 -1.45 26.13
N ILE D 329 -7.42 -2.29 27.10
CA ILE D 329 -8.36 -2.63 28.16
C ILE D 329 -8.66 -1.41 29.02
N GLY D 330 -7.68 -0.51 29.18
CA GLY D 330 -7.92 0.73 29.90
C GLY D 330 -8.90 1.66 29.20
N GLN D 331 -8.88 1.67 27.87
CA GLN D 331 -9.86 2.48 27.14
C GLN D 331 -11.27 1.96 27.34
N VAL D 332 -11.44 0.64 27.36
CA VAL D 332 -12.75 0.04 27.65
C VAL D 332 -13.18 0.37 29.08
N LYS D 333 -12.25 0.30 30.03
CA LYS D 333 -12.57 0.64 31.40
C LYS D 333 -12.96 2.12 31.55
N TYR D 334 -12.30 3.00 30.78
CA TYR D 334 -12.61 4.43 30.83
C TYR D 334 -14.03 4.71 30.38
N LEU D 335 -14.47 4.06 29.30
CA LEU D 335 -15.85 4.22 28.86
C LEU D 335 -16.82 3.71 29.94
N GLY D 336 -16.50 2.58 30.55
CA GLY D 336 -17.33 2.09 31.64
C GLY D 336 -17.36 3.05 32.82
N ASP D 337 -16.20 3.61 33.17
CA ASP D 337 -16.13 4.53 34.29
C ASP D 337 -16.85 5.85 34.02
N ARG D 338 -16.85 6.33 32.77
CA ARG D 338 -17.67 7.50 32.46
C ARG D 338 -19.14 7.22 32.75
N LEU D 339 -19.62 6.03 32.35
CA LEU D 339 -21.03 5.71 32.54
C LEU D 339 -21.35 5.49 34.01
N ARG D 340 -20.47 4.81 34.75
CA ARG D 340 -20.72 4.58 36.17
C ARG D 340 -20.78 5.90 36.95
N GLU D 341 -19.88 6.83 36.63
CA GLU D 341 -19.85 8.12 37.33
C GLU D 341 -21.08 8.96 37.03
N ALA D 342 -21.81 8.64 35.95
CA ALA D 342 -23.07 9.32 35.65
C ALA D 342 -24.29 8.55 36.13
N GLY D 343 -24.09 7.45 36.85
CA GLY D 343 -25.22 6.67 37.34
C GLY D 343 -25.80 5.67 36.36
N ILE D 344 -25.15 5.45 35.22
CA ILE D 344 -25.62 4.46 34.23
C ILE D 344 -25.17 3.08 34.69
N PRO D 345 -26.08 2.12 34.85
CA PRO D 345 -25.67 0.78 35.36
C PRO D 345 -25.03 -0.06 34.26
N ILE D 346 -23.87 -0.64 34.58
CA ILE D 346 -23.15 -1.50 33.65
C ILE D 346 -22.73 -2.76 34.38
N GLN D 347 -22.33 -3.76 33.60
CA GLN D 347 -21.64 -4.90 34.17
C GLN D 347 -20.26 -4.46 34.64
N TYR D 348 -19.89 -4.86 35.85
CA TYR D 348 -18.68 -4.41 36.50
C TYR D 348 -17.94 -5.62 37.07
N PRO D 349 -16.62 -5.74 36.86
CA PRO D 349 -15.77 -4.82 36.10
C PRO D 349 -15.97 -4.98 34.59
N THR D 350 -15.58 -3.97 33.83
CA THR D 350 -15.65 -4.08 32.38
C THR D 350 -14.72 -5.20 31.89
N GLY D 351 -15.18 -5.92 30.88
CA GLY D 351 -14.39 -6.95 30.26
C GLY D 351 -13.30 -6.35 29.38
N GLY D 352 -12.70 -7.23 28.56
CA GLY D 352 -11.56 -6.83 27.76
C GLY D 352 -11.90 -6.04 26.51
N HIS D 353 -13.13 -6.16 26.01
CA HIS D 353 -13.43 -5.66 24.67
C HIS D 353 -14.72 -4.88 24.54
N ALA D 354 -15.56 -4.80 25.58
CA ALA D 354 -16.88 -4.19 25.44
C ALA D 354 -17.42 -3.76 26.80
N VAL D 355 -18.29 -2.75 26.77
CA VAL D 355 -19.08 -2.33 27.91
C VAL D 355 -20.53 -2.75 27.68
N PHE D 356 -21.16 -3.28 28.74
CA PHE D 356 -22.55 -3.72 28.67
C PHE D 356 -23.39 -2.84 29.60
N VAL D 357 -24.41 -2.19 29.04
CA VAL D 357 -25.28 -1.28 29.77
C VAL D 357 -26.62 -1.97 30.00
N ASP D 358 -27.03 -2.06 31.28
CA ASP D 358 -28.34 -2.62 31.64
C ASP D 358 -29.41 -1.60 31.29
N CYS D 359 -30.12 -1.82 30.19
CA CYS D 359 -31.13 -0.87 29.74
C CYS D 359 -32.46 -0.99 30.47
N LYS D 360 -32.77 -2.14 31.05
CA LYS D 360 -34.05 -2.25 31.78
C LYS D 360 -34.13 -1.21 32.90
N LYS D 361 -33.00 -0.89 33.53
CA LYS D 361 -32.99 0.13 34.58
C LYS D 361 -33.05 1.55 34.05
N LEU D 362 -32.73 1.77 32.77
CA LEU D 362 -32.81 3.10 32.18
C LEU D 362 -34.20 3.40 31.64
N VAL D 363 -34.89 2.39 31.11
CA VAL D 363 -36.24 2.56 30.59
C VAL D 363 -37.13 1.48 31.21
N PRO D 364 -37.45 1.57 32.51
CA PRO D 364 -38.27 0.53 33.13
C PRO D 364 -39.68 0.47 32.59
N GLN D 365 -40.18 1.56 32.00
CA GLN D 365 -41.53 1.58 31.44
C GLN D 365 -41.66 0.76 30.16
N ILE D 366 -40.57 0.20 29.64
CA ILE D 366 -40.62 -0.60 28.43
C ILE D 366 -40.43 -2.06 28.83
N PRO D 367 -41.45 -2.90 28.67
CA PRO D 367 -41.32 -4.31 29.06
C PRO D 367 -40.38 -5.07 28.13
N GLY D 368 -40.01 -6.27 28.58
CA GLY D 368 -39.02 -7.05 27.85
C GLY D 368 -39.46 -7.41 26.44
N ASP D 369 -40.75 -7.70 26.25
CA ASP D 369 -41.24 -8.04 24.92
C ASP D 369 -41.28 -6.87 23.95
N GLN D 370 -41.02 -5.64 24.42
CA GLN D 370 -40.92 -4.48 23.54
C GLN D 370 -39.48 -4.02 23.33
N PHE D 371 -38.49 -4.80 23.77
CA PHE D 371 -37.07 -4.61 23.48
C PHE D 371 -36.57 -3.28 24.05
N PRO D 372 -36.46 -3.16 25.38
CA PRO D 372 -36.02 -1.88 25.95
C PRO D 372 -34.62 -1.48 25.53
N ALA D 373 -33.70 -2.44 25.45
CA ALA D 373 -32.33 -2.12 25.04
C ALA D 373 -32.29 -1.64 23.60
N GLN D 374 -33.10 -2.23 22.72
CA GLN D 374 -33.15 -1.76 21.35
C GLN D 374 -33.68 -0.34 21.26
N ALA D 375 -34.62 0.03 22.15
CA ALA D 375 -35.11 1.39 22.20
C ALA D 375 -34.01 2.37 22.62
N VAL D 376 -33.15 1.96 23.56
CA VAL D 376 -32.05 2.83 23.95
C VAL D 376 -31.04 2.95 22.83
N ILE D 377 -30.78 1.84 22.14
CA ILE D 377 -29.83 1.83 21.04
C ILE D 377 -30.28 2.77 19.94
N ASN D 378 -31.55 2.67 19.53
CA ASN D 378 -32.06 3.52 18.47
C ASN D 378 -31.98 4.99 18.87
N ALA D 379 -32.35 5.31 20.10
CA ALA D 379 -32.24 6.69 20.59
C ALA D 379 -30.78 7.14 20.60
N LEU D 380 -29.89 6.26 21.04
CA LEU D 380 -28.46 6.59 21.04
C LEU D 380 -27.98 6.88 19.63
N TYR D 381 -28.42 6.09 18.64
CA TYR D 381 -28.02 6.35 17.27
C TYR D 381 -28.57 7.69 16.78
N LEU D 382 -29.83 7.97 17.06
CA LEU D 382 -30.45 9.21 16.61
C LEU D 382 -29.82 10.44 17.28
N GLU D 383 -29.31 10.28 18.49
CA GLU D 383 -28.68 11.39 19.19
C GLU D 383 -27.25 11.64 18.77
N SER D 384 -26.56 10.63 18.23
CA SER D 384 -25.11 10.73 18.08
C SER D 384 -24.54 10.09 16.83
N GLY D 385 -25.26 9.21 16.15
CA GLY D 385 -24.65 8.43 15.09
C GLY D 385 -23.86 7.22 15.56
N VAL D 386 -23.90 6.90 16.84
CA VAL D 386 -23.25 5.70 17.36
C VAL D 386 -24.17 4.50 17.13
N ARG D 387 -23.61 3.41 16.62
CA ARG D 387 -24.36 2.17 16.39
C ARG D 387 -23.87 1.13 17.39
N ALA D 388 -24.78 0.66 18.22
CA ALA D 388 -24.51 -0.39 19.20
C ALA D 388 -25.39 -1.60 18.89
N VAL D 389 -25.21 -2.67 19.66
CA VAL D 389 -25.90 -3.93 19.39
C VAL D 389 -26.62 -4.39 20.65
N GLU D 390 -27.76 -5.04 20.45
CA GLU D 390 -28.63 -5.44 21.54
C GLU D 390 -28.31 -6.86 22.00
N ILE D 391 -28.12 -7.01 23.31
CA ILE D 391 -28.00 -8.33 23.93
C ILE D 391 -29.13 -8.49 24.93
N GLY D 392 -30.31 -8.86 24.44
CA GLY D 392 -31.47 -8.96 25.30
C GLY D 392 -32.59 -9.77 24.69
N SER D 393 -33.83 -9.33 24.89
CA SER D 393 -34.98 -10.10 24.42
C SER D 393 -35.01 -10.18 22.90
N PHE D 394 -34.62 -9.09 22.22
CA PHE D 394 -34.60 -9.07 20.76
C PHE D 394 -33.68 -10.17 20.22
N LEU D 395 -32.49 -10.30 20.80
CA LEU D 395 -31.54 -11.35 20.38
C LEU D 395 -32.00 -12.73 20.82
N LEU D 396 -32.60 -12.84 22.02
CA LEU D 396 -32.89 -14.15 22.58
C LEU D 396 -33.89 -14.92 21.73
N GLY D 397 -34.85 -14.24 21.11
CA GLY D 397 -35.78 -14.87 20.21
C GLY D 397 -36.95 -15.53 20.92
N ARG D 398 -37.74 -16.28 20.15
CA ARG D 398 -38.93 -16.93 20.64
C ARG D 398 -38.65 -18.38 21.01
N ASP D 399 -39.44 -18.90 21.93
CA ASP D 399 -39.37 -20.31 22.29
C ASP D 399 -39.87 -21.14 21.10
N PRO D 400 -39.08 -22.10 20.59
CA PRO D 400 -39.52 -22.82 19.38
C PRO D 400 -40.75 -23.68 19.60
N ALA D 401 -40.98 -24.17 20.83
CA ALA D 401 -42.13 -25.02 21.10
C ALA D 401 -43.41 -24.20 21.19
N THR D 402 -43.35 -23.00 21.79
CA THR D 402 -44.53 -22.18 22.02
C THR D 402 -44.67 -21.04 21.02
N GLY D 403 -43.56 -20.50 20.52
CA GLY D 403 -43.58 -19.36 19.63
C GLY D 403 -43.76 -18.01 20.31
N GLU D 404 -43.64 -17.94 21.63
CA GLU D 404 -43.74 -16.70 22.37
C GLU D 404 -42.35 -16.20 22.74
N GLN D 405 -42.24 -14.89 22.96
CA GLN D 405 -40.96 -14.28 23.31
C GLN D 405 -40.40 -14.88 24.60
N LYS D 406 -39.20 -15.46 24.50
CA LYS D 406 -38.49 -15.97 25.66
C LYS D 406 -38.13 -14.81 26.60
N HIS D 407 -38.19 -15.07 27.90
CA HIS D 407 -37.90 -14.04 28.88
C HIS D 407 -36.40 -13.96 29.12
N ALA D 408 -35.84 -12.78 28.89
CA ALA D 408 -34.42 -12.53 29.08
C ALA D 408 -34.16 -12.03 30.49
N ASP D 409 -33.14 -12.62 31.14
CA ASP D 409 -32.77 -12.16 32.48
C ASP D 409 -32.27 -10.72 32.47
N MET D 410 -31.51 -10.33 31.44
CA MET D 410 -30.96 -8.98 31.34
C MET D 410 -31.25 -8.41 29.96
N GLU D 411 -31.42 -7.08 29.91
CA GLU D 411 -31.61 -6.33 28.67
C GLU D 411 -30.40 -5.41 28.52
N PHE D 412 -29.34 -5.92 27.91
CA PHE D 412 -28.07 -5.23 27.79
C PHE D 412 -27.94 -4.55 26.43
N MET D 413 -27.32 -3.37 26.44
CA MET D 413 -26.78 -2.76 25.23
C MET D 413 -25.27 -2.96 25.23
N ARG D 414 -24.75 -3.60 24.19
CA ARG D 414 -23.32 -3.88 24.12
C ARG D 414 -22.61 -2.79 23.33
N LEU D 415 -21.60 -2.20 23.95
CA LEU D 415 -20.73 -1.23 23.31
C LEU D 415 -19.38 -1.93 23.08
N THR D 416 -19.21 -2.47 21.88
CA THR D 416 -18.04 -3.27 21.53
C THR D 416 -17.01 -2.35 20.91
N ILE D 417 -15.78 -2.40 21.40
CA ILE D 417 -14.75 -1.45 21.04
C ILE D 417 -13.71 -2.13 20.18
N ALA D 418 -13.56 -1.66 18.95
CA ALA D 418 -12.48 -2.10 18.07
C ALA D 418 -11.12 -1.67 18.63
N ARG D 419 -10.07 -2.34 18.16
CA ARG D 419 -8.72 -2.14 18.68
C ARG D 419 -7.99 -1.08 17.87
N ARG D 420 -7.50 -0.05 18.57
CA ARG D 420 -6.65 1.00 18.03
C ARG D 420 -7.37 1.82 16.97
N VAL D 421 -8.69 1.92 17.07
CA VAL D 421 -9.51 2.60 16.08
C VAL D 421 -10.04 3.93 16.61
N TYR D 422 -10.51 3.94 17.84
CA TYR D 422 -11.17 5.11 18.42
C TYR D 422 -10.32 5.64 19.56
N THR D 423 -10.38 6.96 19.75
CA THR D 423 -9.66 7.61 20.84
C THR D 423 -10.56 7.73 22.07
N ASN D 424 -9.94 8.10 23.19
CA ASN D 424 -10.74 8.35 24.38
C ASN D 424 -11.71 9.51 24.19
N ASP D 425 -11.44 10.41 23.24
CA ASP D 425 -12.42 11.44 22.90
C ASP D 425 -13.64 10.84 22.21
N HIS D 426 -13.46 9.79 21.40
CA HIS D 426 -14.60 9.05 20.89
C HIS D 426 -15.36 8.37 22.03
N MET D 427 -14.64 7.89 23.04
CA MET D 427 -15.31 7.32 24.21
C MET D 427 -16.16 8.38 24.91
N ASP D 428 -15.60 9.58 25.10
CA ASP D 428 -16.39 10.67 25.70
C ASP D 428 -17.62 10.97 24.85
N TYR D 429 -17.46 10.99 23.52
CA TYR D 429 -18.59 11.26 22.65
C TYR D 429 -19.70 10.21 22.84
N ILE D 430 -19.31 8.94 22.99
CA ILE D 430 -20.29 7.89 23.23
C ILE D 430 -20.95 8.08 24.60
N ALA D 431 -20.14 8.25 25.64
CA ALA D 431 -20.67 8.42 26.99
C ALA D 431 -21.54 9.68 27.08
N ASP D 432 -21.04 10.81 26.58
CA ASP D 432 -21.78 12.06 26.68
C ASP D 432 -23.09 11.99 25.92
N ALA D 433 -23.16 11.21 24.84
CA ALA D 433 -24.41 11.05 24.12
C ALA D 433 -25.43 10.28 24.95
N LEU D 434 -24.99 9.17 25.57
CA LEU D 434 -25.88 8.37 26.40
C LEU D 434 -26.26 9.12 27.68
N ILE D 435 -25.31 9.83 28.28
CA ILE D 435 -25.60 10.60 29.50
C ILE D 435 -26.59 11.72 29.20
N GLY D 436 -26.48 12.35 28.04
CA GLY D 436 -27.42 13.39 27.62
C GLY D 436 -28.83 12.89 27.35
N LEU D 437 -29.04 11.57 27.32
CA LEU D 437 -30.36 10.97 27.11
C LEU D 437 -31.16 10.79 28.38
N LYS D 438 -30.62 11.22 29.53
CA LYS D 438 -31.24 10.90 30.82
C LYS D 438 -32.67 11.44 30.92
N GLU D 439 -32.90 12.66 30.42
CA GLU D 439 -34.23 13.22 30.46
C GLU D 439 -35.18 12.64 29.41
N LYS D 440 -34.66 11.95 28.39
CA LYS D 440 -35.48 11.37 27.34
C LYS D 440 -35.78 9.89 27.60
N PHE D 441 -35.09 9.28 28.57
CA PHE D 441 -35.27 7.85 28.83
C PHE D 441 -36.69 7.55 29.29
N ALA D 442 -37.25 8.37 30.18
CA ALA D 442 -38.59 8.12 30.70
C ALA D 442 -39.68 8.27 29.65
N THR D 443 -39.39 9.00 28.58
CA THR D 443 -40.37 9.23 27.51
C THR D 443 -40.24 8.23 26.37
N LEU D 444 -39.27 7.32 26.44
CA LEU D 444 -39.03 6.40 25.33
C LEU D 444 -40.16 5.37 25.22
N LYS D 445 -40.50 5.02 23.99
CA LYS D 445 -41.50 4.03 23.67
C LYS D 445 -40.84 2.75 23.22
N GLY D 446 -41.53 1.63 23.40
CA GLY D 446 -41.03 0.35 22.97
C GLY D 446 -41.06 0.21 21.45
N LEU D 447 -40.79 -1.01 21.01
CA LEU D 447 -40.75 -1.33 19.59
C LEU D 447 -41.55 -2.60 19.35
N GLU D 448 -42.19 -2.66 18.19
CA GLU D 448 -42.91 -3.85 17.77
C GLU D 448 -42.49 -4.22 16.36
N PHE D 449 -42.81 -5.45 15.95
CA PHE D 449 -42.36 -5.95 14.67
C PHE D 449 -43.20 -5.35 13.54
N GLU D 450 -42.51 -4.88 12.51
CA GLU D 450 -43.11 -4.57 11.21
C GLU D 450 -42.99 -5.75 10.26
N TYR D 451 -41.83 -6.42 10.30
CA TYR D 451 -41.57 -7.65 9.57
C TYR D 451 -40.66 -8.51 10.44
N GLU D 452 -41.01 -9.78 10.61
CA GLU D 452 -40.23 -10.68 11.47
C GLU D 452 -39.92 -11.95 10.71
N PRO D 453 -38.65 -12.27 10.48
CA PRO D 453 -38.27 -13.53 9.81
C PRO D 453 -38.30 -14.70 10.77
N PRO D 454 -38.31 -15.93 10.25
CA PRO D 454 -38.37 -17.10 11.15
C PRO D 454 -37.09 -17.37 11.91
N VAL D 455 -35.92 -17.16 11.31
CA VAL D 455 -34.65 -17.45 11.96
C VAL D 455 -33.75 -16.22 11.90
N LEU D 456 -32.94 -16.05 12.96
CA LEU D 456 -31.97 -14.95 13.07
C LEU D 456 -32.63 -13.60 12.81
N ARG D 457 -33.74 -13.36 13.52
CA ARG D 457 -34.55 -12.17 13.29
C ARG D 457 -33.77 -10.88 13.57
N HIS D 458 -32.96 -10.89 14.64
CA HIS D 458 -32.25 -9.70 15.06
C HIS D 458 -31.32 -9.14 13.98
N PHE D 459 -30.96 -9.93 12.99
CA PHE D 459 -30.15 -9.43 11.89
C PHE D 459 -30.96 -8.62 10.89
N THR D 460 -32.18 -9.07 10.57
CA THR D 460 -32.93 -8.52 9.45
C THR D 460 -34.35 -8.07 9.79
N ALA D 461 -34.82 -8.25 11.03
CA ALA D 461 -36.17 -7.84 11.38
C ALA D 461 -36.32 -6.32 11.27
N ARG D 462 -37.50 -5.90 10.83
CA ARG D 462 -37.84 -4.49 10.78
C ARG D 462 -38.81 -4.17 11.91
N LEU D 463 -38.50 -3.12 12.67
CA LEU D 463 -39.28 -2.72 13.82
C LEU D 463 -39.96 -1.38 13.55
N LYS D 464 -40.90 -1.03 14.43
CA LYS D 464 -41.54 0.28 14.43
C LYS D 464 -41.76 0.69 15.88
N PRO D 465 -41.66 1.99 16.17
CA PRO D 465 -41.91 2.43 17.54
C PRO D 465 -43.36 2.23 17.91
N ILE D 466 -43.59 1.75 19.13
CA ILE D 466 -44.97 1.62 19.60
C ILE D 466 -45.37 2.98 20.14
N GLU D 467 -46.02 3.78 19.29
CA GLU D 467 -46.45 5.13 19.62
C GLU D 467 -47.23 5.72 18.46
#